data_6LEG
#
_entry.id   6LEG
#
_cell.length_a   207.527
_cell.length_b   75.926
_cell.length_c   168.281
_cell.angle_alpha   90.000
_cell.angle_beta   96.790
_cell.angle_gamma   90.000
#
_symmetry.space_group_name_H-M   'C 1 2 1'
#
loop_
_entity.id
_entity.type
_entity.pdbx_description
1 polymer Beta-D-glucuronidase
2 non-polymer '(3S,4R,5R)-4,5-dihydroxypiperidine-3-carboxylic acid'
3 water water
#
_entity_poly.entity_id   1
_entity_poly.type   'polypeptide(L)'
_entity_poly.pdbx_seq_one_letter_code
;HMLRPVETPTREIKKLDGLWAFSLDRENCGIDQRWWESALQESRAIAVPGSFNDQFADADIRNYAGNVWYQREVFIPKGW
AGQRIVLRFDAVTHYGKVWVNNQEVMEHQGGYTPFEADVTPYVIAGKSVRITVCVNNELNWQTIPPGMVITDENGKKKQS
YFHDFFNYAGIHRSVMLYTTPNTWVDDITVVTHVAQDCNHASVDWQVVANGDVSVELRDADQQVVATGQGTSGTLQVVNP
HLWQPGEGYLYELCVTAKSQTECDIYPLRVGIRSVAVKGEQFLINHKPFYFTGFGRHEDADLRGKGFDNVLMVHDHALMD
WIGANSYRTSHYPYAEEMLDWADEHGIVVIDETAAVGFNLSLGIGFEAGNKPKELYSEEAVNGETQQAHLQAIKELIARD
KNHPSVVMWSIANEPDTRPQGAREYFAPLAEATRKLDPTRPITCVNVMFCDAHTDTISDLFDVLCLNRYYGWYVQSGDLE
TAEKVLEKELLAWQEKLHQPIIITEYGVDTLAGLHSMYTDMWSEEYQCAWLDMYHRVFDRVSAVVGEQVWNFADFATSQG
ILRVGGNKKGIFTRDRKPKSAAFLLQKRWTGMNFGEKPQQGGKQ
;
_entity_poly.pdbx_strand_id   A,B,C,D
#
# COMPACT_ATOMS: atom_id res chain seq x y z
N HIS A 1 -27.90 -8.21 -40.39
CA HIS A 1 -29.04 -7.60 -39.70
C HIS A 1 -29.03 -7.96 -38.22
N MET A 2 -28.99 -6.94 -37.37
CA MET A 2 -28.90 -7.12 -35.94
C MET A 2 -30.02 -6.33 -35.27
N LEU A 3 -30.72 -6.97 -34.33
CA LEU A 3 -31.60 -6.30 -33.40
C LEU A 3 -31.29 -6.86 -32.02
N ARG A 4 -31.31 -6.01 -31.00
CA ARG A 4 -31.16 -6.58 -29.67
C ARG A 4 -32.39 -7.44 -29.37
N PRO A 5 -32.21 -8.68 -28.98
CA PRO A 5 -33.37 -9.50 -28.57
C PRO A 5 -34.07 -8.89 -27.37
N VAL A 6 -35.40 -8.80 -27.44
CA VAL A 6 -36.22 -8.31 -26.34
C VAL A 6 -37.49 -9.15 -26.25
N GLU A 7 -38.03 -9.26 -25.04
CA GLU A 7 -39.17 -10.14 -24.76
C GLU A 7 -40.48 -9.40 -24.99
N THR A 8 -41.24 -9.86 -25.98
CA THR A 8 -42.62 -9.44 -26.20
C THR A 8 -43.44 -10.73 -26.16
N PRO A 9 -44.58 -10.86 -26.85
CA PRO A 9 -45.10 -12.22 -27.12
C PRO A 9 -44.09 -13.25 -27.67
N THR A 10 -42.81 -12.92 -27.79
CA THR A 10 -41.71 -13.83 -28.12
C THR A 10 -40.69 -13.86 -26.98
N ARG A 11 -39.90 -14.95 -26.89
CA ARG A 11 -39.14 -15.24 -25.66
C ARG A 11 -37.67 -15.51 -25.88
N GLU A 12 -36.98 -15.62 -24.74
CA GLU A 12 -35.56 -15.95 -24.65
C GLU A 12 -35.29 -16.89 -23.48
N ILE A 13 -34.65 -18.02 -23.77
CA ILE A 13 -34.04 -18.86 -22.75
C ILE A 13 -32.57 -18.50 -22.77
N LYS A 14 -32.06 -17.97 -21.67
CA LYS A 14 -30.68 -17.52 -21.64
C LYS A 14 -29.81 -18.64 -21.08
N LYS A 15 -28.77 -19.02 -21.84
CA LYS A 15 -27.94 -20.17 -21.51
C LYS A 15 -26.65 -19.77 -20.81
N LEU A 16 -26.68 -18.69 -20.12
CA LEU A 16 -25.48 -18.28 -19.44
C LEU A 16 -25.28 -18.92 -18.28
N ASP A 17 -25.92 -20.05 -17.98
CA ASP A 17 -25.92 -20.60 -16.63
C ASP A 17 -24.56 -20.45 -15.97
N GLY A 18 -23.52 -20.31 -16.78
CA GLY A 18 -22.23 -20.05 -16.30
C GLY A 18 -21.43 -21.30 -16.07
N LEU A 19 -22.04 -22.40 -15.71
CA LEU A 19 -21.21 -23.59 -15.57
C LEU A 19 -21.24 -24.33 -16.90
N TRP A 20 -20.26 -24.04 -17.73
CA TRP A 20 -19.98 -24.77 -18.96
C TRP A 20 -18.77 -25.67 -18.77
N ALA A 21 -18.65 -26.67 -19.63
CA ALA A 21 -17.46 -27.48 -19.68
C ALA A 21 -16.37 -26.75 -20.45
N PHE A 22 -15.15 -26.80 -19.94
CA PHE A 22 -14.04 -26.05 -20.53
C PHE A 22 -12.82 -26.92 -20.62
N SER A 23 -12.12 -26.81 -21.74
CA SER A 23 -10.85 -27.50 -21.94
C SER A 23 -10.00 -26.70 -22.92
N LEU A 24 -8.69 -26.75 -22.72
CA LEU A 24 -7.78 -26.23 -23.74
C LEU A 24 -7.42 -27.34 -24.72
N ASP A 25 -6.79 -26.94 -25.81
CA ASP A 25 -6.41 -27.83 -26.89
C ASP A 25 -4.98 -27.45 -27.26
N ARG A 26 -4.06 -27.65 -26.31
CA ARG A 26 -2.67 -27.27 -26.48
C ARG A 26 -2.03 -27.93 -27.69
N GLU A 27 -2.52 -29.09 -28.10
CA GLU A 27 -1.92 -29.86 -29.18
C GLU A 27 -2.63 -29.63 -30.51
N ASN A 28 -3.69 -28.83 -30.53
CA ASN A 28 -4.59 -28.64 -31.67
C ASN A 28 -5.02 -29.99 -32.30
N CYS A 29 -5.87 -30.67 -31.56
CA CYS A 29 -6.48 -31.91 -32.01
C CYS A 29 -7.99 -31.85 -31.99
N GLY A 30 -8.58 -30.70 -31.62
CA GLY A 30 -10.01 -30.66 -31.37
C GLY A 30 -10.83 -30.92 -32.61
N ILE A 31 -10.46 -30.27 -33.73
CA ILE A 31 -11.16 -30.50 -34.99
C ILE A 31 -10.71 -31.81 -35.62
N ASP A 32 -9.47 -32.22 -35.34
CA ASP A 32 -8.99 -33.53 -35.75
C ASP A 32 -9.91 -34.64 -35.25
N GLN A 33 -10.13 -34.69 -33.93
CA GLN A 33 -10.90 -35.74 -33.27
C GLN A 33 -12.38 -35.39 -33.11
N ARG A 34 -12.85 -34.32 -33.76
CA ARG A 34 -14.26 -33.94 -33.76
C ARG A 34 -14.81 -33.88 -32.33
N TRP A 35 -14.17 -33.04 -31.50
CA TRP A 35 -14.48 -33.05 -30.07
C TRP A 35 -15.93 -32.71 -29.79
N TRP A 36 -16.62 -32.01 -30.71
CA TRP A 36 -18.02 -31.67 -30.51
C TRP A 36 -18.94 -32.87 -30.58
N GLU A 37 -18.43 -34.06 -30.90
CA GLU A 37 -19.30 -35.24 -31.01
C GLU A 37 -19.77 -35.67 -29.63
N SER A 38 -18.86 -35.79 -28.68
CA SER A 38 -19.16 -36.29 -27.35
C SER A 38 -18.82 -35.22 -26.31
N ALA A 39 -19.05 -35.56 -25.04
CA ALA A 39 -18.64 -34.70 -23.95
C ALA A 39 -17.12 -34.62 -23.88
N LEU A 40 -16.61 -33.43 -23.57
CA LEU A 40 -15.17 -33.23 -23.55
C LEU A 40 -14.54 -34.02 -22.41
N GLN A 41 -13.48 -34.76 -22.74
CA GLN A 41 -12.62 -35.31 -21.70
C GLN A 41 -11.87 -34.18 -21.01
N GLU A 42 -11.31 -34.49 -19.83
CA GLU A 42 -10.38 -33.62 -19.12
C GLU A 42 -10.88 -32.18 -19.05
N SER A 43 -12.14 -32.02 -18.66
CA SER A 43 -12.76 -30.72 -18.59
C SER A 43 -12.70 -30.17 -17.17
N ARG A 44 -13.00 -28.89 -17.06
CA ARG A 44 -13.23 -28.25 -15.77
C ARG A 44 -14.38 -27.28 -15.96
N ALA A 45 -14.94 -26.83 -14.84
CA ALA A 45 -16.01 -25.83 -14.88
C ALA A 45 -15.41 -24.46 -15.16
N ILE A 46 -16.02 -23.74 -16.08
CA ILE A 46 -15.71 -22.35 -16.39
C ILE A 46 -17.01 -21.58 -16.38
N ALA A 47 -16.95 -20.28 -16.05
CA ALA A 47 -18.15 -19.45 -15.98
C ALA A 47 -18.33 -18.63 -17.25
N VAL A 48 -19.59 -18.54 -17.70
CA VAL A 48 -20.00 -17.80 -18.89
C VAL A 48 -21.12 -16.84 -18.52
N PRO A 49 -21.01 -15.53 -18.78
CA PRO A 49 -19.91 -14.84 -19.45
C PRO A 49 -18.71 -14.63 -18.52
N GLY A 50 -17.54 -14.44 -19.11
CA GLY A 50 -16.34 -14.27 -18.33
C GLY A 50 -15.11 -14.73 -19.09
N SER A 51 -14.04 -13.96 -19.02
CA SER A 51 -12.79 -14.37 -19.64
C SER A 51 -12.30 -15.65 -18.98
N PHE A 52 -11.54 -16.45 -19.74
CA PHE A 52 -10.99 -17.68 -19.19
C PHE A 52 -9.63 -17.47 -18.52
N ASN A 53 -9.03 -16.28 -18.62
CA ASN A 53 -7.62 -16.12 -18.26
C ASN A 53 -7.40 -16.09 -16.75
N ASP A 54 -8.00 -15.10 -16.07
CA ASP A 54 -7.83 -14.91 -14.64
C ASP A 54 -8.65 -15.88 -13.79
N GLN A 55 -9.48 -16.72 -14.41
CA GLN A 55 -10.52 -17.43 -13.67
C GLN A 55 -10.01 -18.66 -12.94
N PHE A 56 -8.85 -19.20 -13.31
CA PHE A 56 -8.32 -20.40 -12.68
C PHE A 56 -7.05 -20.13 -11.90
N ALA A 57 -6.67 -18.86 -11.75
CA ALA A 57 -5.49 -18.48 -10.99
C ALA A 57 -4.28 -19.31 -11.39
N ASP A 58 -4.09 -19.45 -12.69
CA ASP A 58 -3.01 -20.28 -13.24
C ASP A 58 -2.36 -19.55 -14.40
N ALA A 59 -1.04 -19.33 -14.31
CA ALA A 59 -0.39 -18.47 -15.28
C ALA A 59 -0.40 -19.07 -16.68
N ASP A 60 -0.39 -20.39 -16.79
CA ASP A 60 -0.26 -21.01 -18.10
C ASP A 60 -1.60 -21.09 -18.83
N ILE A 61 -2.72 -21.19 -18.10
CA ILE A 61 -4.01 -20.93 -18.71
C ILE A 61 -4.10 -19.47 -19.16
N ARG A 62 -3.64 -18.56 -18.28
CA ARG A 62 -3.74 -17.12 -18.55
C ARG A 62 -3.01 -16.73 -19.82
N ASN A 63 -1.82 -17.30 -20.06
CA ASN A 63 -1.01 -16.96 -21.23
C ASN A 63 -1.16 -17.96 -22.36
N TYR A 64 -2.23 -18.76 -22.35
CA TYR A 64 -2.45 -19.70 -23.43
C TYR A 64 -2.75 -18.98 -24.72
N ALA A 65 -2.25 -19.53 -25.83
CA ALA A 65 -2.52 -19.02 -27.16
C ALA A 65 -3.05 -20.17 -27.99
N GLY A 66 -4.27 -20.06 -28.46
CA GLY A 66 -4.78 -21.12 -29.30
C GLY A 66 -6.28 -21.30 -29.11
N ASN A 67 -6.72 -22.53 -29.32
CA ASN A 67 -8.12 -22.89 -29.25
C ASN A 67 -8.47 -23.46 -27.88
N VAL A 68 -9.64 -23.06 -27.39
CA VAL A 68 -10.23 -23.55 -26.16
C VAL A 68 -11.64 -24.00 -26.51
N TRP A 69 -12.18 -24.92 -25.73
CA TRP A 69 -13.47 -25.53 -26.05
C TRP A 69 -14.44 -25.34 -24.89
N TYR A 70 -15.58 -24.72 -25.19
CA TYR A 70 -16.72 -24.62 -24.29
C TYR A 70 -17.78 -25.61 -24.75
N GLN A 71 -18.53 -26.17 -23.80
CA GLN A 71 -19.67 -26.98 -24.21
C GLN A 71 -20.64 -27.13 -23.03
N ARG A 72 -21.91 -27.34 -23.37
CA ARG A 72 -22.98 -27.50 -22.37
C ARG A 72 -24.24 -27.99 -23.07
N GLU A 73 -25.06 -28.80 -22.39
CA GLU A 73 -26.36 -29.21 -22.93
C GLU A 73 -27.46 -28.33 -22.34
N VAL A 74 -28.60 -28.34 -23.01
CA VAL A 74 -29.74 -27.52 -22.63
C VAL A 74 -30.98 -28.14 -23.24
N PHE A 75 -32.07 -28.18 -22.46
CA PHE A 75 -33.35 -28.67 -22.96
C PHE A 75 -34.06 -27.55 -23.70
N ILE A 76 -34.58 -27.85 -24.88
CA ILE A 76 -35.27 -26.83 -25.66
C ILE A 76 -36.75 -26.85 -25.29
N PRO A 77 -37.33 -25.70 -24.94
CA PRO A 77 -38.72 -25.68 -24.45
C PRO A 77 -39.70 -26.31 -25.44
N LYS A 78 -40.62 -27.10 -24.91
CA LYS A 78 -41.56 -27.84 -25.76
C LYS A 78 -42.54 -26.92 -26.49
N GLY A 79 -42.84 -25.77 -25.91
CA GLY A 79 -43.81 -24.84 -26.48
C GLY A 79 -43.24 -24.00 -27.60
N TRP A 80 -42.15 -24.46 -28.20
CA TRP A 80 -41.50 -23.79 -29.33
C TRP A 80 -41.63 -24.62 -30.61
N ALA A 81 -42.77 -25.30 -30.76
CA ALA A 81 -43.01 -26.15 -31.92
C ALA A 81 -42.92 -25.35 -33.21
N GLY A 82 -43.94 -24.56 -33.51
CA GLY A 82 -43.98 -23.85 -34.78
C GLY A 82 -43.17 -22.58 -34.82
N GLN A 83 -42.22 -22.43 -33.89
CA GLN A 83 -41.46 -21.20 -33.75
C GLN A 83 -40.12 -21.29 -34.46
N ARG A 84 -39.66 -20.14 -34.94
CA ARG A 84 -38.27 -20.00 -35.36
C ARG A 84 -37.42 -19.83 -34.11
N ILE A 85 -36.35 -20.61 -34.01
CA ILE A 85 -35.50 -20.65 -32.82
C ILE A 85 -34.08 -20.32 -33.23
N VAL A 86 -33.41 -19.46 -32.50
CA VAL A 86 -32.19 -18.89 -33.02
C VAL A 86 -31.19 -18.82 -31.88
N LEU A 87 -29.96 -19.23 -32.14
CA LEU A 87 -28.92 -19.26 -31.14
C LEU A 87 -28.03 -18.05 -31.36
N ARG A 88 -27.85 -17.25 -30.31
CA ARG A 88 -27.13 -16.00 -30.41
C ARG A 88 -26.01 -15.94 -29.38
N PHE A 89 -24.83 -15.51 -29.82
CA PHE A 89 -23.67 -15.24 -28.97
C PHE A 89 -23.39 -13.74 -29.07
N ASP A 90 -23.61 -13.00 -27.98
CA ASP A 90 -23.44 -11.56 -28.06
C ASP A 90 -21.99 -11.11 -28.06
N ALA A 91 -21.05 -11.98 -27.68
CA ALA A 91 -19.62 -11.74 -27.90
C ALA A 91 -18.82 -12.98 -27.59
N VAL A 92 -17.99 -13.40 -28.54
CA VAL A 92 -17.02 -14.47 -28.33
C VAL A 92 -15.70 -13.89 -28.77
N THR A 93 -14.81 -13.63 -27.82
CA THR A 93 -13.72 -12.71 -28.11
C THR A 93 -12.69 -13.39 -28.97
N HIS A 94 -12.68 -12.94 -30.23
CA HIS A 94 -11.73 -13.08 -31.32
C HIS A 94 -12.34 -14.05 -32.31
N TYR A 95 -12.38 -15.33 -31.99
CA TYR A 95 -12.93 -16.28 -32.95
C TYR A 95 -13.76 -17.34 -32.23
N GLY A 96 -14.83 -17.76 -32.89
CA GLY A 96 -15.76 -18.71 -32.35
C GLY A 96 -16.42 -19.51 -33.44
N LYS A 97 -16.61 -20.80 -33.18
CA LYS A 97 -17.37 -21.67 -34.06
C LYS A 97 -18.18 -22.61 -33.19
N VAL A 98 -19.45 -22.79 -33.55
CA VAL A 98 -20.43 -23.47 -32.72
C VAL A 98 -21.00 -24.66 -33.47
N TRP A 99 -21.22 -25.75 -32.73
CA TRP A 99 -21.92 -26.93 -33.23
C TRP A 99 -23.07 -27.29 -32.30
N VAL A 100 -24.20 -27.62 -32.90
CA VAL A 100 -25.40 -28.06 -32.20
C VAL A 100 -25.60 -29.52 -32.62
N ASN A 101 -25.12 -30.45 -31.80
CA ASN A 101 -25.25 -31.88 -32.06
C ASN A 101 -24.64 -32.27 -33.42
N ASN A 102 -23.33 -32.04 -33.53
CA ASN A 102 -22.49 -32.43 -34.67
C ASN A 102 -22.77 -31.61 -35.93
N GLN A 103 -23.65 -30.62 -35.86
CA GLN A 103 -23.97 -29.76 -36.99
C GLN A 103 -23.30 -28.39 -36.79
N GLU A 104 -22.41 -28.03 -37.72
CA GLU A 104 -21.78 -26.72 -37.70
C GLU A 104 -22.80 -25.65 -38.07
N VAL A 105 -23.07 -24.75 -37.13
CA VAL A 105 -24.14 -23.79 -37.30
C VAL A 105 -23.62 -22.37 -37.60
N MET A 106 -22.49 -21.99 -37.04
CA MET A 106 -22.05 -20.61 -37.16
C MET A 106 -20.55 -20.54 -36.99
N GLU A 107 -20.00 -19.38 -37.34
CA GLU A 107 -18.57 -19.15 -37.26
C GLU A 107 -18.30 -17.65 -37.42
N HIS A 108 -17.49 -17.08 -36.54
CA HIS A 108 -17.34 -15.64 -36.48
C HIS A 108 -15.90 -15.31 -36.13
N GLN A 109 -15.37 -14.27 -36.75
CA GLN A 109 -14.15 -13.60 -36.29
C GLN A 109 -14.48 -12.13 -36.06
N GLY A 110 -14.30 -11.69 -34.84
CA GLY A 110 -14.72 -10.37 -34.40
C GLY A 110 -15.14 -10.55 -32.96
N GLY A 111 -14.34 -10.06 -32.04
CA GLY A 111 -14.50 -10.47 -30.66
C GLY A 111 -15.49 -9.69 -29.82
N TYR A 112 -16.23 -8.76 -30.41
CA TYR A 112 -16.94 -7.80 -29.58
C TYR A 112 -18.34 -7.49 -30.11
N THR A 113 -18.81 -8.17 -31.14
CA THR A 113 -20.14 -7.94 -31.68
C THR A 113 -20.89 -9.27 -31.74
N PRO A 114 -22.22 -9.22 -31.74
CA PRO A 114 -22.98 -10.46 -31.70
C PRO A 114 -22.94 -11.20 -33.03
N PHE A 115 -23.17 -12.51 -32.95
CA PHE A 115 -23.43 -13.34 -34.11
C PHE A 115 -24.43 -14.41 -33.71
N GLU A 116 -25.19 -14.88 -34.69
CA GLU A 116 -26.32 -15.76 -34.42
C GLU A 116 -26.62 -16.57 -35.68
N ALA A 117 -27.58 -17.50 -35.55
CA ALA A 117 -27.97 -18.35 -36.67
C ALA A 117 -29.27 -19.06 -36.35
N ASP A 118 -30.07 -19.28 -37.39
CA ASP A 118 -31.32 -20.03 -37.26
C ASP A 118 -30.99 -21.51 -37.01
N VAL A 119 -31.38 -22.02 -35.85
CA VAL A 119 -31.09 -23.41 -35.49
C VAL A 119 -32.35 -24.26 -35.49
N THR A 120 -33.48 -23.72 -35.95
CA THR A 120 -34.73 -24.47 -35.97
C THR A 120 -34.62 -25.83 -36.65
N PRO A 121 -34.00 -25.97 -37.83
CA PRO A 121 -33.91 -27.30 -38.44
C PRO A 121 -33.02 -28.29 -37.71
N TYR A 122 -32.32 -27.89 -36.65
CA TYR A 122 -31.32 -28.75 -36.03
C TYR A 122 -31.64 -29.13 -34.59
N VAL A 123 -32.71 -28.57 -34.03
CA VAL A 123 -33.18 -28.92 -32.71
C VAL A 123 -34.63 -29.31 -32.82
N ILE A 124 -35.03 -30.25 -32.02
CA ILE A 124 -36.46 -30.47 -31.83
C ILE A 124 -36.80 -29.92 -30.45
N ALA A 125 -38.01 -29.42 -30.30
CA ALA A 125 -38.45 -28.93 -29.00
C ALA A 125 -38.79 -30.10 -28.07
N GLY A 126 -38.16 -30.12 -26.90
CA GLY A 126 -38.42 -31.15 -25.91
C GLY A 126 -37.27 -32.08 -25.59
N LYS A 127 -36.21 -32.16 -26.40
CA LYS A 127 -35.02 -32.92 -26.03
C LYS A 127 -33.88 -31.98 -25.67
N SER A 128 -32.89 -32.56 -25.00
CA SER A 128 -31.67 -31.86 -24.67
C SER A 128 -30.72 -31.95 -25.85
N VAL A 129 -30.09 -30.83 -26.17
CA VAL A 129 -29.11 -30.76 -27.24
C VAL A 129 -27.82 -30.20 -26.66
N ARG A 130 -26.70 -30.63 -27.21
CA ARG A 130 -25.38 -30.28 -26.70
C ARG A 130 -24.72 -29.27 -27.63
N ILE A 131 -24.10 -28.26 -27.05
CA ILE A 131 -23.59 -27.13 -27.81
C ILE A 131 -22.12 -26.96 -27.51
N THR A 132 -21.30 -27.14 -28.54
CA THR A 132 -19.86 -27.01 -28.43
C THR A 132 -19.43 -25.70 -29.08
N VAL A 133 -18.57 -24.95 -28.39
CA VAL A 133 -18.01 -23.71 -28.91
C VAL A 133 -16.50 -23.84 -28.94
N CYS A 134 -15.91 -23.60 -30.12
CA CYS A 134 -14.46 -23.52 -30.29
C CYS A 134 -14.05 -22.06 -30.38
N VAL A 135 -13.32 -21.58 -29.38
CA VAL A 135 -12.90 -20.19 -29.28
C VAL A 135 -11.40 -20.11 -29.55
N ASN A 136 -11.00 -19.13 -30.37
CA ASN A 136 -9.61 -18.92 -30.75
C ASN A 136 -9.19 -17.51 -30.33
N ASN A 137 -8.05 -17.40 -29.68
CA ASN A 137 -7.64 -16.17 -29.02
C ASN A 137 -6.57 -15.40 -29.80
N GLU A 138 -6.29 -15.79 -31.03
CA GLU A 138 -5.09 -15.33 -31.71
C GLU A 138 -5.37 -14.16 -32.64
N LEU A 139 -4.41 -13.24 -32.70
CA LEU A 139 -4.48 -12.10 -33.59
C LEU A 139 -3.41 -12.26 -34.66
N ASN A 140 -3.77 -11.96 -35.90
CA ASN A 140 -2.78 -11.82 -36.98
C ASN A 140 -2.93 -10.43 -37.59
N TRP A 141 -2.21 -10.19 -38.69
CA TRP A 141 -2.18 -8.86 -39.27
C TRP A 141 -3.51 -8.42 -39.89
N GLN A 142 -4.45 -9.36 -40.07
CA GLN A 142 -5.75 -9.08 -40.67
C GLN A 142 -6.93 -9.31 -39.72
N THR A 143 -6.67 -9.51 -38.44
CA THR A 143 -7.73 -9.47 -37.45
C THR A 143 -7.79 -8.07 -36.84
N ILE A 144 -8.91 -7.76 -36.19
CA ILE A 144 -9.09 -6.47 -35.54
C ILE A 144 -9.34 -6.72 -34.06
N PRO A 145 -8.40 -6.38 -33.15
CA PRO A 145 -7.14 -5.68 -33.43
C PRO A 145 -6.08 -6.58 -34.08
N PRO A 146 -5.12 -5.99 -34.80
CA PRO A 146 -4.02 -6.77 -35.35
C PRO A 146 -3.08 -7.26 -34.26
N GLY A 147 -2.12 -8.07 -34.70
CA GLY A 147 -1.21 -8.71 -33.79
C GLY A 147 -0.34 -9.69 -34.54
N MET A 148 0.42 -10.48 -33.79
CA MET A 148 1.48 -11.28 -34.38
C MET A 148 1.74 -12.47 -33.47
N VAL A 149 1.48 -13.67 -33.96
CA VAL A 149 1.69 -14.89 -33.18
C VAL A 149 3.10 -15.37 -33.43
N ILE A 150 3.88 -15.49 -32.36
CA ILE A 150 5.29 -15.86 -32.43
C ILE A 150 5.42 -17.31 -31.97
N THR A 151 5.97 -18.15 -32.83
CA THR A 151 6.33 -19.52 -32.47
C THR A 151 7.82 -19.59 -32.28
N ASP A 152 8.27 -20.22 -31.20
CA ASP A 152 9.70 -20.30 -31.09
C ASP A 152 10.17 -21.74 -31.23
N GLU A 153 11.39 -22.01 -30.75
CA GLU A 153 12.09 -23.22 -31.17
C GLU A 153 11.30 -24.49 -30.91
N ASN A 154 10.54 -24.56 -29.80
CA ASN A 154 9.84 -25.80 -29.45
C ASN A 154 8.34 -25.74 -29.71
N GLY A 155 7.87 -24.75 -30.47
CA GLY A 155 6.52 -24.75 -30.97
C GLY A 155 5.48 -24.12 -30.09
N LYS A 156 5.85 -23.62 -28.92
CA LYS A 156 4.89 -22.91 -28.09
C LYS A 156 4.67 -21.51 -28.64
N LYS A 157 3.40 -21.11 -28.71
CA LYS A 157 3.01 -19.86 -29.34
C LYS A 157 2.85 -18.77 -28.29
N LYS A 158 3.48 -17.62 -28.54
CA LYS A 158 3.29 -16.40 -27.79
C LYS A 158 2.59 -15.38 -28.68
N GLN A 159 1.56 -14.73 -28.16
CA GLN A 159 0.87 -13.66 -28.88
C GLN A 159 1.58 -12.33 -28.59
N SER A 160 2.05 -11.69 -29.65
CA SER A 160 2.57 -10.34 -29.56
C SER A 160 1.53 -9.37 -30.13
N TYR A 161 1.39 -8.21 -29.51
CA TYR A 161 0.43 -7.23 -30.00
C TYR A 161 0.91 -5.85 -29.61
N PHE A 162 0.14 -4.84 -30.04
CA PHE A 162 0.61 -3.47 -29.95
C PHE A 162 -0.40 -2.55 -29.28
N HIS A 163 -1.39 -3.09 -28.58
CA HIS A 163 -2.23 -2.28 -27.74
C HIS A 163 -1.87 -2.49 -26.28
N ASP A 164 -2.31 -1.56 -25.44
CA ASP A 164 -1.89 -1.52 -24.03
C ASP A 164 -2.96 -2.05 -23.08
N PHE A 165 -3.75 -3.02 -23.52
CA PHE A 165 -4.59 -3.76 -22.58
C PHE A 165 -4.37 -5.24 -22.80
N PHE A 166 -4.59 -6.00 -21.74
CA PHE A 166 -4.39 -7.44 -21.81
C PHE A 166 -5.43 -8.08 -22.71
N ASN A 167 -4.99 -9.14 -23.38
CA ASN A 167 -5.76 -9.79 -24.45
C ASN A 167 -6.66 -10.90 -23.89
N TYR A 168 -7.58 -10.49 -23.03
CA TYR A 168 -8.58 -11.42 -22.50
C TYR A 168 -9.43 -12.00 -23.63
N ALA A 169 -9.73 -13.29 -23.54
CA ALA A 169 -10.51 -13.99 -24.55
C ALA A 169 -11.56 -14.85 -23.86
N GLY A 170 -12.38 -15.51 -24.66
CA GLY A 170 -13.45 -16.34 -24.16
C GLY A 170 -14.81 -15.72 -24.43
N ILE A 171 -15.83 -16.35 -23.85
CA ILE A 171 -17.21 -15.94 -24.05
C ILE A 171 -17.51 -14.83 -23.05
N HIS A 172 -17.43 -13.58 -23.50
CA HIS A 172 -17.44 -12.43 -22.61
C HIS A 172 -18.83 -11.89 -22.29
N ARG A 173 -19.82 -12.14 -23.14
CA ARG A 173 -21.16 -11.61 -22.94
C ARG A 173 -22.09 -12.82 -23.00
N SER A 174 -23.38 -12.58 -23.22
CA SER A 174 -24.43 -13.51 -22.81
C SER A 174 -24.84 -14.38 -23.98
N VAL A 175 -24.78 -15.72 -23.78
CA VAL A 175 -25.18 -16.71 -24.79
C VAL A 175 -26.66 -16.95 -24.64
N MET A 176 -27.40 -17.01 -25.74
CA MET A 176 -28.84 -16.96 -25.61
C MET A 176 -29.54 -17.60 -26.80
N LEU A 177 -30.57 -18.40 -26.50
CA LEU A 177 -31.55 -18.86 -27.47
C LEU A 177 -32.78 -17.99 -27.35
N TYR A 178 -33.24 -17.43 -28.47
CA TYR A 178 -34.53 -16.75 -28.47
C TYR A 178 -35.40 -17.28 -29.60
N THR A 179 -36.70 -17.08 -29.45
CA THR A 179 -37.68 -17.53 -30.43
C THR A 179 -38.40 -16.34 -31.03
N THR A 180 -39.25 -16.66 -31.98
CA THR A 180 -39.70 -15.66 -32.91
C THR A 180 -40.69 -16.32 -33.87
N PRO A 181 -41.77 -15.65 -34.23
CA PRO A 181 -42.67 -16.20 -35.24
C PRO A 181 -41.99 -16.27 -36.61
N ASN A 182 -42.60 -17.05 -37.50
CA ASN A 182 -42.04 -17.17 -38.86
C ASN A 182 -42.28 -15.93 -39.70
N THR A 183 -43.08 -14.98 -39.20
CA THR A 183 -43.14 -13.60 -39.68
C THR A 183 -42.56 -12.73 -38.57
N TRP A 184 -41.49 -12.00 -38.86
CA TRP A 184 -40.59 -11.61 -37.76
C TRP A 184 -39.68 -10.46 -38.16
N VAL A 185 -39.87 -9.32 -37.49
CA VAL A 185 -39.09 -8.10 -37.71
C VAL A 185 -37.58 -8.33 -37.63
N ASP A 186 -36.87 -8.17 -38.76
CA ASP A 186 -35.45 -8.52 -38.83
C ASP A 186 -34.50 -7.33 -38.77
N ASP A 187 -34.95 -6.12 -39.11
CA ASP A 187 -34.07 -4.96 -39.03
C ASP A 187 -34.88 -3.67 -39.04
N ILE A 188 -34.47 -2.71 -38.20
CA ILE A 188 -35.09 -1.40 -38.12
C ILE A 188 -34.01 -0.32 -38.15
N THR A 189 -34.27 0.75 -38.88
CA THR A 189 -33.42 1.94 -38.88
C THR A 189 -34.29 3.17 -38.64
N VAL A 190 -33.90 3.99 -37.65
CA VAL A 190 -34.61 5.21 -37.32
C VAL A 190 -33.63 6.36 -37.40
N VAL A 191 -34.03 7.43 -38.09
CA VAL A 191 -33.30 8.70 -38.08
C VAL A 191 -34.27 9.81 -37.70
N THR A 192 -33.87 10.65 -36.76
CA THR A 192 -34.68 11.73 -36.22
C THR A 192 -34.08 13.08 -36.60
N HIS A 193 -34.92 14.00 -37.06
CA HIS A 193 -34.52 15.34 -37.48
C HIS A 193 -35.24 16.36 -36.61
N VAL A 194 -34.53 17.41 -36.19
CA VAL A 194 -35.08 18.43 -35.28
C VAL A 194 -34.80 19.82 -35.86
N ALA A 195 -35.64 20.80 -35.52
CA ALA A 195 -35.62 22.09 -36.24
C ALA A 195 -35.15 23.27 -35.40
N GLN A 196 -36.08 23.90 -34.67
CA GLN A 196 -35.78 24.82 -33.58
C GLN A 196 -36.31 24.24 -32.26
N ASP A 197 -36.36 22.90 -32.19
CA ASP A 197 -36.79 22.14 -31.02
C ASP A 197 -38.28 22.28 -30.76
N CYS A 198 -39.10 22.42 -31.81
CA CYS A 198 -40.54 22.47 -31.63
C CYS A 198 -41.33 21.60 -32.61
N ASN A 199 -40.66 20.92 -33.54
CA ASN A 199 -41.29 19.98 -34.47
C ASN A 199 -40.19 19.15 -35.09
N HIS A 200 -40.55 17.96 -35.58
CA HIS A 200 -39.49 17.09 -36.09
C HIS A 200 -40.08 15.84 -36.73
N ALA A 201 -39.23 15.16 -37.49
CA ALA A 201 -39.59 13.99 -38.26
C ALA A 201 -38.74 12.81 -37.79
N SER A 202 -39.40 11.67 -37.54
CA SER A 202 -38.72 10.40 -37.31
C SER A 202 -38.81 9.61 -38.59
N VAL A 203 -37.81 9.74 -39.47
CA VAL A 203 -37.78 8.94 -40.67
C VAL A 203 -37.41 7.52 -40.28
N ASP A 204 -37.97 6.56 -41.01
CA ASP A 204 -38.15 5.21 -40.49
C ASP A 204 -38.12 4.25 -41.69
N TRP A 205 -37.36 3.17 -41.53
CA TRP A 205 -37.01 2.30 -42.64
C TRP A 205 -36.86 0.90 -42.08
N GLN A 206 -37.62 -0.04 -42.62
CA GLN A 206 -37.90 -1.30 -41.97
C GLN A 206 -37.68 -2.47 -42.91
N VAL A 207 -37.00 -3.52 -42.43
CA VAL A 207 -36.79 -4.74 -43.22
C VAL A 207 -37.24 -5.92 -42.39
N VAL A 208 -38.38 -6.50 -42.74
CA VAL A 208 -38.71 -7.85 -42.29
C VAL A 208 -39.17 -8.61 -43.52
N ALA A 209 -38.34 -9.55 -43.97
CA ALA A 209 -38.66 -10.30 -45.19
C ALA A 209 -40.07 -10.89 -45.14
N ASN A 210 -40.60 -11.16 -43.94
CA ASN A 210 -41.91 -11.78 -43.78
C ASN A 210 -42.90 -10.74 -43.24
N GLY A 211 -43.94 -10.45 -44.02
CA GLY A 211 -45.07 -9.73 -43.48
C GLY A 211 -45.05 -8.24 -43.79
N ASP A 212 -46.25 -7.65 -43.84
CA ASP A 212 -46.46 -6.21 -43.91
C ASP A 212 -46.23 -5.58 -42.55
N VAL A 213 -45.77 -4.33 -42.54
CA VAL A 213 -45.44 -3.66 -41.29
C VAL A 213 -46.28 -2.42 -41.11
N SER A 214 -46.77 -2.24 -39.88
CA SER A 214 -47.28 -1.00 -39.35
C SER A 214 -46.33 -0.51 -38.25
N VAL A 215 -46.39 0.79 -37.96
CA VAL A 215 -45.46 1.42 -37.03
C VAL A 215 -46.25 2.38 -36.15
N GLU A 216 -46.03 2.30 -34.83
CA GLU A 216 -46.74 3.11 -33.85
C GLU A 216 -45.74 3.73 -32.89
N LEU A 217 -45.74 5.07 -32.80
CA LEU A 217 -44.84 5.78 -31.90
C LEU A 217 -45.54 6.05 -30.58
N ARG A 218 -44.94 5.60 -29.49
CA ARG A 218 -45.46 5.85 -28.15
C ARG A 218 -44.50 6.74 -27.37
N ASP A 219 -45.03 7.42 -26.36
CA ASP A 219 -44.19 8.20 -25.47
C ASP A 219 -43.94 7.38 -24.20
N ALA A 220 -43.29 7.99 -23.20
CA ALA A 220 -42.99 7.26 -21.98
C ALA A 220 -44.26 6.85 -21.23
N ASP A 221 -45.39 7.49 -21.51
CA ASP A 221 -46.66 7.15 -20.89
C ASP A 221 -47.45 6.10 -21.66
N GLN A 222 -46.82 5.39 -22.59
CA GLN A 222 -47.46 4.36 -23.43
C GLN A 222 -48.68 4.91 -24.19
N GLN A 223 -48.76 6.22 -24.36
CA GLN A 223 -49.79 6.83 -25.18
C GLN A 223 -49.26 7.01 -26.60
N VAL A 224 -50.12 6.72 -27.59
CA VAL A 224 -49.72 6.75 -28.98
C VAL A 224 -49.63 8.19 -29.46
N VAL A 225 -48.53 8.53 -30.10
CA VAL A 225 -48.32 9.88 -30.60
C VAL A 225 -48.35 9.97 -32.12
N ALA A 226 -48.19 8.85 -32.82
CA ALA A 226 -48.14 8.88 -34.28
C ALA A 226 -48.25 7.45 -34.81
N THR A 227 -48.83 7.35 -36.00
CA THR A 227 -49.03 6.07 -36.67
C THR A 227 -48.48 6.15 -38.08
N GLY A 228 -48.10 4.99 -38.61
CA GLY A 228 -47.53 4.91 -39.94
C GLY A 228 -47.64 3.51 -40.48
N GLN A 229 -47.69 3.42 -41.80
CA GLN A 229 -47.80 2.13 -42.50
C GLN A 229 -46.75 2.05 -43.59
N GLY A 230 -46.32 0.84 -43.90
CA GLY A 230 -45.39 0.63 -44.99
C GLY A 230 -44.01 0.14 -44.61
N THR A 231 -43.44 -0.70 -45.48
CA THR A 231 -42.15 -1.35 -45.24
C THR A 231 -41.04 -0.34 -45.00
N SER A 232 -41.31 0.93 -45.26
CA SER A 232 -40.26 1.94 -45.12
C SER A 232 -40.92 3.31 -45.10
N GLY A 233 -40.08 4.33 -45.08
CA GLY A 233 -40.49 5.71 -45.21
C GLY A 233 -41.61 6.13 -44.27
N THR A 234 -41.79 5.48 -43.13
CA THR A 234 -42.80 5.98 -42.21
C THR A 234 -42.20 7.17 -41.48
N LEU A 235 -42.07 8.27 -42.24
CA LEU A 235 -41.75 9.57 -41.68
C LEU A 235 -42.90 10.08 -40.82
N GLN A 236 -42.60 10.43 -39.57
CA GLN A 236 -43.58 10.88 -38.58
C GLN A 236 -43.31 12.33 -38.18
N VAL A 237 -44.36 13.05 -37.86
CA VAL A 237 -44.24 14.44 -37.44
C VAL A 237 -44.91 14.58 -36.06
N VAL A 238 -44.17 15.14 -35.10
CA VAL A 238 -44.55 15.17 -33.68
C VAL A 238 -44.19 16.55 -33.12
N ASN A 239 -44.79 16.90 -31.96
CA ASN A 239 -44.31 18.00 -31.12
C ASN A 239 -43.78 17.45 -29.80
N PRO A 240 -42.44 17.66 -29.50
CA PRO A 240 -41.68 16.68 -28.70
C PRO A 240 -41.36 16.92 -27.23
N HIS A 241 -40.82 15.82 -26.70
CA HIS A 241 -39.87 15.79 -25.60
C HIS A 241 -38.56 15.23 -26.17
N LEU A 242 -37.63 16.11 -26.55
CA LEU A 242 -36.37 15.68 -27.15
C LEU A 242 -35.49 14.94 -26.13
N TRP A 243 -34.78 13.94 -26.62
CA TRP A 243 -33.74 13.25 -25.86
C TRP A 243 -32.59 14.23 -25.60
N GLN A 244 -32.42 14.62 -24.34
CA GLN A 244 -31.39 15.59 -23.95
C GLN A 244 -30.37 14.95 -23.02
N PRO A 245 -29.07 15.33 -23.13
CA PRO A 245 -28.04 14.78 -22.23
C PRO A 245 -28.38 14.85 -20.74
N GLY A 246 -29.32 15.69 -20.35
CA GLY A 246 -29.83 15.58 -19.01
C GLY A 246 -30.60 14.29 -18.76
N GLU A 247 -31.80 14.18 -19.36
CA GLU A 247 -32.74 13.14 -19.00
C GLU A 247 -32.58 11.88 -19.84
N GLY A 248 -32.66 12.02 -21.16
CA GLY A 248 -32.72 10.85 -22.01
C GLY A 248 -34.14 10.34 -22.12
N TYR A 249 -35.05 11.24 -22.48
CA TYR A 249 -36.44 10.86 -22.72
C TYR A 249 -36.52 9.94 -23.93
N LEU A 250 -37.03 8.73 -23.72
CA LEU A 250 -37.13 7.71 -24.77
C LEU A 250 -38.58 7.51 -25.17
N TYR A 251 -38.87 7.70 -26.44
CA TYR A 251 -40.11 7.16 -26.99
C TYR A 251 -39.97 5.66 -27.17
N GLU A 252 -41.07 5.01 -27.53
CA GLU A 252 -41.06 3.59 -27.87
C GLU A 252 -41.81 3.40 -29.17
N LEU A 253 -41.11 2.95 -30.20
CA LEU A 253 -41.67 2.76 -31.52
C LEU A 253 -41.91 1.26 -31.73
N CYS A 254 -43.20 0.89 -31.79
CA CYS A 254 -43.60 -0.51 -31.97
C CYS A 254 -43.65 -0.83 -33.45
N VAL A 255 -42.89 -1.84 -33.88
CA VAL A 255 -42.95 -2.32 -35.25
C VAL A 255 -43.72 -3.62 -35.25
N THR A 256 -44.85 -3.62 -35.95
CA THR A 256 -45.69 -4.81 -36.10
C THR A 256 -45.44 -5.38 -37.49
N ALA A 257 -45.05 -6.65 -37.56
CA ALA A 257 -44.96 -7.35 -38.84
C ALA A 257 -46.15 -8.31 -38.91
N LYS A 258 -47.24 -7.84 -39.51
CA LYS A 258 -48.48 -8.62 -39.65
C LYS A 258 -48.43 -9.45 -40.92
N SER A 259 -48.47 -10.76 -40.77
CA SER A 259 -48.83 -11.67 -41.84
C SER A 259 -50.27 -12.11 -41.63
N GLN A 260 -50.87 -12.70 -42.67
CA GLN A 260 -52.18 -13.31 -42.48
C GLN A 260 -52.10 -14.47 -41.49
N THR A 261 -51.02 -15.24 -41.56
CA THR A 261 -50.69 -16.30 -40.63
C THR A 261 -50.48 -15.80 -39.19
N GLU A 262 -49.35 -15.17 -38.95
CA GLU A 262 -48.88 -14.82 -37.62
C GLU A 262 -48.64 -13.32 -37.51
N CYS A 263 -48.29 -12.89 -36.32
CA CYS A 263 -48.03 -11.49 -36.02
C CYS A 263 -46.75 -11.42 -35.21
N ASP A 264 -45.94 -10.37 -35.42
CA ASP A 264 -44.72 -10.18 -34.65
C ASP A 264 -44.55 -8.71 -34.30
N ILE A 265 -44.14 -8.47 -33.06
CA ILE A 265 -44.09 -7.14 -32.49
C ILE A 265 -42.72 -6.94 -31.85
N TYR A 266 -42.08 -5.82 -32.17
CA TYR A 266 -40.78 -5.48 -31.59
C TYR A 266 -40.80 -4.01 -31.17
N PRO A 267 -40.63 -3.69 -29.88
CA PRO A 267 -40.57 -2.29 -29.46
C PRO A 267 -39.15 -1.76 -29.44
N LEU A 268 -38.86 -0.74 -30.23
CA LEU A 268 -37.55 -0.13 -30.27
C LEU A 268 -37.63 1.24 -29.61
N ARG A 269 -36.77 1.46 -28.61
CA ARG A 269 -36.75 2.74 -27.91
C ARG A 269 -36.03 3.76 -28.77
N VAL A 270 -36.62 4.94 -28.90
CA VAL A 270 -36.15 5.97 -29.82
C VAL A 270 -35.87 7.24 -29.02
N GLY A 271 -34.67 7.79 -29.22
CA GLY A 271 -34.34 9.07 -28.65
C GLY A 271 -34.34 10.15 -29.72
N ILE A 272 -35.16 11.18 -29.53
CA ILE A 272 -35.32 12.21 -30.55
C ILE A 272 -34.28 13.29 -30.26
N ARG A 273 -33.21 13.27 -31.06
CA ARG A 273 -32.05 14.12 -30.90
C ARG A 273 -31.42 14.33 -32.27
N SER A 274 -30.82 15.49 -32.46
CA SER A 274 -30.03 15.75 -33.66
C SER A 274 -28.60 16.07 -33.26
N VAL A 275 -27.65 15.59 -34.05
CA VAL A 275 -26.22 15.71 -33.77
C VAL A 275 -25.53 16.28 -35.00
N ALA A 276 -24.82 17.40 -34.83
CA ALA A 276 -24.18 18.06 -35.95
C ALA A 276 -22.90 18.77 -35.50
N VAL A 277 -21.87 18.70 -36.34
CA VAL A 277 -20.65 19.50 -36.20
C VAL A 277 -20.80 20.73 -37.07
N LYS A 278 -20.76 21.91 -36.47
CA LYS A 278 -20.82 23.16 -37.23
C LYS A 278 -19.79 24.13 -36.69
N GLY A 279 -18.84 24.52 -37.55
CA GLY A 279 -17.73 25.33 -37.09
C GLY A 279 -16.84 24.51 -36.16
N GLU A 280 -16.50 25.10 -35.01
CA GLU A 280 -15.73 24.42 -33.98
C GLU A 280 -16.61 23.91 -32.84
N GLN A 281 -17.91 23.77 -33.09
CA GLN A 281 -18.85 23.38 -32.06
C GLN A 281 -19.48 22.03 -32.38
N PHE A 282 -19.60 21.18 -31.36
CA PHE A 282 -20.34 19.93 -31.43
C PHE A 282 -21.73 20.18 -30.87
N LEU A 283 -22.73 20.17 -31.73
CA LEU A 283 -24.09 20.52 -31.36
C LEU A 283 -24.94 19.27 -31.19
N ILE A 284 -25.59 19.17 -30.03
CA ILE A 284 -26.67 18.23 -29.80
C ILE A 284 -27.95 19.05 -29.69
N ASN A 285 -28.92 18.77 -30.55
CA ASN A 285 -30.17 19.52 -30.63
C ASN A 285 -29.90 21.00 -30.81
N HIS A 286 -28.98 21.30 -31.73
CA HIS A 286 -28.68 22.67 -32.13
C HIS A 286 -28.15 23.51 -30.97
N LYS A 287 -27.51 22.87 -29.98
CA LYS A 287 -26.93 23.54 -28.85
C LYS A 287 -25.49 23.09 -28.65
N PRO A 288 -24.58 24.01 -28.35
CA PRO A 288 -23.17 23.62 -28.19
C PRO A 288 -22.96 22.81 -26.92
N PHE A 289 -22.28 21.69 -27.06
CA PHE A 289 -22.11 20.73 -25.98
C PHE A 289 -20.64 20.64 -25.57
N TYR A 290 -20.41 20.37 -24.29
CA TYR A 290 -19.06 20.16 -23.76
C TYR A 290 -18.98 18.78 -23.12
N PHE A 291 -18.11 17.92 -23.67
CA PHE A 291 -17.96 16.56 -23.19
C PHE A 291 -17.08 16.51 -21.93
N THR A 292 -17.52 15.76 -20.93
CA THR A 292 -16.71 15.46 -19.74
C THR A 292 -16.79 13.96 -19.46
N GLY A 293 -15.74 13.41 -18.85
CA GLY A 293 -15.82 12.01 -18.51
C GLY A 293 -14.58 11.17 -18.78
N PHE A 294 -14.77 9.93 -19.24
CA PHE A 294 -13.71 8.94 -19.20
C PHE A 294 -13.59 8.17 -20.50
N GLY A 295 -12.37 7.72 -20.78
CA GLY A 295 -12.19 6.50 -21.53
C GLY A 295 -12.28 5.36 -20.53
N ARG A 296 -13.02 4.32 -20.89
CA ARG A 296 -13.20 3.20 -19.98
C ARG A 296 -12.50 1.96 -20.54
N HIS A 297 -12.67 0.85 -19.85
CA HIS A 297 -12.25 -0.45 -20.34
C HIS A 297 -13.24 -1.46 -19.79
N GLU A 298 -13.44 -2.55 -20.51
CA GLU A 298 -14.16 -3.70 -19.96
C GLU A 298 -13.10 -4.53 -19.25
N ASP A 299 -12.98 -4.32 -17.93
CA ASP A 299 -11.87 -4.86 -17.15
C ASP A 299 -12.28 -4.91 -15.69
N ALA A 300 -12.17 -6.08 -15.07
CA ALA A 300 -12.45 -6.27 -13.65
C ALA A 300 -11.47 -7.32 -13.12
N ASP A 301 -11.73 -7.81 -11.91
CA ASP A 301 -10.66 -8.52 -11.22
C ASP A 301 -10.62 -10.00 -11.51
N LEU A 302 -11.74 -10.69 -11.49
CA LEU A 302 -11.68 -12.13 -11.71
C LEU A 302 -12.33 -12.56 -13.02
N ARG A 303 -13.14 -11.70 -13.62
CA ARG A 303 -13.90 -12.02 -14.82
C ARG A 303 -13.28 -11.44 -16.08
N GLY A 304 -12.13 -10.77 -15.98
CA GLY A 304 -11.53 -10.19 -17.16
C GLY A 304 -12.49 -9.18 -17.77
N LYS A 305 -12.77 -9.34 -19.06
CA LYS A 305 -13.72 -8.49 -19.75
C LYS A 305 -15.13 -9.07 -19.78
N GLY A 306 -15.46 -9.95 -18.84
CA GLY A 306 -16.80 -10.49 -18.79
C GLY A 306 -17.79 -9.44 -18.31
N PHE A 307 -18.96 -9.43 -18.93
CA PHE A 307 -19.98 -8.50 -18.48
C PHE A 307 -20.48 -8.91 -17.11
N ASP A 308 -20.84 -7.91 -16.30
CA ASP A 308 -21.39 -8.15 -14.96
C ASP A 308 -22.30 -6.98 -14.59
N ASN A 309 -23.53 -7.29 -14.16
CA ASN A 309 -24.52 -6.24 -13.93
C ASN A 309 -24.15 -5.36 -12.75
N VAL A 310 -23.73 -5.97 -11.63
CA VAL A 310 -23.39 -5.18 -10.45
C VAL A 310 -22.32 -4.16 -10.79
N LEU A 311 -21.34 -4.57 -11.59
CA LEU A 311 -20.26 -3.67 -12.02
C LEU A 311 -20.80 -2.51 -12.83
N MET A 312 -21.82 -2.76 -13.66
CA MET A 312 -22.37 -1.68 -14.46
C MET A 312 -23.14 -0.70 -13.60
N VAL A 313 -23.91 -1.19 -12.63
CA VAL A 313 -24.63 -0.32 -11.71
C VAL A 313 -23.64 0.51 -10.88
N HIS A 314 -22.55 -0.11 -10.43
CA HIS A 314 -21.62 0.58 -9.54
C HIS A 314 -20.83 1.65 -10.27
N ASP A 315 -20.29 1.33 -11.46
CA ASP A 315 -19.46 2.28 -12.17
C ASP A 315 -20.27 3.44 -12.71
N HIS A 316 -21.56 3.23 -13.00
CA HIS A 316 -22.43 4.35 -13.40
C HIS A 316 -22.78 5.21 -12.20
N ALA A 317 -22.91 4.62 -11.01
CA ALA A 317 -23.09 5.43 -9.81
C ALA A 317 -21.86 6.31 -9.59
N LEU A 318 -20.67 5.80 -9.93
CA LEU A 318 -19.45 6.58 -9.72
C LEU A 318 -19.32 7.70 -10.75
N MET A 319 -19.59 7.38 -12.02
CA MET A 319 -19.54 8.37 -13.08
C MET A 319 -20.61 9.44 -12.91
N ASP A 320 -21.77 9.07 -12.39
CA ASP A 320 -22.77 10.09 -12.06
C ASP A 320 -22.28 10.97 -10.92
N TRP A 321 -21.70 10.36 -9.89
CA TRP A 321 -21.24 11.12 -8.73
C TRP A 321 -20.17 12.13 -9.11
N ILE A 322 -19.24 11.72 -9.97
CA ILE A 322 -18.11 12.59 -10.32
C ILE A 322 -18.48 13.67 -11.32
N GLY A 323 -19.67 13.60 -11.94
CA GLY A 323 -20.11 14.64 -12.85
C GLY A 323 -19.86 14.38 -14.31
N ALA A 324 -19.36 13.20 -14.67
CA ALA A 324 -19.15 12.86 -16.06
C ALA A 324 -20.49 12.85 -16.81
N ASN A 325 -20.49 13.41 -18.02
CA ASN A 325 -21.66 13.34 -18.89
C ASN A 325 -21.42 12.45 -20.10
N SER A 326 -20.22 11.90 -20.26
CA SER A 326 -19.91 11.19 -21.50
C SER A 326 -18.80 10.19 -21.25
N TYR A 327 -18.60 9.31 -22.23
CA TYR A 327 -17.45 8.43 -22.21
C TYR A 327 -17.22 7.87 -23.61
N ARG A 328 -16.05 7.25 -23.81
CA ARG A 328 -15.71 6.62 -25.08
C ARG A 328 -15.51 5.14 -24.83
N THR A 329 -16.09 4.30 -25.69
CA THR A 329 -15.93 2.86 -25.54
C THR A 329 -14.52 2.47 -25.96
N SER A 330 -13.55 2.81 -25.12
CA SER A 330 -12.14 2.70 -25.45
C SER A 330 -11.77 1.29 -25.91
N HIS A 331 -11.60 1.18 -27.23
CA HIS A 331 -10.81 0.24 -28.01
C HIS A 331 -11.59 -1.00 -28.43
N TYR A 332 -12.89 -1.06 -28.20
CA TYR A 332 -13.73 -2.14 -28.72
C TYR A 332 -15.18 -1.78 -28.45
N PRO A 333 -16.10 -2.35 -29.22
CA PRO A 333 -17.52 -2.22 -28.88
C PRO A 333 -17.78 -2.78 -27.48
N TYR A 334 -18.51 -2.00 -26.69
CA TYR A 334 -18.94 -2.45 -25.37
C TYR A 334 -20.20 -3.30 -25.50
N ALA A 335 -20.56 -3.94 -24.39
CA ALA A 335 -21.88 -4.56 -24.33
C ALA A 335 -22.93 -3.50 -24.58
N GLU A 336 -24.00 -3.87 -25.28
CA GLU A 336 -25.04 -2.90 -25.53
C GLU A 336 -25.95 -2.68 -24.31
N GLU A 337 -25.86 -3.52 -23.28
CA GLU A 337 -26.41 -3.16 -21.98
C GLU A 337 -25.89 -1.81 -21.52
N MET A 338 -24.65 -1.48 -21.88
CA MET A 338 -24.08 -0.18 -21.58
C MET A 338 -24.76 0.92 -22.37
N LEU A 339 -24.95 0.71 -23.66
CA LEU A 339 -25.54 1.76 -24.47
C LEU A 339 -27.05 1.86 -24.27
N ASP A 340 -27.69 0.77 -23.83
CA ASP A 340 -29.07 0.89 -23.35
C ASP A 340 -29.11 1.74 -22.09
N TRP A 341 -28.17 1.52 -21.16
CA TRP A 341 -28.09 2.36 -19.96
C TRP A 341 -27.88 3.82 -20.31
N ALA A 342 -26.99 4.09 -21.25
CA ALA A 342 -26.75 5.48 -21.67
C ALA A 342 -28.01 6.11 -22.27
N ASP A 343 -28.79 5.33 -23.03
CA ASP A 343 -30.02 5.86 -23.64
C ASP A 343 -31.05 6.22 -22.57
N GLU A 344 -31.25 5.34 -21.59
CA GLU A 344 -32.18 5.63 -20.50
C GLU A 344 -31.77 6.86 -19.71
N HIS A 345 -30.50 6.96 -19.34
CA HIS A 345 -30.03 8.00 -18.45
C HIS A 345 -29.46 9.21 -19.17
N GLY A 346 -29.47 9.22 -20.50
CA GLY A 346 -29.00 10.38 -21.25
C GLY A 346 -27.51 10.64 -21.16
N ILE A 347 -26.70 9.59 -21.22
CA ILE A 347 -25.24 9.71 -21.23
C ILE A 347 -24.78 9.71 -22.69
N VAL A 348 -23.90 10.64 -23.04
CA VAL A 348 -23.35 10.77 -24.38
C VAL A 348 -22.22 9.77 -24.55
N VAL A 349 -22.12 9.14 -25.73
CA VAL A 349 -21.13 8.08 -25.93
C VAL A 349 -20.43 8.27 -27.28
N ILE A 350 -19.11 8.12 -27.27
CA ILE A 350 -18.32 7.94 -28.50
C ILE A 350 -18.10 6.44 -28.69
N ASP A 351 -18.60 5.90 -29.79
CA ASP A 351 -18.56 4.47 -30.07
C ASP A 351 -17.35 4.14 -30.95
N GLU A 352 -16.58 3.12 -30.55
CA GLU A 352 -15.26 2.89 -31.13
C GLU A 352 -15.11 1.44 -31.61
N THR A 353 -14.43 1.25 -32.74
CA THR A 353 -14.14 -0.09 -33.23
C THR A 353 -12.98 -0.71 -32.45
N ALA A 354 -12.65 -1.95 -32.76
CA ALA A 354 -11.51 -2.58 -32.10
C ALA A 354 -10.19 -2.23 -32.76
N ALA A 355 -10.20 -1.34 -33.75
CA ALA A 355 -9.02 -1.07 -34.57
C ALA A 355 -7.96 -0.27 -33.81
N VAL A 356 -7.31 -0.93 -32.87
CA VAL A 356 -6.23 -0.33 -32.09
C VAL A 356 -4.99 -1.17 -32.33
N GLY A 357 -3.83 -0.51 -32.36
CA GLY A 357 -2.59 -1.19 -32.61
C GLY A 357 -2.05 -1.05 -34.02
N PHE A 358 -2.61 -0.15 -34.83
CA PHE A 358 -2.06 0.12 -36.15
C PHE A 358 -0.88 1.09 -36.02
N ASN A 359 0.11 0.63 -35.26
CA ASN A 359 1.22 1.47 -34.86
C ASN A 359 2.34 0.62 -34.26
N LEU A 360 3.51 0.63 -34.89
CA LEU A 360 4.65 -0.13 -34.40
C LEU A 360 5.69 0.75 -33.73
N SER A 361 5.28 1.93 -33.22
CA SER A 361 6.25 2.90 -32.68
C SER A 361 6.01 3.21 -31.21
N LEU A 362 5.25 2.37 -30.50
CA LEU A 362 5.00 2.58 -29.09
C LEU A 362 5.71 1.50 -28.28
N GLY A 363 5.98 1.80 -27.01
CA GLY A 363 6.61 0.83 -26.13
C GLY A 363 5.63 -0.07 -25.41
N ILE A 364 4.34 0.28 -25.46
CA ILE A 364 3.27 -0.47 -24.80
C ILE A 364 3.06 -1.81 -25.50
N GLY A 365 2.29 -2.69 -24.86
CA GLY A 365 1.96 -3.97 -25.44
C GLY A 365 3.11 -4.95 -25.37
N PHE A 366 2.82 -6.18 -25.76
CA PHE A 366 3.78 -7.27 -25.64
C PHE A 366 4.69 -7.30 -26.86
N GLU A 367 5.97 -6.98 -26.65
CA GLU A 367 7.00 -6.97 -27.69
C GLU A 367 7.77 -8.29 -27.59
N ALA A 368 7.56 -9.18 -28.56
CA ALA A 368 8.20 -10.50 -28.56
C ALA A 368 8.84 -10.73 -29.93
N GLY A 369 10.03 -10.18 -30.12
CA GLY A 369 10.73 -10.43 -31.36
C GLY A 369 10.80 -9.21 -32.26
N ASN A 370 10.24 -9.29 -33.46
CA ASN A 370 10.53 -8.24 -34.44
C ASN A 370 9.32 -7.90 -35.29
N LYS A 371 8.98 -6.61 -35.28
CA LYS A 371 7.96 -5.99 -36.09
C LYS A 371 8.48 -5.76 -37.51
N PRO A 372 7.58 -5.77 -38.50
CA PRO A 372 8.00 -5.36 -39.84
C PRO A 372 8.46 -3.92 -39.79
N LYS A 373 9.45 -3.59 -40.62
CA LYS A 373 9.96 -2.24 -40.58
C LYS A 373 9.16 -1.29 -41.46
N GLU A 374 8.12 -1.77 -42.15
CA GLU A 374 7.07 -0.88 -42.63
C GLU A 374 5.72 -1.43 -42.24
N LEU A 375 4.89 -0.55 -41.67
CA LEU A 375 3.58 -0.90 -41.13
C LEU A 375 2.55 -1.14 -42.22
N TYR A 376 2.49 -0.27 -43.25
CA TYR A 376 1.50 -0.40 -44.33
C TYR A 376 2.18 -1.07 -45.52
N SER A 377 2.08 -2.39 -45.59
CA SER A 377 2.73 -3.19 -46.62
C SER A 377 2.04 -4.53 -46.66
N GLU A 378 2.39 -5.33 -47.67
CA GLU A 378 1.75 -6.63 -47.84
C GLU A 378 2.09 -7.59 -46.70
N GLU A 379 3.21 -7.39 -46.02
CA GLU A 379 3.58 -8.19 -44.86
C GLU A 379 2.73 -7.91 -43.63
N ALA A 380 1.93 -6.84 -43.66
CA ALA A 380 1.32 -6.29 -42.45
C ALA A 380 0.39 -5.13 -42.77
N VAL A 381 -0.88 -5.20 -42.37
CA VAL A 381 -1.84 -4.14 -42.71
C VAL A 381 -1.84 -3.97 -44.22
N ASN A 382 -2.36 -4.99 -44.90
CA ASN A 382 -2.48 -4.96 -46.35
C ASN A 382 -3.93 -4.66 -46.73
N GLY A 383 -4.33 -5.12 -47.92
CA GLY A 383 -5.67 -4.83 -48.40
C GLY A 383 -6.74 -5.65 -47.71
N GLU A 384 -6.40 -6.85 -47.25
CA GLU A 384 -7.41 -7.63 -46.53
C GLU A 384 -7.53 -7.17 -45.08
N THR A 385 -6.47 -6.59 -44.52
CA THR A 385 -6.61 -5.88 -43.26
C THR A 385 -7.63 -4.75 -43.40
N GLN A 386 -7.53 -3.99 -44.50
CA GLN A 386 -8.49 -2.92 -44.75
C GLN A 386 -9.91 -3.46 -44.85
N GLN A 387 -10.08 -4.61 -45.50
CA GLN A 387 -11.41 -5.18 -45.69
C GLN A 387 -11.98 -5.72 -44.38
N ALA A 388 -11.14 -6.29 -43.53
CA ALA A 388 -11.61 -6.71 -42.20
C ALA A 388 -11.97 -5.51 -41.34
N HIS A 389 -11.15 -4.46 -41.39
CA HIS A 389 -11.47 -3.20 -40.72
C HIS A 389 -12.82 -2.67 -41.18
N LEU A 390 -13.06 -2.69 -42.49
CA LEU A 390 -14.33 -2.23 -43.03
C LEU A 390 -15.49 -3.11 -42.55
N GLN A 391 -15.26 -4.42 -42.46
CA GLN A 391 -16.26 -5.31 -41.88
C GLN A 391 -16.53 -4.99 -40.41
N ALA A 392 -15.48 -4.64 -39.65
CA ALA A 392 -15.65 -4.31 -38.24
C ALA A 392 -16.48 -3.05 -38.08
N ILE A 393 -16.28 -2.07 -38.96
CA ILE A 393 -17.08 -0.86 -38.93
C ILE A 393 -18.55 -1.18 -39.23
N LYS A 394 -18.79 -2.03 -40.22
CA LYS A 394 -20.17 -2.35 -40.60
C LYS A 394 -20.91 -3.07 -39.46
N GLU A 395 -20.24 -4.03 -38.80
CA GLU A 395 -20.89 -4.71 -37.68
C GLU A 395 -21.15 -3.76 -36.52
N LEU A 396 -20.23 -2.83 -36.26
CA LEU A 396 -20.45 -1.86 -35.19
C LEU A 396 -21.65 -0.99 -35.48
N ILE A 397 -21.69 -0.38 -36.66
CA ILE A 397 -22.80 0.51 -37.01
C ILE A 397 -24.13 -0.25 -37.03
N ALA A 398 -24.13 -1.45 -37.61
CA ALA A 398 -25.37 -2.23 -37.72
C ALA A 398 -25.94 -2.61 -36.37
N ARG A 399 -25.12 -2.59 -35.32
CA ARG A 399 -25.57 -2.95 -33.98
C ARG A 399 -26.11 -1.74 -33.22
N ASP A 400 -25.44 -0.59 -33.34
CA ASP A 400 -25.73 0.59 -32.53
C ASP A 400 -26.24 1.76 -33.36
N LYS A 401 -26.78 1.49 -34.55
CA LYS A 401 -27.31 2.54 -35.43
C LYS A 401 -28.34 3.41 -34.71
N ASN A 402 -29.29 2.78 -34.01
CA ASN A 402 -30.49 3.46 -33.51
C ASN A 402 -30.33 4.00 -32.09
N HIS A 403 -29.17 3.81 -31.46
CA HIS A 403 -28.98 4.28 -30.10
C HIS A 403 -28.89 5.80 -30.10
N PRO A 404 -29.79 6.50 -29.42
CA PRO A 404 -29.63 7.94 -29.30
C PRO A 404 -28.35 8.34 -28.58
N SER A 405 -27.84 7.52 -27.66
CA SER A 405 -26.65 7.95 -26.92
C SER A 405 -25.41 8.07 -27.79
N VAL A 406 -25.36 7.36 -28.91
CA VAL A 406 -24.15 7.39 -29.72
C VAL A 406 -24.15 8.66 -30.56
N VAL A 407 -23.13 9.49 -30.35
CA VAL A 407 -22.99 10.75 -31.07
C VAL A 407 -21.89 10.71 -32.12
N MET A 408 -20.92 9.81 -32.01
CA MET A 408 -19.86 9.69 -33.02
C MET A 408 -19.36 8.27 -33.12
N TRP A 409 -18.85 7.94 -34.29
CA TRP A 409 -18.07 6.74 -34.55
C TRP A 409 -16.57 7.05 -34.51
N SER A 410 -15.80 6.19 -33.86
CA SER A 410 -14.35 6.25 -33.91
C SER A 410 -13.86 5.03 -34.69
N ILE A 411 -13.26 5.26 -35.85
CA ILE A 411 -12.91 4.10 -36.66
C ILE A 411 -11.60 3.47 -36.22
N ALA A 412 -10.68 4.25 -35.66
CA ALA A 412 -9.42 3.71 -35.16
C ALA A 412 -8.92 4.58 -34.01
N ASN A 413 -7.92 4.06 -33.30
CA ASN A 413 -7.35 4.75 -32.13
C ASN A 413 -5.83 4.71 -32.20
N GLU A 414 -5.23 5.90 -32.29
CA GLU A 414 -3.78 6.09 -32.35
C GLU A 414 -3.08 5.23 -33.42
N PRO A 415 -3.52 5.29 -34.68
CA PRO A 415 -2.70 4.71 -35.74
C PRO A 415 -1.51 5.62 -36.02
N ASP A 416 -0.46 5.00 -36.56
CA ASP A 416 0.69 5.75 -37.04
C ASP A 416 0.37 6.27 -38.44
N THR A 417 0.28 7.60 -38.58
CA THR A 417 -0.18 8.22 -39.81
C THR A 417 0.94 8.94 -40.54
N ARG A 418 2.19 8.66 -40.20
CA ARG A 418 3.33 9.28 -40.85
C ARG A 418 3.65 8.65 -42.21
N PRO A 419 3.71 7.32 -42.32
CA PRO A 419 4.07 6.72 -43.61
C PRO A 419 3.00 7.03 -44.65
N GLN A 420 3.44 7.42 -45.85
CA GLN A 420 2.52 7.49 -46.96
C GLN A 420 1.97 6.10 -47.20
N GLY A 421 0.66 6.02 -47.40
CA GLY A 421 -0.02 4.76 -47.33
C GLY A 421 -0.84 4.59 -46.08
N ALA A 422 -0.62 5.40 -45.06
CA ALA A 422 -1.60 5.53 -44.01
C ALA A 422 -2.87 6.19 -44.53
N ARG A 423 -2.73 7.20 -45.40
CA ARG A 423 -3.90 7.83 -45.99
C ARG A 423 -4.54 6.96 -47.07
N GLU A 424 -3.74 6.15 -47.78
CA GLU A 424 -4.29 5.21 -48.74
C GLU A 424 -5.08 4.11 -48.05
N TYR A 425 -4.76 3.82 -46.79
CA TYR A 425 -5.50 2.84 -46.01
C TYR A 425 -6.77 3.45 -45.40
N PHE A 426 -6.67 4.69 -44.90
CA PHE A 426 -7.74 5.25 -44.08
C PHE A 426 -8.75 6.07 -44.88
N ALA A 427 -8.40 6.52 -46.07
CA ALA A 427 -9.37 7.31 -46.84
C ALA A 427 -10.56 6.47 -47.28
N PRO A 428 -10.39 5.25 -47.84
CA PRO A 428 -11.59 4.45 -48.15
C PRO A 428 -12.44 4.11 -46.93
N LEU A 429 -11.82 3.87 -45.77
CA LEU A 429 -12.58 3.53 -44.57
C LEU A 429 -13.43 4.71 -44.10
N ALA A 430 -12.89 5.92 -44.13
CA ALA A 430 -13.68 7.09 -43.76
C ALA A 430 -14.82 7.34 -44.75
N GLU A 431 -14.56 7.11 -46.04
CA GLU A 431 -15.62 7.30 -47.03
C GLU A 431 -16.72 6.26 -46.87
N ALA A 432 -16.34 4.99 -46.66
CA ALA A 432 -17.35 3.95 -46.49
C ALA A 432 -18.13 4.16 -45.20
N THR A 433 -17.45 4.60 -44.13
CA THR A 433 -18.15 4.87 -42.88
C THR A 433 -19.21 5.93 -43.06
N ARG A 434 -18.89 7.01 -43.78
CA ARG A 434 -19.87 8.07 -43.98
C ARG A 434 -21.11 7.54 -44.70
N LYS A 435 -20.93 6.69 -45.71
CA LYS A 435 -22.05 6.11 -46.45
C LYS A 435 -22.76 5.00 -45.67
N LEU A 436 -22.16 4.48 -44.60
CA LEU A 436 -22.85 3.53 -43.73
C LEU A 436 -23.83 4.22 -42.79
N ASP A 437 -23.46 5.39 -42.23
CA ASP A 437 -24.34 6.15 -41.36
C ASP A 437 -24.01 7.64 -41.50
N PRO A 438 -24.83 8.39 -42.26
CA PRO A 438 -24.51 9.80 -42.48
C PRO A 438 -25.18 10.75 -41.49
N THR A 439 -25.68 10.25 -40.37
CA THR A 439 -26.31 11.10 -39.38
C THR A 439 -25.44 11.39 -38.17
N ARG A 440 -24.21 10.86 -38.15
CA ARG A 440 -23.30 11.00 -37.01
C ARG A 440 -21.91 11.37 -37.51
N PRO A 441 -21.23 12.30 -36.82
CA PRO A 441 -19.83 12.58 -37.17
C PRO A 441 -18.95 11.35 -37.03
N ILE A 442 -17.79 11.41 -37.67
CA ILE A 442 -16.80 10.33 -37.63
C ILE A 442 -15.47 10.89 -37.16
N THR A 443 -14.72 10.10 -36.40
CA THR A 443 -13.41 10.51 -35.93
C THR A 443 -12.41 9.37 -36.07
N CYS A 444 -11.14 9.75 -36.07
CA CYS A 444 -10.05 8.84 -35.81
C CYS A 444 -9.20 9.44 -34.69
N VAL A 445 -8.86 8.62 -33.72
CA VAL A 445 -8.27 9.09 -32.47
C VAL A 445 -6.75 9.11 -32.63
N ASN A 446 -6.15 10.27 -32.39
CA ASN A 446 -4.85 10.62 -32.94
C ASN A 446 -3.74 10.51 -31.90
N VAL A 447 -2.61 9.89 -32.29
CA VAL A 447 -1.50 9.62 -31.38
C VAL A 447 -0.67 10.89 -31.16
N MET A 448 0.11 10.90 -30.07
CA MET A 448 0.79 12.12 -29.64
C MET A 448 1.93 12.52 -30.58
N PHE A 449 2.73 11.56 -31.05
CA PHE A 449 3.86 11.91 -31.90
C PHE A 449 3.46 12.24 -33.33
N CYS A 450 2.20 12.04 -33.71
CA CYS A 450 1.67 12.58 -34.96
C CYS A 450 1.05 13.96 -34.69
N ASP A 451 1.93 14.92 -34.42
CA ASP A 451 1.48 16.27 -34.09
C ASP A 451 0.90 16.95 -35.32
N ALA A 452 0.50 18.21 -35.15
CA ALA A 452 -0.24 18.92 -36.19
C ALA A 452 0.58 19.11 -37.46
N HIS A 453 1.90 19.12 -37.36
CA HIS A 453 2.75 19.32 -38.53
C HIS A 453 3.17 18.03 -39.19
N THR A 454 2.80 16.87 -38.65
CA THR A 454 3.19 15.59 -39.19
C THR A 454 2.01 14.73 -39.63
N ASP A 455 0.84 14.92 -39.03
CA ASP A 455 -0.30 14.07 -39.28
C ASP A 455 -0.82 14.26 -40.71
N THR A 456 -1.28 13.15 -41.32
CA THR A 456 -1.64 13.13 -42.73
C THR A 456 -3.10 12.75 -43.03
N ILE A 457 -3.91 12.39 -42.02
CA ILE A 457 -5.23 11.84 -42.28
C ILE A 457 -6.34 12.57 -41.53
N SER A 458 -6.02 13.52 -40.64
CA SER A 458 -7.04 14.13 -39.78
C SER A 458 -8.12 14.88 -40.57
N ASP A 459 -7.79 15.40 -41.76
CA ASP A 459 -8.79 16.15 -42.52
C ASP A 459 -9.92 15.26 -43.05
N LEU A 460 -9.71 13.94 -43.14
CA LEU A 460 -10.74 13.03 -43.60
C LEU A 460 -11.88 12.84 -42.61
N PHE A 461 -11.78 13.41 -41.41
CA PHE A 461 -12.75 13.18 -40.35
C PHE A 461 -13.37 14.51 -39.92
N ASP A 462 -14.42 14.41 -39.08
CA ASP A 462 -15.24 15.55 -38.72
C ASP A 462 -14.80 16.21 -37.42
N VAL A 463 -14.39 15.41 -36.44
CA VAL A 463 -13.98 15.88 -35.13
C VAL A 463 -12.55 15.41 -34.92
N LEU A 464 -11.75 16.23 -34.27
CA LEU A 464 -10.36 15.92 -33.99
C LEU A 464 -10.26 15.43 -32.55
N CYS A 465 -9.91 14.16 -32.37
CA CYS A 465 -9.73 13.57 -31.05
C CYS A 465 -8.24 13.40 -30.80
N LEU A 466 -7.75 14.01 -29.72
CA LEU A 466 -6.34 13.97 -29.37
C LEU A 466 -6.12 13.16 -28.10
N ASN A 467 -5.06 12.37 -28.09
CA ASN A 467 -4.51 11.82 -26.85
C ASN A 467 -3.13 12.42 -26.60
N ARG A 468 -3.00 13.18 -25.52
CA ARG A 468 -1.76 13.89 -25.26
C ARG A 468 -1.23 13.58 -23.86
N TYR A 469 0.08 13.37 -23.77
CA TYR A 469 0.77 13.06 -22.53
C TYR A 469 1.99 13.92 -22.34
N TYR A 470 1.91 15.19 -22.73
CA TYR A 470 2.98 16.14 -22.44
C TYR A 470 3.12 16.30 -20.94
N GLY A 471 4.35 16.16 -20.44
CA GLY A 471 4.59 16.11 -19.02
C GLY A 471 4.57 14.73 -18.44
N TRP A 472 4.17 13.71 -19.20
CA TRP A 472 4.34 12.33 -18.77
C TRP A 472 5.39 11.65 -19.63
N TYR A 473 5.01 11.27 -20.86
CA TYR A 473 5.92 10.55 -21.74
C TYR A 473 6.99 11.46 -22.35
N VAL A 474 6.69 12.75 -22.52
CA VAL A 474 7.67 13.74 -22.95
C VAL A 474 7.64 14.88 -21.94
N GLN A 475 8.75 15.60 -21.83
CA GLN A 475 8.93 16.63 -20.78
C GLN A 475 8.55 16.09 -19.42
N SER A 476 8.99 14.86 -19.15
CA SER A 476 8.53 14.14 -17.97
C SER A 476 8.83 14.90 -16.69
N GLY A 477 7.79 15.14 -15.89
CA GLY A 477 7.91 15.84 -14.63
C GLY A 477 7.84 17.35 -14.70
N ASP A 478 7.85 17.93 -15.90
CA ASP A 478 7.97 19.38 -16.07
C ASP A 478 6.59 19.95 -16.43
N LEU A 479 5.87 20.41 -15.41
CA LEU A 479 4.54 20.96 -15.65
C LEU A 479 4.60 22.31 -16.36
N GLU A 480 5.64 23.10 -16.12
CA GLU A 480 5.78 24.39 -16.77
C GLU A 480 5.99 24.23 -18.28
N THR A 481 6.89 23.33 -18.67
CA THR A 481 7.18 23.14 -20.09
C THR A 481 6.05 22.40 -20.78
N ALA A 482 5.50 21.37 -20.12
CA ALA A 482 4.36 20.65 -20.68
C ALA A 482 3.21 21.59 -21.00
N GLU A 483 3.00 22.60 -20.16
CA GLU A 483 1.94 23.56 -20.42
C GLU A 483 2.20 24.33 -21.70
N LYS A 484 3.41 24.88 -21.86
CA LYS A 484 3.79 25.55 -23.10
C LYS A 484 3.53 24.66 -24.31
N VAL A 485 4.09 23.45 -24.28
CA VAL A 485 3.98 22.54 -25.41
C VAL A 485 2.52 22.19 -25.70
N LEU A 486 1.72 22.02 -24.64
CA LEU A 486 0.33 21.59 -24.81
C LEU A 486 -0.49 22.64 -25.54
N GLU A 487 -0.47 23.89 -25.05
CA GLU A 487 -1.31 24.89 -25.69
C GLU A 487 -0.76 25.33 -27.03
N LYS A 488 0.57 25.27 -27.22
CA LYS A 488 1.14 25.52 -28.54
C LYS A 488 0.61 24.53 -29.56
N GLU A 489 0.51 23.26 -29.16
CA GLU A 489 0.07 22.21 -30.05
C GLU A 489 -1.43 22.27 -30.30
N LEU A 490 -2.21 22.59 -29.27
CA LEU A 490 -3.66 22.70 -29.42
C LEU A 490 -4.02 23.85 -30.34
N LEU A 491 -3.27 24.96 -30.26
CA LEU A 491 -3.57 26.07 -31.14
C LEU A 491 -3.15 25.78 -32.57
N ALA A 492 -2.09 25.00 -32.77
CA ALA A 492 -1.69 24.61 -34.11
C ALA A 492 -2.77 23.75 -34.78
N TRP A 493 -3.37 22.83 -34.03
CA TRP A 493 -4.47 22.04 -34.56
C TRP A 493 -5.66 22.93 -34.89
N GLN A 494 -5.92 23.93 -34.05
CA GLN A 494 -7.06 24.79 -34.31
C GLN A 494 -6.88 25.56 -35.61
N GLU A 495 -5.68 26.06 -35.88
CA GLU A 495 -5.49 26.72 -37.17
C GLU A 495 -5.59 25.71 -38.30
N LYS A 496 -4.89 24.58 -38.20
CA LYS A 496 -4.78 23.68 -39.35
C LYS A 496 -6.14 23.20 -39.83
N LEU A 497 -7.02 22.81 -38.91
CA LEU A 497 -8.24 22.09 -39.27
C LEU A 497 -9.53 22.85 -38.99
N HIS A 498 -9.56 23.69 -37.96
CA HIS A 498 -10.80 24.40 -37.60
C HIS A 498 -11.94 23.42 -37.36
N GLN A 499 -11.61 22.30 -36.75
CA GLN A 499 -12.52 21.28 -36.28
C GLN A 499 -12.72 21.43 -34.77
N PRO A 500 -13.79 20.87 -34.23
CA PRO A 500 -13.89 20.74 -32.77
C PRO A 500 -12.86 19.74 -32.23
N ILE A 501 -12.25 20.07 -31.10
CA ILE A 501 -11.19 19.26 -30.52
C ILE A 501 -11.70 18.66 -29.22
N ILE A 502 -11.79 17.33 -29.18
CA ILE A 502 -12.01 16.58 -27.93
C ILE A 502 -10.67 16.01 -27.51
N ILE A 503 -10.25 16.29 -26.28
CA ILE A 503 -9.09 15.62 -25.73
C ILE A 503 -9.57 14.26 -25.23
N THR A 504 -9.41 13.23 -26.06
CA THR A 504 -9.92 11.89 -25.75
C THR A 504 -9.13 11.14 -24.69
N GLU A 505 -7.85 11.44 -24.52
CA GLU A 505 -7.07 10.79 -23.48
C GLU A 505 -6.09 11.79 -22.91
N TYR A 506 -6.09 11.91 -21.60
CA TYR A 506 -5.01 12.57 -20.88
C TYR A 506 -5.06 12.05 -19.47
N GLY A 507 -3.94 11.55 -18.98
CA GLY A 507 -3.82 11.12 -17.60
C GLY A 507 -2.41 10.65 -17.36
N VAL A 508 -2.12 10.37 -16.09
CA VAL A 508 -0.81 9.91 -15.66
C VAL A 508 -0.96 8.72 -14.73
N ASP A 509 0.09 7.91 -14.66
CA ASP A 509 0.11 6.75 -13.76
C ASP A 509 0.23 7.19 -12.31
N THR A 510 -0.47 6.49 -11.43
CA THR A 510 -0.62 6.93 -10.05
C THR A 510 -0.77 5.71 -9.14
N LEU A 511 0.22 5.47 -8.30
CA LEU A 511 0.08 4.47 -7.25
C LEU A 511 -0.86 5.00 -6.17
N ALA A 512 -1.97 4.30 -5.93
CA ALA A 512 -2.82 4.69 -4.82
C ALA A 512 -2.02 4.55 -3.53
N GLY A 513 -1.92 5.65 -2.78
CA GLY A 513 -1.19 5.67 -1.54
C GLY A 513 0.14 6.40 -1.59
N LEU A 514 0.79 6.46 -2.76
CA LEU A 514 2.10 7.09 -2.83
C LEU A 514 1.92 8.60 -2.92
N HIS A 515 2.37 9.31 -1.89
CA HIS A 515 2.22 10.75 -1.84
C HIS A 515 3.59 11.42 -1.77
N SER A 516 3.63 12.68 -2.17
CA SER A 516 4.89 13.39 -2.32
C SER A 516 4.69 14.88 -2.06
N MET A 517 5.58 15.45 -1.24
CA MET A 517 5.68 16.90 -1.10
C MET A 517 6.37 17.57 -2.27
N TYR A 518 7.04 16.77 -3.12
CA TYR A 518 7.56 17.21 -4.41
C TYR A 518 6.60 16.62 -5.43
N THR A 519 5.82 17.47 -6.08
CA THR A 519 4.76 17.01 -6.97
C THR A 519 5.42 16.27 -8.13
N ASP A 520 5.76 15.00 -7.89
CA ASP A 520 6.61 14.22 -8.76
C ASP A 520 5.85 13.04 -9.34
N MET A 521 6.37 12.47 -10.42
CA MET A 521 5.63 11.44 -11.13
C MET A 521 5.28 10.27 -10.24
N TRP A 522 4.14 9.66 -10.52
CA TRP A 522 3.57 8.46 -9.92
C TRP A 522 2.82 8.77 -8.64
N SER A 523 2.91 9.96 -8.08
CA SER A 523 2.21 10.29 -6.85
C SER A 523 0.82 10.87 -7.13
N GLU A 524 -0.05 10.74 -6.14
CA GLU A 524 -1.40 11.29 -6.24
C GLU A 524 -1.39 12.80 -6.38
N GLU A 525 -0.41 13.45 -5.76
CA GLU A 525 -0.26 14.90 -5.90
C GLU A 525 0.07 15.29 -7.33
N TYR A 526 0.89 14.48 -8.02
CA TYR A 526 1.21 14.78 -9.41
C TYR A 526 0.00 14.64 -10.30
N GLN A 527 -0.75 13.55 -10.13
CA GLN A 527 -1.97 13.37 -10.91
C GLN A 527 -2.88 14.57 -10.79
N CYS A 528 -3.01 15.12 -9.58
CA CYS A 528 -3.87 16.28 -9.37
C CYS A 528 -3.33 17.51 -10.10
N ALA A 529 -2.06 17.84 -9.89
CA ALA A 529 -1.48 19.05 -10.48
C ALA A 529 -1.44 18.95 -11.99
N TRP A 530 -1.18 17.75 -12.50
CA TRP A 530 -1.13 17.53 -13.94
C TRP A 530 -2.51 17.73 -14.58
N LEU A 531 -3.54 17.08 -14.02
CA LEU A 531 -4.88 17.23 -14.57
C LEU A 531 -5.32 18.68 -14.52
N ASP A 532 -4.98 19.38 -13.44
CA ASP A 532 -5.42 20.77 -13.36
C ASP A 532 -4.61 21.68 -14.28
N MET A 533 -3.39 21.29 -14.66
CA MET A 533 -2.68 22.07 -15.65
C MET A 533 -3.33 21.93 -17.02
N TYR A 534 -3.62 20.68 -17.43
CA TYR A 534 -4.36 20.45 -18.67
C TYR A 534 -5.68 21.21 -18.71
N HIS A 535 -6.37 21.28 -17.57
CA HIS A 535 -7.66 21.98 -17.49
C HIS A 535 -7.51 23.47 -17.73
N ARG A 536 -6.43 24.08 -17.26
CA ARG A 536 -6.24 25.52 -17.51
C ARG A 536 -5.96 25.79 -18.98
N VAL A 537 -5.20 24.92 -19.64
CA VAL A 537 -4.97 25.10 -21.07
C VAL A 537 -6.28 24.97 -21.84
N PHE A 538 -7.04 23.89 -21.60
CA PHE A 538 -8.32 23.68 -22.27
C PHE A 538 -9.18 24.93 -22.23
N ASP A 539 -9.33 25.52 -21.04
CA ASP A 539 -10.24 26.65 -20.87
C ASP A 539 -9.83 27.84 -21.72
N ARG A 540 -8.58 27.89 -22.17
CA ARG A 540 -8.06 28.98 -22.97
C ARG A 540 -8.07 28.72 -24.46
N VAL A 541 -8.54 27.56 -24.91
CA VAL A 541 -8.56 27.21 -26.33
C VAL A 541 -10.01 26.99 -26.73
N SER A 542 -10.51 27.84 -27.62
CA SER A 542 -11.94 27.82 -27.94
C SER A 542 -12.34 26.57 -28.72
N ALA A 543 -11.42 25.99 -29.48
CA ALA A 543 -11.75 24.82 -30.27
C ALA A 543 -12.01 23.58 -29.41
N VAL A 544 -11.59 23.57 -28.15
CA VAL A 544 -11.73 22.37 -27.32
C VAL A 544 -13.18 22.27 -26.84
N VAL A 545 -13.85 21.18 -27.19
CA VAL A 545 -15.25 20.98 -26.83
C VAL A 545 -15.43 19.76 -25.96
N GLY A 546 -14.35 19.20 -25.42
CA GLY A 546 -14.50 18.04 -24.60
C GLY A 546 -13.21 17.54 -23.97
N GLU A 547 -13.34 16.91 -22.81
CA GLU A 547 -12.23 16.35 -22.05
C GLU A 547 -12.60 14.97 -21.53
N GLN A 548 -11.76 13.98 -21.80
CA GLN A 548 -12.06 12.62 -21.38
C GLN A 548 -10.78 12.04 -20.78
N VAL A 549 -10.76 12.00 -19.44
CA VAL A 549 -9.58 11.61 -18.69
C VAL A 549 -9.19 10.19 -19.06
N TRP A 550 -7.89 9.96 -19.27
CA TRP A 550 -7.52 8.60 -19.61
C TRP A 550 -7.63 7.74 -18.37
N ASN A 551 -8.63 6.90 -18.47
CA ASN A 551 -9.15 5.80 -17.69
C ASN A 551 -9.76 6.11 -16.35
N PHE A 552 -11.01 5.66 -16.34
CA PHE A 552 -11.84 5.53 -15.17
C PHE A 552 -11.16 4.70 -14.09
N ALA A 553 -10.41 3.67 -14.47
CA ALA A 553 -9.91 2.74 -13.46
C ALA A 553 -8.67 2.01 -13.98
N ASP A 554 -7.79 1.65 -13.05
CA ASP A 554 -6.65 0.81 -13.37
C ASP A 554 -7.11 -0.48 -14.06
N PHE A 555 -6.32 -0.94 -15.03
CA PHE A 555 -6.65 -2.15 -15.76
C PHE A 555 -5.39 -2.98 -16.01
N ALA A 556 -5.61 -4.22 -16.42
CA ALA A 556 -4.51 -5.14 -16.68
C ALA A 556 -3.95 -4.91 -18.08
N THR A 557 -2.63 -5.05 -18.20
CA THR A 557 -1.91 -4.94 -19.47
C THR A 557 -0.95 -6.11 -19.55
N SER A 558 -0.33 -6.31 -20.71
CA SER A 558 0.69 -7.34 -20.79
C SER A 558 1.89 -6.92 -19.95
N GLN A 559 2.64 -7.94 -19.50
CA GLN A 559 3.83 -7.70 -18.68
C GLN A 559 4.87 -6.86 -19.40
N GLY A 560 5.38 -5.85 -18.70
CA GLY A 560 6.47 -5.06 -19.21
C GLY A 560 7.01 -4.14 -18.14
N ILE A 561 8.22 -3.64 -18.37
CA ILE A 561 8.84 -2.77 -17.38
C ILE A 561 8.19 -1.39 -17.33
N LEU A 562 7.15 -1.13 -18.13
CA LEU A 562 6.45 0.16 -18.08
C LEU A 562 5.11 0.08 -17.37
N ARG A 563 4.69 -1.11 -16.94
CA ARG A 563 3.36 -1.36 -16.41
C ARG A 563 3.51 -2.07 -15.07
N VAL A 564 3.52 -1.29 -13.99
CA VAL A 564 3.60 -1.78 -12.62
C VAL A 564 2.33 -2.54 -12.25
N GLY A 565 2.28 -3.83 -12.57
CA GLY A 565 1.08 -4.61 -12.33
C GLY A 565 -0.14 -4.06 -13.04
N GLY A 566 0.03 -3.56 -14.25
CA GLY A 566 -1.04 -3.00 -15.03
C GLY A 566 -0.81 -1.52 -15.31
N ASN A 567 -1.76 -0.96 -16.05
CA ASN A 567 -1.78 0.47 -16.31
C ASN A 567 -2.40 1.17 -15.12
N LYS A 568 -1.72 2.18 -14.59
CA LYS A 568 -2.17 2.80 -13.36
C LYS A 568 -2.70 4.21 -13.55
N LYS A 569 -3.19 4.54 -14.73
CA LYS A 569 -3.69 5.88 -15.03
C LYS A 569 -5.14 6.09 -14.60
N GLY A 570 -5.75 5.14 -13.92
CA GLY A 570 -7.14 5.29 -13.57
C GLY A 570 -7.36 6.38 -12.53
N ILE A 571 -8.56 6.96 -12.56
CA ILE A 571 -8.98 7.82 -11.47
C ILE A 571 -9.37 6.98 -10.26
N PHE A 572 -9.99 5.83 -10.51
CA PHE A 572 -10.27 4.85 -9.48
C PHE A 572 -9.31 3.67 -9.61
N THR A 573 -9.17 2.92 -8.52
CA THR A 573 -8.42 1.69 -8.58
C THR A 573 -9.26 0.59 -9.23
N ARG A 574 -8.64 -0.57 -9.47
CA ARG A 574 -9.35 -1.65 -10.14
C ARG A 574 -10.54 -2.13 -9.32
N ASP A 575 -10.41 -2.14 -7.99
CA ASP A 575 -11.52 -2.41 -7.07
C ASP A 575 -12.44 -1.20 -6.86
N ARG A 576 -12.24 -0.14 -7.65
CA ARG A 576 -13.09 1.06 -7.71
C ARG A 576 -12.91 1.96 -6.50
N LYS A 577 -11.70 2.03 -5.96
CA LYS A 577 -11.62 3.00 -4.88
C LYS A 577 -10.97 4.29 -5.39
N PRO A 578 -11.46 5.44 -4.95
CA PRO A 578 -10.99 6.70 -5.54
C PRO A 578 -9.55 7.02 -5.19
N LYS A 579 -8.81 7.47 -6.18
CA LYS A 579 -7.60 8.21 -5.88
C LYS A 579 -8.00 9.65 -5.58
N SER A 580 -7.08 10.41 -4.98
CA SER A 580 -7.49 11.75 -4.57
C SER A 580 -7.78 12.67 -5.74
N ALA A 581 -7.47 12.29 -6.98
CA ALA A 581 -7.83 13.10 -8.14
C ALA A 581 -9.32 13.00 -8.46
N ALA A 582 -10.02 11.98 -7.96
CA ALA A 582 -11.45 11.86 -8.21
C ALA A 582 -12.21 13.03 -7.60
N PHE A 583 -11.69 13.58 -6.51
CA PHE A 583 -12.30 14.74 -5.89
C PHE A 583 -11.92 16.04 -6.60
N LEU A 584 -10.78 16.06 -7.28
CA LEU A 584 -10.49 17.18 -8.17
C LEU A 584 -11.53 17.25 -9.28
N LEU A 585 -11.66 16.16 -10.03
CA LEU A 585 -12.61 16.10 -11.13
C LEU A 585 -14.05 16.36 -10.67
N GLN A 586 -14.41 15.83 -9.50
CA GLN A 586 -15.78 16.03 -9.01
C GLN A 586 -16.07 17.50 -8.81
N LYS A 587 -15.13 18.25 -8.24
CA LYS A 587 -15.33 19.69 -8.07
C LYS A 587 -15.47 20.38 -9.41
N ARG A 588 -14.63 20.02 -10.38
CA ARG A 588 -14.70 20.67 -11.68
C ARG A 588 -16.00 20.32 -12.40
N TRP A 589 -16.22 19.02 -12.65
CA TRP A 589 -17.35 18.60 -13.48
C TRP A 589 -18.70 18.95 -12.87
N THR A 590 -18.85 18.88 -11.55
CA THR A 590 -20.13 19.25 -10.97
C THR A 590 -20.26 20.75 -10.76
N GLY A 591 -19.16 21.49 -10.74
CA GLY A 591 -19.23 22.94 -10.71
C GLY A 591 -19.61 23.60 -12.03
N MET A 592 -19.59 22.83 -13.12
CA MET A 592 -20.01 23.36 -14.41
C MET A 592 -21.51 23.52 -14.44
N ASN A 593 -21.97 24.50 -15.21
CA ASN A 593 -23.31 24.41 -15.75
C ASN A 593 -23.33 23.21 -16.67
N PHE A 594 -24.41 22.42 -16.61
CA PHE A 594 -24.40 21.16 -17.33
C PHE A 594 -24.16 21.37 -18.83
N GLY A 595 -23.16 20.68 -19.36
CA GLY A 595 -22.93 20.63 -20.79
C GLY A 595 -22.29 21.85 -21.41
N GLU A 596 -21.83 22.79 -20.62
CA GLU A 596 -21.22 24.00 -21.17
C GLU A 596 -19.75 24.07 -20.82
N LYS A 597 -18.97 24.69 -21.71
CA LYS A 597 -17.54 24.82 -21.51
C LYS A 597 -17.24 25.78 -20.37
N PRO A 598 -16.34 25.43 -19.43
CA PRO A 598 -15.95 26.41 -18.41
C PRO A 598 -15.42 27.68 -19.04
N GLN A 599 -16.14 28.79 -18.85
CA GLN A 599 -15.86 30.06 -19.55
C GLN A 599 -14.56 30.66 -19.03
N GLN A 600 -13.45 30.20 -19.61
CA GLN A 600 -12.07 30.64 -19.31
C GLN A 600 -11.79 30.77 -17.81
N GLY A 601 -12.67 30.24 -16.96
CA GLY A 601 -12.60 30.54 -15.54
C GLY A 601 -13.74 29.93 -14.76
N GLY A 602 -14.12 30.57 -13.65
CA GLY A 602 -15.03 30.01 -12.64
C GLY A 602 -16.07 28.97 -13.07
N HIS B 1 20.60 23.77 38.93
CA HIS B 1 21.17 24.79 38.05
C HIS B 1 21.49 24.21 36.68
N MET B 2 20.88 24.76 35.64
CA MET B 2 21.00 24.20 34.30
C MET B 2 21.16 25.30 33.28
N LEU B 3 22.15 25.16 32.39
CA LEU B 3 22.38 26.10 31.31
C LEU B 3 22.71 25.35 30.03
N ARG B 4 22.24 25.87 28.90
CA ARG B 4 22.62 25.29 27.62
C ARG B 4 24.08 25.60 27.35
N PRO B 5 24.93 24.59 27.13
CA PRO B 5 26.31 24.86 26.70
C PRO B 5 26.35 25.70 25.44
N VAL B 6 27.18 26.75 25.47
CA VAL B 6 27.43 27.64 24.35
C VAL B 6 28.95 27.72 24.18
N GLU B 7 29.38 28.20 23.01
CA GLU B 7 30.79 28.42 22.71
C GLU B 7 31.05 29.92 22.64
N THR B 8 31.55 30.48 23.75
CA THR B 8 32.12 31.83 23.84
C THR B 8 33.18 31.80 24.93
N PRO B 9 34.46 32.14 24.62
CA PRO B 9 35.58 31.81 25.53
C PRO B 9 35.34 30.61 26.43
N THR B 10 34.69 29.61 25.84
CA THR B 10 34.39 28.31 26.39
C THR B 10 34.33 27.30 25.26
N ARG B 11 34.75 26.08 25.55
CA ARG B 11 34.95 25.09 24.52
C ARG B 11 34.19 23.82 24.86
N GLU B 12 33.91 23.06 23.80
CA GLU B 12 33.19 21.80 23.88
C GLU B 12 33.81 20.77 22.95
N ILE B 13 33.87 19.53 23.42
CA ILE B 13 34.26 18.40 22.61
C ILE B 13 33.04 17.48 22.60
N LYS B 14 32.30 17.53 21.51
CA LYS B 14 31.15 16.66 21.30
C LYS B 14 31.60 15.20 21.33
N LYS B 15 31.15 14.45 22.33
CA LYS B 15 31.47 13.03 22.41
C LYS B 15 30.43 12.16 21.73
N LEU B 16 29.57 12.77 20.93
CA LEU B 16 28.51 12.09 20.21
C LEU B 16 29.02 11.15 19.15
N ASP B 17 30.33 11.04 18.97
CA ASP B 17 30.94 10.31 17.85
C ASP B 17 30.18 9.05 17.43
N GLY B 18 29.16 8.66 18.18
CA GLY B 18 28.46 7.43 17.98
C GLY B 18 29.50 6.33 18.08
N LEU B 19 29.13 5.18 17.55
CA LEU B 19 30.01 4.02 17.56
C LEU B 19 30.65 3.82 18.93
N TRP B 20 29.80 3.80 19.95
CA TRP B 20 30.20 3.34 21.28
C TRP B 20 30.13 1.81 21.33
N ALA B 21 30.75 1.25 22.36
CA ALA B 21 30.58 -0.18 22.64
C ALA B 21 29.30 -0.39 23.43
N PHE B 22 28.58 -1.45 23.10
CA PHE B 22 27.24 -1.69 23.62
C PHE B 22 27.11 -3.13 24.04
N SER B 23 26.43 -3.36 25.17
CA SER B 23 26.25 -4.70 25.67
C SER B 23 24.99 -4.76 26.52
N LEU B 24 24.27 -5.86 26.42
CA LEU B 24 23.17 -6.12 27.34
C LEU B 24 23.67 -6.87 28.57
N ASP B 25 22.77 -7.03 29.55
CA ASP B 25 23.12 -7.66 30.83
C ASP B 25 21.95 -8.51 31.31
N ARG B 26 21.70 -9.61 30.58
CA ARG B 26 20.56 -10.47 30.87
C ARG B 26 20.72 -11.23 32.18
N GLU B 27 21.96 -11.53 32.58
CA GLU B 27 22.21 -12.18 33.86
C GLU B 27 22.23 -11.18 35.02
N ASN B 28 22.15 -9.89 34.72
CA ASN B 28 22.21 -8.82 35.70
C ASN B 28 23.37 -9.01 36.68
N CYS B 29 24.56 -9.08 36.10
CA CYS B 29 25.78 -9.14 36.88
C CYS B 29 26.73 -8.00 36.55
N GLY B 30 26.35 -7.08 35.66
CA GLY B 30 27.25 -5.99 35.31
C GLY B 30 27.63 -5.14 36.50
N ILE B 31 26.70 -4.92 37.42
CA ILE B 31 27.04 -4.25 38.67
C ILE B 31 27.92 -5.15 39.54
N ASP B 32 27.67 -6.46 39.49
CA ASP B 32 28.44 -7.41 40.30
C ASP B 32 29.90 -7.42 39.91
N GLN B 33 30.21 -7.83 38.67
CA GLN B 33 31.60 -8.05 38.26
C GLN B 33 32.28 -6.79 37.70
N ARG B 34 31.77 -5.61 38.04
CA ARG B 34 32.47 -4.33 37.86
C ARG B 34 32.83 -4.10 36.38
N TRP B 35 31.81 -4.06 35.53
CA TRP B 35 32.02 -3.99 34.08
C TRP B 35 32.69 -2.70 33.63
N TRP B 36 32.59 -1.62 34.41
CA TRP B 36 33.22 -0.37 34.04
C TRP B 36 34.75 -0.41 34.14
N GLU B 37 35.31 -1.48 34.71
CA GLU B 37 36.74 -1.50 34.98
C GLU B 37 37.58 -1.84 33.75
N SER B 38 37.06 -2.68 32.85
CA SER B 38 37.77 -3.05 31.64
C SER B 38 36.85 -2.88 30.43
N ALA B 39 37.41 -3.10 29.24
CA ALA B 39 36.64 -2.99 28.01
C ALA B 39 35.47 -3.98 28.02
N LEU B 40 34.29 -3.50 27.60
CA LEU B 40 33.12 -4.36 27.50
C LEU B 40 33.46 -5.60 26.69
N GLN B 41 33.02 -6.75 27.20
CA GLN B 41 33.19 -8.03 26.54
C GLN B 41 31.93 -8.40 25.76
N GLU B 42 32.15 -9.13 24.66
CA GLU B 42 31.17 -9.43 23.63
C GLU B 42 30.22 -8.27 23.47
N SER B 43 30.77 -7.12 23.09
CA SER B 43 30.03 -5.92 22.77
C SER B 43 29.83 -5.81 21.27
N ARG B 44 29.09 -4.79 20.86
CA ARG B 44 28.93 -4.43 19.46
C ARG B 44 28.84 -2.91 19.36
N ALA B 45 28.97 -2.40 18.14
CA ALA B 45 28.96 -0.96 17.90
C ALA B 45 27.53 -0.41 17.95
N ILE B 46 27.37 0.73 18.63
CA ILE B 46 26.08 1.38 18.82
C ILE B 46 26.24 2.85 18.47
N ALA B 47 25.21 3.44 17.86
CA ALA B 47 25.27 4.85 17.53
C ALA B 47 24.67 5.67 18.67
N VAL B 48 25.32 6.79 18.95
CA VAL B 48 24.89 7.72 19.98
C VAL B 48 24.87 9.09 19.31
N PRO B 49 23.81 9.87 19.42
CA PRO B 49 22.56 9.55 20.09
C PRO B 49 21.71 8.56 19.29
N GLY B 50 20.74 7.95 19.94
CA GLY B 50 19.88 7.00 19.29
C GLY B 50 19.42 5.94 20.28
N SER B 51 18.13 5.61 20.24
CA SER B 51 17.64 4.46 20.99
C SER B 51 18.38 3.21 20.55
N PHE B 52 18.48 2.24 21.44
CA PHE B 52 19.14 0.99 21.08
C PHE B 52 18.20 -0.04 20.47
N ASN B 53 16.88 0.19 20.55
CA ASN B 53 15.91 -0.86 20.21
C ASN B 53 15.94 -1.21 18.72
N ASP B 54 15.61 -0.25 17.85
CA ASP B 54 15.47 -0.52 16.42
C ASP B 54 16.79 -0.57 15.67
N GLN B 55 17.93 -0.43 16.35
CA GLN B 55 19.18 -0.26 15.61
C GLN B 55 19.73 -1.56 15.04
N PHE B 56 19.42 -2.70 15.63
CA PHE B 56 20.01 -3.96 15.20
C PHE B 56 19.01 -4.90 14.52
N ALA B 57 17.78 -4.43 14.30
CA ALA B 57 16.75 -5.20 13.59
C ALA B 57 16.55 -6.57 14.22
N ASP B 58 16.52 -6.61 15.55
CA ASP B 58 16.29 -7.85 16.29
C ASP B 58 15.32 -7.57 17.41
N ALA B 59 14.25 -8.38 17.44
CA ALA B 59 13.16 -8.15 18.39
C ALA B 59 13.62 -8.33 19.84
N ASP B 60 14.61 -9.20 20.08
CA ASP B 60 14.99 -9.49 21.46
C ASP B 60 15.87 -8.43 22.09
N ILE B 61 16.59 -7.65 21.28
CA ILE B 61 17.16 -6.41 21.80
C ILE B 61 16.06 -5.37 21.94
N ARG B 62 15.11 -5.35 21.00
CA ARG B 62 14.07 -4.32 20.98
C ARG B 62 13.23 -4.35 22.24
N ASN B 63 12.75 -5.53 22.63
CA ASN B 63 11.90 -5.69 23.80
C ASN B 63 12.67 -6.04 25.05
N TYR B 64 13.96 -5.73 25.10
CA TYR B 64 14.75 -6.03 26.28
C TYR B 64 14.38 -5.09 27.42
N ALA B 65 14.28 -5.66 28.62
CA ALA B 65 14.03 -4.90 29.85
C ALA B 65 15.14 -5.17 30.85
N GLY B 66 15.89 -4.14 31.20
CA GLY B 66 16.99 -4.28 32.16
C GLY B 66 18.02 -3.19 31.94
N ASN B 67 19.27 -3.53 32.24
CA ASN B 67 20.39 -2.62 32.07
C ASN B 67 21.12 -2.88 30.76
N VAL B 68 21.50 -1.77 30.11
CA VAL B 68 22.33 -1.77 28.92
C VAL B 68 23.62 -1.06 29.27
N TRP B 69 24.71 -1.44 28.60
CA TRP B 69 26.02 -0.89 28.88
C TRP B 69 26.57 -0.22 27.64
N TYR B 70 26.88 1.08 27.77
CA TYR B 70 27.62 1.83 26.77
C TYR B 70 29.03 2.07 27.30
N GLN B 71 29.99 2.10 26.38
CA GLN B 71 31.38 2.34 26.76
C GLN B 71 32.10 3.05 25.62
N ARG B 72 33.03 3.94 25.99
CA ARG B 72 33.78 4.71 25.00
C ARG B 72 35.05 5.28 25.65
N GLU B 73 36.13 5.31 24.87
CA GLU B 73 37.35 6.01 25.24
C GLU B 73 37.40 7.35 24.53
N VAL B 74 38.00 8.35 25.18
CA VAL B 74 38.09 9.69 24.62
C VAL B 74 39.33 10.38 25.16
N PHE B 75 40.13 10.95 24.26
CA PHE B 75 41.30 11.71 24.66
C PHE B 75 40.90 13.12 25.07
N ILE B 76 41.38 13.55 26.24
CA ILE B 76 40.97 14.82 26.83
C ILE B 76 41.99 15.90 26.49
N PRO B 77 41.57 17.06 25.99
CA PRO B 77 42.52 18.03 25.43
C PRO B 77 43.56 18.56 26.42
N LYS B 78 44.79 18.71 25.92
CA LYS B 78 45.86 19.31 26.71
C LYS B 78 45.55 20.74 27.17
N GLY B 79 44.98 21.55 26.30
CA GLY B 79 44.91 22.99 26.55
C GLY B 79 43.81 23.38 27.50
N TRP B 80 43.26 22.39 28.20
CA TRP B 80 42.25 22.59 29.22
C TRP B 80 42.85 22.43 30.60
N ALA B 81 44.10 22.86 30.76
CA ALA B 81 44.83 22.74 32.02
C ALA B 81 44.06 23.40 33.16
N GLY B 82 44.14 24.72 33.25
CA GLY B 82 43.52 25.46 34.35
C GLY B 82 42.01 25.60 34.25
N GLN B 83 41.37 24.77 33.45
CA GLN B 83 39.94 24.90 33.23
C GLN B 83 39.16 23.82 33.98
N ARG B 84 37.92 24.16 34.31
CA ARG B 84 36.99 23.20 34.86
C ARG B 84 36.34 22.42 33.73
N ILE B 85 36.28 21.10 33.88
CA ILE B 85 35.79 20.18 32.86
C ILE B 85 34.51 19.53 33.36
N VAL B 86 33.48 19.50 32.53
CA VAL B 86 32.15 19.02 32.90
C VAL B 86 31.70 17.97 31.88
N LEU B 87 31.30 16.80 32.36
CA LEU B 87 30.73 15.77 31.50
C LEU B 87 29.21 15.87 31.57
N ARG B 88 28.57 16.00 30.43
CA ARG B 88 27.14 16.28 30.36
C ARG B 88 26.44 15.29 29.44
N PHE B 89 25.30 14.77 29.89
CA PHE B 89 24.41 13.94 29.09
C PHE B 89 23.08 14.67 28.96
N ASP B 90 22.77 15.13 27.76
CA ASP B 90 21.54 15.91 27.60
C ASP B 90 20.29 15.04 27.73
N ALA B 91 20.41 13.72 27.55
CA ALA B 91 19.34 12.80 27.91
C ALA B 91 19.81 11.36 27.87
N VAL B 92 19.72 10.66 29.01
CA VAL B 92 19.86 9.20 29.06
C VAL B 92 18.49 8.68 29.48
N THR B 93 17.88 7.87 28.63
CA THR B 93 16.44 7.68 28.77
C THR B 93 16.15 6.66 29.84
N HIS B 94 15.46 7.16 30.87
CA HIS B 94 15.04 6.58 32.13
C HIS B 94 16.22 6.69 33.08
N TYR B 95 17.06 5.68 33.25
CA TYR B 95 18.10 5.80 34.25
C TYR B 95 19.49 5.63 33.64
N GLY B 96 20.45 6.39 34.15
CA GLY B 96 21.82 6.36 33.69
C GLY B 96 22.80 6.52 34.84
N LYS B 97 23.84 5.70 34.86
CA LYS B 97 24.92 5.76 35.84
C LYS B 97 26.23 5.73 35.09
N VAL B 98 27.16 6.63 35.42
CA VAL B 98 28.37 6.82 34.62
C VAL B 98 29.60 6.57 35.49
N TRP B 99 30.63 5.99 34.87
CA TRP B 99 31.94 5.78 35.48
C TRP B 99 33.01 6.45 34.63
N VAL B 100 33.87 7.22 35.26
CA VAL B 100 35.04 7.79 34.59
C VAL B 100 36.28 7.07 35.11
N ASN B 101 36.67 5.98 34.44
CA ASN B 101 37.82 5.17 34.83
C ASN B 101 37.70 4.70 36.29
N ASN B 102 36.73 3.82 36.49
CA ASN B 102 36.42 3.17 37.78
C ASN B 102 35.89 4.13 38.84
N GLN B 103 35.44 5.32 38.46
CA GLN B 103 34.87 6.30 39.40
C GLN B 103 33.52 6.78 38.91
N GLU B 104 32.47 6.52 39.71
CA GLU B 104 31.15 7.07 39.41
C GLU B 104 31.13 8.56 39.71
N VAL B 105 30.70 9.34 38.71
CA VAL B 105 30.62 10.77 38.85
C VAL B 105 29.18 11.28 38.90
N MET B 106 28.23 10.55 38.33
CA MET B 106 26.88 11.05 38.18
C MET B 106 25.91 9.88 38.23
N GLU B 107 24.63 10.23 38.35
CA GLU B 107 23.53 9.30 38.45
C GLU B 107 22.26 10.11 38.31
N HIS B 108 21.33 9.61 37.50
CA HIS B 108 20.13 10.36 37.18
C HIS B 108 19.01 9.39 36.80
N GLN B 109 17.80 9.67 37.30
CA GLN B 109 16.59 9.00 36.83
C GLN B 109 15.63 10.07 36.32
N GLY B 110 15.21 9.91 35.06
CA GLY B 110 14.53 10.96 34.33
C GLY B 110 15.07 10.99 32.92
N GLY B 111 14.28 10.54 31.96
CA GLY B 111 14.86 10.21 30.68
C GLY B 111 14.94 11.32 29.66
N TYR B 112 14.61 12.55 30.03
CA TYR B 112 14.39 13.58 29.02
C TYR B 112 14.96 14.94 29.37
N THR B 113 15.72 15.05 30.44
CA THR B 113 16.33 16.32 30.79
C THR B 113 17.79 16.08 31.13
N PRO B 114 18.64 17.09 30.99
CA PRO B 114 20.08 16.86 31.06
C PRO B 114 20.55 16.73 32.50
N PHE B 115 21.67 16.00 32.64
CA PHE B 115 22.37 15.90 33.91
C PHE B 115 23.87 15.89 33.62
N GLU B 116 24.65 16.45 34.55
CA GLU B 116 26.08 16.65 34.36
C GLU B 116 26.81 16.48 35.69
N ALA B 117 28.13 16.35 35.59
CA ALA B 117 28.98 16.29 36.78
C ALA B 117 30.33 16.91 36.45
N ASP B 118 30.92 17.53 37.48
CA ASP B 118 32.24 18.13 37.36
C ASP B 118 33.29 17.02 37.41
N VAL B 119 34.09 16.94 36.35
CA VAL B 119 34.99 15.80 36.14
C VAL B 119 36.46 16.18 36.37
N THR B 120 36.77 17.44 36.70
CA THR B 120 38.16 17.88 36.83
C THR B 120 39.02 16.95 37.68
N PRO B 121 38.65 16.57 38.92
CA PRO B 121 39.61 15.85 39.78
C PRO B 121 39.90 14.43 39.34
N TYR B 122 39.23 13.89 38.32
CA TYR B 122 39.51 12.54 37.88
C TYR B 122 39.91 12.49 36.41
N VAL B 123 40.30 13.64 35.85
CA VAL B 123 40.69 13.75 34.46
C VAL B 123 42.07 14.40 34.38
N ILE B 124 42.92 13.85 33.51
CA ILE B 124 44.23 14.43 33.24
C ILE B 124 44.24 14.94 31.80
N ALA B 125 44.53 16.23 31.65
CA ALA B 125 44.59 16.82 30.32
C ALA B 125 45.71 16.19 29.51
N GLY B 126 45.36 15.62 28.36
CA GLY B 126 46.31 14.98 27.46
C GLY B 126 46.26 13.47 27.44
N LYS B 127 45.59 12.85 28.41
CA LYS B 127 45.52 11.40 28.52
C LYS B 127 44.14 10.91 28.11
N SER B 128 44.09 9.67 27.64
CA SER B 128 42.82 9.08 27.23
C SER B 128 42.05 8.57 28.45
N VAL B 129 40.76 8.87 28.47
CA VAL B 129 39.89 8.55 29.59
C VAL B 129 38.71 7.75 29.06
N ARG B 130 38.33 6.71 29.79
CA ARG B 130 37.29 5.77 29.37
C ARG B 130 36.00 6.02 30.13
N ILE B 131 34.89 6.09 29.39
CA ILE B 131 33.61 6.51 29.94
C ILE B 131 32.63 5.36 29.74
N THR B 132 32.19 4.77 30.85
CA THR B 132 31.22 3.70 30.87
C THR B 132 29.91 4.24 31.40
N VAL B 133 28.81 3.91 30.75
CA VAL B 133 27.48 4.34 31.17
C VAL B 133 26.57 3.11 31.28
N CYS B 134 25.94 2.96 32.43
CA CYS B 134 24.90 1.95 32.65
C CYS B 134 23.53 2.61 32.53
N VAL B 135 22.74 2.18 31.55
CA VAL B 135 21.41 2.74 31.31
C VAL B 135 20.36 1.72 31.69
N ASN B 136 19.29 2.18 32.34
CA ASN B 136 18.16 1.32 32.69
C ASN B 136 16.90 1.86 32.03
N ASN B 137 16.04 0.96 31.57
CA ASN B 137 14.85 1.33 30.82
C ASN B 137 13.57 0.87 31.51
N GLU B 138 13.61 0.66 32.81
CA GLU B 138 12.45 0.13 33.51
C GLU B 138 11.62 1.26 34.11
N LEU B 139 10.32 1.02 34.22
CA LEU B 139 9.42 1.98 34.83
C LEU B 139 8.65 1.27 35.94
N ASN B 140 8.61 1.92 37.11
CA ASN B 140 7.84 1.51 38.26
C ASN B 140 6.82 2.61 38.57
N TRP B 141 6.08 2.44 39.67
CA TRP B 141 5.01 3.39 39.99
C TRP B 141 5.52 4.74 40.46
N GLN B 142 6.82 4.87 40.73
CA GLN B 142 7.43 6.14 41.13
C GLN B 142 8.40 6.68 40.08
N THR B 143 8.37 6.13 38.87
CA THR B 143 9.05 6.76 37.74
C THR B 143 8.06 7.64 36.99
N ILE B 144 8.61 8.50 36.16
CA ILE B 144 7.81 9.40 35.32
C ILE B 144 8.29 9.20 33.90
N PRO B 145 7.56 8.46 33.03
CA PRO B 145 6.23 7.89 33.27
C PRO B 145 6.19 6.64 34.14
N PRO B 146 5.07 6.39 34.83
CA PRO B 146 4.93 5.15 35.60
C PRO B 146 4.80 3.93 34.70
N GLY B 147 4.92 2.78 35.34
CA GLY B 147 4.80 1.50 34.67
C GLY B 147 4.96 0.38 35.68
N MET B 148 4.87 -0.85 35.19
CA MET B 148 4.95 -2.03 36.04
C MET B 148 5.85 -3.05 35.40
N VAL B 149 7.01 -3.30 36.02
CA VAL B 149 7.94 -4.32 35.56
C VAL B 149 7.47 -5.67 36.05
N ILE B 150 7.25 -6.60 35.13
CA ILE B 150 6.63 -7.88 35.44
C ILE B 150 7.64 -8.98 35.18
N THR B 151 8.03 -9.66 36.26
CA THR B 151 8.93 -10.80 36.20
C THR B 151 8.15 -12.08 35.95
N ASP B 152 8.61 -12.89 35.00
CA ASP B 152 8.06 -14.22 34.82
C ASP B 152 8.73 -15.16 35.82
N GLU B 153 8.52 -16.47 35.65
CA GLU B 153 9.04 -17.46 36.58
C GLU B 153 10.54 -17.64 36.44
N ASN B 154 11.12 -17.26 35.30
CA ASN B 154 12.52 -17.48 35.00
C ASN B 154 13.36 -16.21 35.10
N GLY B 155 12.77 -15.11 35.56
CA GLY B 155 13.51 -13.89 35.77
C GLY B 155 13.61 -12.96 34.58
N LYS B 156 13.04 -13.34 33.44
CA LYS B 156 12.96 -12.42 32.31
C LYS B 156 11.87 -11.38 32.58
N LYS B 157 12.25 -10.11 32.51
CA LYS B 157 11.35 -9.02 32.81
C LYS B 157 10.67 -8.50 31.55
N LYS B 158 9.36 -8.27 31.65
CA LYS B 158 8.59 -7.63 30.61
C LYS B 158 8.04 -6.33 31.18
N GLN B 159 8.30 -5.21 30.49
CA GLN B 159 7.78 -3.93 30.95
C GLN B 159 6.36 -3.75 30.44
N SER B 160 5.44 -3.49 31.36
CA SER B 160 4.12 -2.98 31.01
C SER B 160 4.05 -1.52 31.40
N TYR B 161 3.30 -0.75 30.64
CA TYR B 161 3.14 0.67 30.87
C TYR B 161 1.78 1.06 30.34
N PHE B 162 1.43 2.33 30.47
CA PHE B 162 0.06 2.70 30.16
C PHE B 162 -0.04 3.87 29.19
N HIS B 163 1.03 4.19 28.46
CA HIS B 163 0.97 5.26 27.48
C HIS B 163 1.09 4.68 26.07
N ASP B 164 0.68 5.48 25.08
CA ASP B 164 0.47 4.99 23.72
C ASP B 164 1.69 5.11 22.82
N PHE B 165 2.86 5.43 23.34
CA PHE B 165 4.03 5.36 22.48
C PHE B 165 4.94 4.26 22.99
N PHE B 166 5.75 3.75 22.08
CA PHE B 166 6.76 2.76 22.46
C PHE B 166 7.77 3.37 23.42
N ASN B 167 8.23 2.55 24.36
CA ASN B 167 9.19 2.97 25.37
C ASN B 167 10.64 2.82 24.87
N TYR B 168 10.97 3.58 23.83
CA TYR B 168 12.36 3.63 23.36
C TYR B 168 13.27 4.12 24.48
N ALA B 169 14.44 3.50 24.59
CA ALA B 169 15.42 3.85 25.61
C ALA B 169 16.81 3.82 25.02
N GLY B 170 17.77 4.25 25.84
CA GLY B 170 19.15 4.46 25.46
C GLY B 170 19.56 5.90 25.65
N ILE B 171 20.70 6.26 25.05
CA ILE B 171 21.22 7.62 25.13
C ILE B 171 20.72 8.38 23.91
N HIS B 172 19.75 9.27 24.15
CA HIS B 172 18.89 9.82 23.10
C HIS B 172 19.35 11.15 22.55
N ARG B 173 20.14 11.91 23.29
CA ARG B 173 20.62 13.19 22.81
C ARG B 173 22.13 13.24 23.02
N SER B 174 22.67 14.46 23.04
CA SER B 174 24.07 14.66 22.77
C SER B 174 24.90 14.57 24.05
N VAL B 175 25.97 13.77 24.01
CA VAL B 175 26.90 13.63 25.11
C VAL B 175 28.11 14.50 24.82
N MET B 176 28.49 15.36 25.77
CA MET B 176 29.59 16.28 25.55
C MET B 176 30.42 16.45 26.81
N LEU B 177 31.69 16.79 26.59
CA LEU B 177 32.55 17.38 27.62
C LEU B 177 32.80 18.82 27.23
N TYR B 178 32.52 19.75 28.14
CA TYR B 178 32.77 21.17 27.89
C TYR B 178 33.56 21.76 29.03
N THR B 179 34.13 22.93 28.79
CA THR B 179 34.96 23.60 29.79
C THR B 179 34.22 24.75 30.42
N THR B 180 34.95 25.49 31.25
CA THR B 180 34.56 26.74 31.87
C THR B 180 35.73 27.20 32.74
N PRO B 181 35.90 28.50 32.93
CA PRO B 181 36.90 28.96 33.90
C PRO B 181 36.43 28.63 35.31
N ASN B 182 37.37 28.64 36.24
CA ASN B 182 37.02 28.34 37.62
C ASN B 182 36.18 29.44 38.28
N THR B 183 35.92 30.54 37.57
CA THR B 183 34.81 31.45 37.86
C THR B 183 33.83 31.41 36.71
N TRP B 184 32.55 31.18 36.99
CA TRP B 184 31.63 30.80 35.94
C TRP B 184 30.22 31.19 36.31
N VAL B 185 29.44 31.59 35.31
CA VAL B 185 28.01 31.80 35.45
C VAL B 185 27.33 30.44 35.49
N ASP B 186 26.63 30.14 36.59
CA ASP B 186 25.99 28.83 36.70
C ASP B 186 24.50 28.84 36.42
N ASP B 187 23.81 29.98 36.50
CA ASP B 187 22.39 29.98 36.24
C ASP B 187 21.96 31.40 35.92
N ILE B 188 21.05 31.53 34.95
CA ILE B 188 20.42 32.79 34.61
C ILE B 188 18.92 32.60 34.60
N THR B 189 18.20 33.59 35.13
CA THR B 189 16.75 33.67 35.02
C THR B 189 16.41 35.04 34.47
N VAL B 190 15.53 35.09 33.47
CA VAL B 190 15.09 36.35 32.86
C VAL B 190 13.57 36.37 32.77
N VAL B 191 12.97 37.47 33.20
CA VAL B 191 11.53 37.68 33.08
C VAL B 191 11.30 39.01 32.36
N THR B 192 10.29 39.03 31.48
CA THR B 192 10.02 40.15 30.60
C THR B 192 8.56 40.55 30.77
N HIS B 193 8.34 41.84 31.09
CA HIS B 193 7.02 42.40 31.38
C HIS B 193 6.59 43.35 30.29
N VAL B 194 5.34 43.24 29.82
CA VAL B 194 4.91 44.03 28.68
C VAL B 194 3.64 44.82 29.03
N ALA B 195 3.59 46.09 28.53
CA ALA B 195 2.68 47.19 28.93
C ALA B 195 2.29 47.93 27.63
N GLN B 196 1.47 47.26 26.82
CA GLN B 196 0.88 47.85 25.61
C GLN B 196 1.94 48.32 24.59
N ASP B 197 3.06 47.58 24.54
CA ASP B 197 3.91 47.46 23.36
C ASP B 197 4.74 48.70 23.07
N CYS B 198 5.21 49.40 24.12
CA CYS B 198 6.08 50.55 23.89
C CYS B 198 7.25 50.71 24.83
N ASN B 199 7.25 50.09 26.02
CA ASN B 199 8.39 50.21 26.93
C ASN B 199 8.31 49.15 27.99
N HIS B 200 9.42 48.43 28.18
CA HIS B 200 9.39 47.28 29.07
C HIS B 200 10.68 46.93 29.77
N ALA B 201 10.48 46.15 30.81
CA ALA B 201 11.38 45.92 31.93
C ALA B 201 11.75 44.46 31.88
N SER B 202 13.04 44.19 31.78
CA SER B 202 13.50 42.80 31.79
C SER B 202 14.16 42.49 33.14
N VAL B 203 13.38 41.93 34.08
CA VAL B 203 13.96 41.54 35.37
C VAL B 203 15.01 40.48 35.10
N ASP B 204 16.22 40.73 35.60
CA ASP B 204 17.32 39.81 35.49
C ASP B 204 17.62 39.28 36.87
N TRP B 205 17.96 37.99 36.94
CA TRP B 205 18.66 37.49 38.11
C TRP B 205 19.49 36.29 37.71
N GLN B 206 20.70 36.28 38.26
CA GLN B 206 21.79 35.44 37.84
C GLN B 206 22.40 34.82 39.08
N VAL B 207 22.68 33.52 39.05
CA VAL B 207 23.48 32.95 40.13
C VAL B 207 24.84 32.59 39.54
N VAL B 208 25.74 33.58 39.54
CA VAL B 208 27.15 33.28 39.28
C VAL B 208 27.69 32.55 40.49
N ALA B 209 28.51 31.54 40.25
CA ALA B 209 29.25 30.96 41.35
C ALA B 209 30.17 32.01 41.95
N ASN B 210 31.15 32.51 41.19
CA ASN B 210 32.32 33.06 41.84
C ASN B 210 32.73 34.44 41.32
N GLY B 211 31.77 35.31 41.02
CA GLY B 211 32.18 36.61 40.52
C GLY B 211 31.10 37.65 40.63
N ASP B 212 31.53 38.91 40.55
CA ASP B 212 30.60 40.01 40.30
C ASP B 212 30.09 39.92 38.86
N VAL B 213 28.90 40.46 38.63
CA VAL B 213 28.32 40.41 37.29
C VAL B 213 27.94 41.80 36.83
N SER B 214 28.27 42.09 35.58
CA SER B 214 27.60 43.08 34.77
C SER B 214 26.84 42.34 33.68
N VAL B 215 25.75 42.95 33.24
CA VAL B 215 24.94 42.41 32.16
C VAL B 215 24.92 43.43 31.05
N GLU B 216 24.80 42.98 29.81
CA GLU B 216 24.61 43.89 28.69
C GLU B 216 23.67 43.25 27.69
N LEU B 217 22.67 44.01 27.27
CA LEU B 217 21.60 43.53 26.39
C LEU B 217 21.86 44.06 24.99
N ARG B 218 22.13 43.17 24.04
CA ARG B 218 22.37 43.56 22.66
C ARG B 218 21.24 43.08 21.78
N ASP B 219 21.03 43.78 20.68
CA ASP B 219 19.94 43.47 19.77
C ASP B 219 20.44 42.55 18.66
N ALA B 220 19.60 42.34 17.65
CA ALA B 220 19.98 41.49 16.53
C ALA B 220 21.14 42.06 15.75
N ASP B 221 21.36 43.38 15.84
CA ASP B 221 22.50 44.05 15.21
C ASP B 221 23.71 44.12 16.14
N GLN B 222 23.66 43.41 17.27
CA GLN B 222 24.76 43.32 18.22
C GLN B 222 25.20 44.69 18.73
N GLN B 223 24.28 45.66 18.72
CA GLN B 223 24.52 46.96 19.34
C GLN B 223 23.95 46.96 20.75
N VAL B 224 24.70 47.57 21.68
CA VAL B 224 24.30 47.56 23.09
C VAL B 224 23.12 48.50 23.27
N VAL B 225 22.08 48.01 23.95
CA VAL B 225 20.90 48.81 24.25
C VAL B 225 20.71 49.03 25.74
N ALA B 226 21.42 48.31 26.61
CA ALA B 226 21.21 48.48 28.04
C ALA B 226 22.30 47.73 28.78
N THR B 227 22.74 48.32 29.90
CA THR B 227 23.77 47.77 30.76
C THR B 227 23.22 47.67 32.18
N GLY B 228 23.83 46.78 32.99
CA GLY B 228 23.41 46.63 34.37
C GLY B 228 24.50 45.95 35.19
N GLN B 229 24.39 46.11 36.51
CA GLN B 229 25.35 45.52 37.45
C GLN B 229 24.61 44.77 38.55
N GLY B 230 25.34 43.91 39.24
CA GLY B 230 24.83 43.25 40.43
C GLY B 230 24.35 41.83 40.19
N THR B 231 24.63 40.93 41.15
CA THR B 231 24.33 39.50 41.06
C THR B 231 22.90 39.22 40.63
N SER B 232 22.06 40.22 40.70
CA SER B 232 20.63 40.05 40.55
C SER B 232 20.06 41.44 40.38
N GLY B 233 18.74 41.55 40.52
CA GLY B 233 18.12 42.84 40.71
C GLY B 233 18.47 43.77 39.59
N THR B 234 18.73 43.17 38.44
CA THR B 234 18.91 43.94 37.22
C THR B 234 17.56 44.09 36.57
N LEU B 235 17.16 45.31 36.33
CA LEU B 235 15.97 45.53 35.51
C LEU B 235 16.25 46.66 34.55
N GLN B 236 16.12 46.36 33.26
CA GLN B 236 16.59 47.26 32.20
C GLN B 236 15.39 47.77 31.43
N VAL B 237 15.46 49.02 31.02
CA VAL B 237 14.32 49.69 30.41
C VAL B 237 14.61 49.91 28.92
N VAL B 238 13.65 49.55 28.07
CA VAL B 238 13.85 49.40 26.62
C VAL B 238 12.75 50.19 25.90
N ASN B 239 12.93 50.41 24.60
CA ASN B 239 11.83 50.76 23.69
C ASN B 239 11.85 49.75 22.56
N PRO B 240 11.02 48.70 22.64
CA PRO B 240 11.47 47.36 22.24
C PRO B 240 11.07 46.88 20.86
N HIS B 241 11.67 45.76 20.47
CA HIS B 241 11.25 44.96 19.34
C HIS B 241 10.76 43.64 19.92
N LEU B 242 9.44 43.52 20.05
CA LEU B 242 8.83 42.42 20.77
C LEU B 242 9.08 41.09 20.06
N TRP B 243 9.19 40.02 20.85
CA TRP B 243 9.22 38.66 20.30
C TRP B 243 7.79 38.28 19.93
N GLN B 244 7.56 38.09 18.63
CA GLN B 244 6.21 37.87 18.13
C GLN B 244 6.09 36.52 17.44
N PRO B 245 4.95 35.82 17.64
CA PRO B 245 4.65 34.66 16.79
C PRO B 245 4.77 35.03 15.32
N GLY B 246 5.62 34.29 14.59
CA GLY B 246 5.91 34.63 13.22
C GLY B 246 7.36 35.01 12.98
N GLU B 247 7.85 35.99 13.73
CA GLU B 247 9.22 36.49 13.52
C GLU B 247 10.19 36.00 14.58
N GLY B 248 9.87 36.16 15.87
CA GLY B 248 10.76 35.75 16.93
C GLY B 248 12.03 36.55 17.07
N TYR B 249 11.90 37.87 17.17
CA TYR B 249 13.05 38.73 17.37
C TYR B 249 13.70 38.44 18.73
N LEU B 250 14.98 38.14 18.72
CA LEU B 250 15.70 37.70 19.91
C LEU B 250 16.80 38.71 20.22
N TYR B 251 16.68 39.35 21.38
CA TYR B 251 17.80 40.10 21.91
C TYR B 251 18.86 39.12 22.43
N GLU B 252 19.98 39.66 22.90
CA GLU B 252 21.06 38.85 23.47
C GLU B 252 21.49 39.44 24.81
N LEU B 253 21.53 38.59 25.84
CA LEU B 253 21.92 39.01 27.18
C LEU B 253 23.30 38.43 27.48
N CYS B 254 24.31 39.29 27.48
CA CYS B 254 25.68 38.88 27.80
C CYS B 254 25.89 39.05 29.30
N VAL B 255 26.10 37.95 30.00
CA VAL B 255 26.32 37.95 31.44
C VAL B 255 27.80 37.76 31.69
N THR B 256 28.40 38.71 32.39
CA THR B 256 29.81 38.70 32.70
C THR B 256 30.03 38.18 34.13
N ALA B 257 30.94 37.23 34.29
CA ALA B 257 31.33 36.73 35.61
C ALA B 257 32.82 36.99 35.76
N LYS B 258 33.17 38.12 36.38
CA LYS B 258 34.57 38.52 36.52
C LYS B 258 35.01 38.36 37.97
N SER B 259 36.03 37.54 38.16
CA SER B 259 36.76 37.44 39.41
C SER B 259 38.04 38.26 39.29
N GLN B 260 38.86 38.23 40.35
CA GLN B 260 40.15 38.90 40.30
C GLN B 260 40.98 38.40 39.13
N THR B 261 41.18 37.10 39.04
CA THR B 261 42.09 36.52 38.06
C THR B 261 41.41 36.16 36.74
N GLU B 262 40.21 35.60 36.78
CA GLU B 262 39.61 35.04 35.58
C GLU B 262 38.33 35.77 35.21
N CYS B 263 37.72 35.29 34.13
CA CYS B 263 36.61 35.93 33.45
C CYS B 263 35.76 34.86 32.80
N ASP B 264 34.45 35.07 32.75
CA ASP B 264 33.58 34.16 32.04
C ASP B 264 32.40 34.94 31.48
N ILE B 265 32.06 34.65 30.22
CA ILE B 265 31.00 35.37 29.52
C ILE B 265 30.04 34.34 28.94
N TYR B 266 28.75 34.55 29.19
CA TYR B 266 27.72 33.64 28.70
C TYR B 266 26.67 34.42 27.93
N PRO B 267 26.45 34.11 26.63
CA PRO B 267 25.37 34.77 25.88
C PRO B 267 24.06 34.00 25.94
N LEU B 268 23.03 34.59 26.53
CA LEU B 268 21.72 33.97 26.64
C LEU B 268 20.73 34.71 25.75
N ARG B 269 20.01 33.96 24.93
CA ARG B 269 19.03 34.55 24.01
C ARG B 269 17.75 34.91 24.76
N VAL B 270 17.30 36.14 24.57
CA VAL B 270 16.19 36.68 25.35
C VAL B 270 15.12 37.15 24.38
N GLY B 271 13.91 36.60 24.52
CA GLY B 271 12.76 37.09 23.79
C GLY B 271 11.90 37.96 24.69
N ILE B 272 11.56 39.14 24.19
CA ILE B 272 10.75 40.10 24.94
C ILE B 272 9.29 39.90 24.56
N ARG B 273 8.51 39.40 25.52
CA ARG B 273 7.21 38.84 25.22
C ARG B 273 6.49 38.57 26.53
N SER B 274 5.19 38.82 26.55
CA SER B 274 4.35 38.57 27.71
C SER B 274 3.24 37.59 27.33
N VAL B 275 2.97 36.63 28.22
CA VAL B 275 1.88 35.69 28.03
C VAL B 275 0.92 35.81 29.20
N ALA B 276 -0.38 35.80 28.90
CA ALA B 276 -1.38 36.01 29.92
C ALA B 276 -2.70 35.40 29.48
N VAL B 277 -3.36 34.78 30.43
CA VAL B 277 -4.70 34.24 30.25
C VAL B 277 -5.66 35.25 30.86
N LYS B 278 -6.47 35.91 30.02
CA LYS B 278 -7.45 36.88 30.52
C LYS B 278 -8.80 36.56 29.88
N GLY B 279 -9.79 36.29 30.71
CA GLY B 279 -11.09 35.84 30.24
C GLY B 279 -10.99 34.48 29.56
N GLU B 280 -11.58 34.33 28.39
CA GLU B 280 -11.41 33.11 27.62
C GLU B 280 -10.37 33.26 26.52
N GLN B 281 -9.49 34.26 26.64
CA GLN B 281 -8.48 34.57 25.65
C GLN B 281 -7.09 34.27 26.20
N PHE B 282 -6.23 33.72 25.34
CA PHE B 282 -4.82 33.50 25.65
C PHE B 282 -4.04 34.59 24.92
N LEU B 283 -3.62 35.61 25.68
CA LEU B 283 -3.01 36.80 25.11
C LEU B 283 -1.51 36.65 25.07
N ILE B 284 -0.93 36.83 23.88
CA ILE B 284 0.51 36.99 23.71
C ILE B 284 0.75 38.45 23.36
N ASN B 285 1.54 39.12 24.19
CA ASN B 285 1.77 40.57 24.08
C ASN B 285 0.45 41.32 23.95
N HIS B 286 -0.49 40.95 24.83
CA HIS B 286 -1.77 41.62 25.04
C HIS B 286 -2.72 41.54 23.86
N LYS B 287 -2.50 40.56 22.97
CA LYS B 287 -3.37 40.35 21.82
C LYS B 287 -3.87 38.92 21.84
N PRO B 288 -5.14 38.67 21.49
CA PRO B 288 -5.65 37.29 21.49
C PRO B 288 -5.01 36.47 20.38
N PHE B 289 -4.62 35.26 20.74
CA PHE B 289 -3.88 34.37 19.87
C PHE B 289 -4.70 33.11 19.63
N TYR B 290 -4.56 32.54 18.44
CA TYR B 290 -5.21 31.28 18.10
C TYR B 290 -4.15 30.26 17.74
N PHE B 291 -4.06 29.20 18.52
CA PHE B 291 -3.09 28.14 18.25
C PHE B 291 -3.54 27.28 17.07
N THR B 292 -2.60 26.96 16.19
CA THR B 292 -2.79 25.93 15.17
C THR B 292 -1.58 25.01 15.20
N GLY B 293 -1.77 23.75 14.81
CA GLY B 293 -0.62 22.88 14.70
C GLY B 293 -0.78 21.46 15.20
N PHE B 294 0.21 20.98 15.96
CA PHE B 294 0.38 19.55 16.15
C PHE B 294 0.72 19.19 17.58
N GLY B 295 0.31 17.98 17.97
CA GLY B 295 1.03 17.22 18.97
C GLY B 295 2.08 16.41 18.22
N ARG B 296 3.30 16.43 18.73
CA ARG B 296 4.38 15.76 18.03
C ARG B 296 4.88 14.54 18.81
N HIS B 297 5.97 13.97 18.33
CA HIS B 297 6.65 12.90 19.01
C HIS B 297 8.10 12.96 18.55
N GLU B 298 9.02 12.58 19.42
CA GLU B 298 10.39 12.36 18.99
C GLU B 298 10.44 10.91 18.55
N ASP B 299 10.16 10.67 17.27
CA ASP B 299 9.97 9.33 16.72
C ASP B 299 10.38 9.36 15.26
N ALA B 300 11.22 8.40 14.87
CA ALA B 300 11.69 8.26 13.49
C ALA B 300 11.96 6.77 13.26
N ASP B 301 12.49 6.42 12.10
CA ASP B 301 12.39 5.03 11.67
C ASP B 301 13.43 4.13 12.34
N LEU B 302 14.71 4.46 12.29
CA LEU B 302 15.68 3.55 12.89
C LEU B 302 16.44 4.11 14.06
N ARG B 303 16.29 5.40 14.35
CA ARG B 303 16.90 6.00 15.53
C ARG B 303 15.93 6.09 16.70
N GLY B 304 14.68 5.64 16.52
CA GLY B 304 13.71 5.73 17.59
C GLY B 304 13.51 7.19 17.97
N LYS B 305 13.69 7.49 19.25
CA LYS B 305 13.62 8.85 19.75
C LYS B 305 14.97 9.55 19.70
N GLY B 306 15.96 8.98 19.01
CA GLY B 306 17.24 9.65 18.85
C GLY B 306 17.08 10.98 18.15
N PHE B 307 17.70 12.03 18.70
CA PHE B 307 17.69 13.32 18.04
C PHE B 307 18.43 13.25 16.71
N ASP B 308 18.03 14.09 15.77
CA ASP B 308 18.68 14.13 14.47
C ASP B 308 18.43 15.45 13.77
N ASN B 309 19.48 16.01 13.16
CA ASN B 309 19.39 17.39 12.66
C ASN B 309 18.63 17.49 11.34
N VAL B 310 18.88 16.56 10.40
CA VAL B 310 18.10 16.55 9.17
C VAL B 310 16.62 16.40 9.49
N LEU B 311 16.28 15.52 10.43
CA LEU B 311 14.88 15.28 10.77
C LEU B 311 14.23 16.52 11.36
N MET B 312 15.02 17.35 12.06
CA MET B 312 14.45 18.55 12.65
C MET B 312 14.27 19.66 11.62
N VAL B 313 15.21 19.79 10.67
CA VAL B 313 15.06 20.79 9.63
C VAL B 313 13.87 20.45 8.73
N HIS B 314 13.72 19.18 8.38
CA HIS B 314 12.65 18.78 7.45
C HIS B 314 11.28 18.91 8.07
N ASP B 315 11.12 18.51 9.33
CA ASP B 315 9.82 18.61 9.99
C ASP B 315 9.41 20.06 10.22
N HIS B 316 10.37 20.95 10.40
CA HIS B 316 10.01 22.37 10.48
C HIS B 316 9.69 22.95 9.12
N ALA B 317 10.35 22.47 8.05
CA ALA B 317 9.92 22.81 6.71
C ALA B 317 8.45 22.44 6.49
N LEU B 318 8.04 21.24 6.96
CA LEU B 318 6.67 20.80 6.76
C LEU B 318 5.71 21.61 7.63
N MET B 319 6.04 21.78 8.92
CA MET B 319 5.18 22.56 9.80
C MET B 319 5.05 24.00 9.32
N ASP B 320 6.09 24.56 8.70
CA ASP B 320 5.95 25.88 8.11
C ASP B 320 5.06 25.84 6.87
N TRP B 321 5.22 24.81 6.05
CA TRP B 321 4.41 24.71 4.85
C TRP B 321 2.92 24.59 5.17
N ILE B 322 2.58 23.74 6.14
CA ILE B 322 1.17 23.45 6.38
C ILE B 322 0.46 24.59 7.10
N GLY B 323 1.19 25.59 7.61
CA GLY B 323 0.57 26.73 8.25
C GLY B 323 0.47 26.66 9.75
N ALA B 324 1.16 25.72 10.38
CA ALA B 324 1.11 25.59 11.83
C ALA B 324 1.93 26.69 12.51
N ASN B 325 1.40 27.21 13.61
CA ASN B 325 2.09 28.22 14.40
C ASN B 325 2.50 27.72 15.79
N SER B 326 2.12 26.50 16.17
CA SER B 326 2.29 26.01 17.52
C SER B 326 2.51 24.50 17.52
N TYR B 327 3.06 23.99 18.63
CA TYR B 327 2.95 22.57 18.92
C TYR B 327 3.10 22.33 20.43
N ARG B 328 2.83 21.09 20.83
CA ARG B 328 2.99 20.64 22.21
C ARG B 328 4.06 19.54 22.23
N THR B 329 5.03 19.66 23.14
CA THR B 329 6.02 18.60 23.31
C THR B 329 5.32 17.37 23.89
N SER B 330 4.59 16.66 23.02
CA SER B 330 3.71 15.58 23.48
C SER B 330 4.46 14.54 24.28
N HIS B 331 4.20 14.53 25.59
CA HIS B 331 4.39 13.46 26.56
C HIS B 331 5.78 13.41 27.18
N TYR B 332 6.70 14.31 26.82
CA TYR B 332 8.00 14.39 27.47
C TYR B 332 8.67 15.68 27.02
N PRO B 333 9.65 16.18 27.76
CA PRO B 333 10.42 17.32 27.27
C PRO B 333 11.23 16.95 26.05
N TYR B 334 11.28 17.87 25.09
CA TYR B 334 12.01 17.64 23.86
C TYR B 334 13.46 18.09 24.00
N ALA B 335 14.24 17.84 22.94
CA ALA B 335 15.59 18.36 22.89
C ALA B 335 15.56 19.88 22.92
N GLU B 336 16.63 20.47 23.41
CA GLU B 336 16.66 21.92 23.48
C GLU B 336 16.86 22.56 22.12
N GLU B 337 17.44 21.81 21.17
CA GLU B 337 17.54 22.30 19.79
C GLU B 337 16.16 22.67 19.26
N MET B 338 15.16 21.87 19.60
CA MET B 338 13.78 22.14 19.14
C MET B 338 13.27 23.45 19.70
N LEU B 339 13.51 23.72 20.97
CA LEU B 339 12.99 24.94 21.57
C LEU B 339 13.84 26.14 21.22
N ASP B 340 15.13 25.92 20.94
CA ASP B 340 15.95 27.00 20.40
C ASP B 340 15.50 27.38 19.01
N TRP B 341 15.12 26.38 18.20
CA TRP B 341 14.55 26.66 16.88
C TRP B 341 13.26 27.47 16.99
N ALA B 342 12.36 27.05 17.88
CA ALA B 342 11.13 27.80 18.08
C ALA B 342 11.40 29.22 18.52
N ASP B 343 12.45 29.43 19.34
CA ASP B 343 12.86 30.78 19.73
C ASP B 343 13.24 31.63 18.52
N GLU B 344 14.02 31.06 17.59
CA GLU B 344 14.49 31.82 16.43
C GLU B 344 13.36 32.15 15.47
N HIS B 345 12.48 31.19 15.19
CA HIS B 345 11.46 31.33 14.17
C HIS B 345 10.09 31.70 14.75
N GLY B 346 10.03 32.10 16.02
CA GLY B 346 8.78 32.54 16.61
C GLY B 346 7.65 31.52 16.60
N ILE B 347 7.96 30.29 17.02
CA ILE B 347 7.00 29.20 17.11
C ILE B 347 6.53 29.08 18.56
N VAL B 348 5.22 29.08 18.78
CA VAL B 348 4.63 28.97 20.11
C VAL B 348 4.64 27.51 20.53
N VAL B 349 5.07 27.23 21.77
CA VAL B 349 5.29 25.87 22.25
C VAL B 349 4.66 25.66 23.62
N ILE B 350 3.85 24.61 23.75
CA ILE B 350 3.39 24.13 25.04
C ILE B 350 4.37 23.06 25.52
N ASP B 351 4.99 23.30 26.67
CA ASP B 351 5.97 22.38 27.21
C ASP B 351 5.29 21.40 28.15
N GLU B 352 5.77 20.15 28.14
CA GLU B 352 5.05 19.07 28.80
C GLU B 352 6.03 18.21 29.59
N THR B 353 5.63 17.77 30.79
CA THR B 353 6.43 16.79 31.51
C THR B 353 6.18 15.39 30.96
N ALA B 354 6.88 14.40 31.52
CA ALA B 354 6.75 13.02 31.07
C ALA B 354 5.64 12.28 31.79
N ALA B 355 4.83 12.99 32.58
CA ALA B 355 3.80 12.36 33.41
C ALA B 355 2.60 12.00 32.54
N VAL B 356 2.75 10.90 31.80
CA VAL B 356 1.69 10.34 30.97
C VAL B 356 1.41 8.93 31.47
N GLY B 357 0.15 8.54 31.39
CA GLY B 357 -0.22 7.22 31.86
C GLY B 357 -0.61 7.15 33.31
N PHE B 358 -0.99 8.28 33.92
CA PHE B 358 -1.64 8.25 35.24
C PHE B 358 -3.12 7.94 35.04
N ASN B 359 -3.36 6.77 34.46
CA ASN B 359 -4.67 6.34 34.01
C ASN B 359 -4.63 4.87 33.63
N LEU B 360 -5.41 4.03 34.32
CA LEU B 360 -5.47 2.61 34.02
C LEU B 360 -6.80 2.20 33.41
N SER B 361 -7.49 3.12 32.74
CA SER B 361 -8.77 2.84 32.10
C SER B 361 -8.71 2.88 30.58
N LEU B 362 -7.52 2.93 29.98
CA LEU B 362 -7.36 2.97 28.54
C LEU B 362 -6.82 1.64 28.03
N GLY B 363 -7.29 1.21 26.85
CA GLY B 363 -6.72 0.03 26.21
C GLY B 363 -5.35 0.28 25.63
N ILE B 364 -4.99 1.55 25.50
CA ILE B 364 -3.67 2.07 25.17
C ILE B 364 -2.60 1.41 26.02
N GLY B 365 -1.41 1.22 25.45
CA GLY B 365 -0.26 0.73 26.20
C GLY B 365 0.01 -0.75 26.02
N PHE B 366 0.75 -1.30 26.98
CA PHE B 366 1.06 -2.72 27.05
C PHE B 366 0.38 -3.32 28.29
N GLU B 367 -0.31 -4.44 28.08
CA GLU B 367 -1.17 -5.07 29.06
C GLU B 367 -0.66 -6.49 29.36
N ALA B 368 0.50 -6.57 30.02
CA ALA B 368 1.16 -7.86 30.28
C ALA B 368 1.10 -8.26 31.75
N GLY B 369 -0.05 -8.02 32.41
CA GLY B 369 -0.23 -8.42 33.79
C GLY B 369 -1.65 -8.22 34.29
N ASN B 370 -1.78 -7.53 35.42
CA ASN B 370 -3.07 -7.10 35.94
C ASN B 370 -2.87 -5.73 36.56
N LYS B 371 -3.65 -4.76 36.13
CA LYS B 371 -3.49 -3.42 36.66
C LYS B 371 -4.07 -3.30 38.06
N PRO B 372 -3.48 -2.45 38.90
CA PRO B 372 -4.01 -2.25 40.26
C PRO B 372 -5.47 -1.80 40.24
N LYS B 373 -6.16 -2.07 41.35
CA LYS B 373 -7.59 -1.80 41.41
C LYS B 373 -7.89 -0.33 41.71
N GLU B 374 -6.92 0.46 42.17
CA GLU B 374 -7.14 1.89 42.42
C GLU B 374 -5.86 2.63 42.10
N LEU B 375 -6.00 3.67 41.28
CA LEU B 375 -4.83 4.35 40.73
C LEU B 375 -4.12 5.18 41.80
N TYR B 376 -4.87 5.94 42.59
CA TYR B 376 -4.31 6.84 43.60
C TYR B 376 -4.33 6.11 44.95
N SER B 377 -3.22 5.45 45.26
CA SER B 377 -3.11 4.57 46.42
C SER B 377 -1.64 4.40 46.78
N GLU B 378 -1.39 3.67 47.86
CA GLU B 378 -0.02 3.43 48.26
C GLU B 378 0.70 2.48 47.31
N GLU B 379 -0.05 1.59 46.63
CA GLU B 379 0.59 0.67 45.69
C GLU B 379 0.94 1.33 44.37
N ALA B 380 0.32 2.45 44.05
CA ALA B 380 0.45 3.06 42.73
C ALA B 380 0.12 4.54 42.86
N VAL B 381 0.98 5.40 42.33
CA VAL B 381 0.79 6.84 42.43
C VAL B 381 0.59 7.21 43.90
N ASN B 382 1.67 7.18 44.67
CA ASN B 382 1.65 7.50 46.09
C ASN B 382 2.31 8.84 46.33
N GLY B 383 2.78 9.06 47.56
CA GLY B 383 3.43 10.31 47.89
C GLY B 383 4.76 10.47 47.20
N GLU B 384 5.40 9.35 46.84
CA GLU B 384 6.69 9.39 46.19
C GLU B 384 6.55 9.55 44.69
N THR B 385 5.53 8.95 44.09
CA THR B 385 5.12 9.31 42.75
C THR B 385 4.89 10.82 42.66
N GLN B 386 4.33 11.42 43.71
CA GLN B 386 4.11 12.85 43.72
C GLN B 386 5.43 13.61 43.81
N GLN B 387 6.38 13.11 44.59
CA GLN B 387 7.68 13.79 44.70
C GLN B 387 8.48 13.62 43.42
N ALA B 388 8.44 12.42 42.83
CA ALA B 388 9.07 12.23 41.53
C ALA B 388 8.45 13.14 40.49
N HIS B 389 7.13 13.32 40.55
CA HIS B 389 6.43 14.21 39.63
C HIS B 389 6.85 15.65 39.88
N LEU B 390 6.92 16.06 41.15
CA LEU B 390 7.43 17.41 41.43
C LEU B 390 8.83 17.57 40.88
N GLN B 391 9.72 16.61 41.18
CA GLN B 391 11.09 16.65 40.67
C GLN B 391 11.11 16.82 39.16
N ALA B 392 10.21 16.13 38.43
CA ALA B 392 10.21 16.26 36.98
C ALA B 392 9.74 17.62 36.54
N ILE B 393 8.85 18.26 37.30
CA ILE B 393 8.40 19.60 36.95
C ILE B 393 9.53 20.61 37.20
N LYS B 394 10.31 20.44 38.28
CA LYS B 394 11.39 21.39 38.54
C LYS B 394 12.50 21.28 37.50
N GLU B 395 12.92 20.06 37.14
CA GLU B 395 13.95 19.92 36.12
C GLU B 395 13.47 20.48 34.79
N LEU B 396 12.21 20.23 34.44
CA LEU B 396 11.68 20.75 33.18
C LEU B 396 11.68 22.28 33.16
N ILE B 397 11.12 22.91 34.20
CA ILE B 397 11.15 24.37 34.29
C ILE B 397 12.58 24.88 34.37
N ALA B 398 13.46 24.16 35.07
CA ALA B 398 14.85 24.63 35.26
C ALA B 398 15.63 24.67 33.95
N ARG B 399 15.17 23.97 32.92
CA ARG B 399 15.88 23.97 31.65
C ARG B 399 15.31 24.97 30.66
N ASP B 400 13.99 25.13 30.66
CA ASP B 400 13.30 25.91 29.62
C ASP B 400 12.73 27.21 30.16
N LYS B 401 13.24 27.66 31.30
CA LYS B 401 12.63 28.80 31.97
C LYS B 401 12.63 30.06 31.09
N ASN B 402 13.73 30.31 30.38
CA ASN B 402 13.91 31.55 29.66
C ASN B 402 13.62 31.44 28.17
N HIS B 403 13.15 30.31 27.68
CA HIS B 403 12.78 30.20 26.28
C HIS B 403 11.50 31.01 26.02
N PRO B 404 11.54 32.06 25.21
CA PRO B 404 10.32 32.84 24.96
C PRO B 404 9.27 32.07 24.20
N SER B 405 9.62 30.99 23.52
CA SER B 405 8.64 30.24 22.75
C SER B 405 7.75 29.37 23.63
N VAL B 406 8.17 29.09 24.86
CA VAL B 406 7.34 28.29 25.76
C VAL B 406 6.29 29.21 26.37
N VAL B 407 5.03 28.88 26.17
CA VAL B 407 3.93 29.70 26.61
C VAL B 407 3.15 29.07 27.75
N MET B 408 3.30 27.77 27.98
CA MET B 408 2.52 27.04 28.97
C MET B 408 3.32 25.83 29.43
N TRP B 409 3.09 25.45 30.69
CA TRP B 409 3.55 24.18 31.22
C TRP B 409 2.39 23.18 31.27
N SER B 410 2.62 21.99 30.76
CA SER B 410 1.67 20.88 30.90
C SER B 410 2.15 19.97 32.03
N ILE B 411 1.38 19.91 33.12
CA ILE B 411 1.82 19.13 34.26
C ILE B 411 1.66 17.64 34.00
N ALA B 412 0.59 17.24 33.32
CA ALA B 412 0.34 15.83 33.04
C ALA B 412 -0.56 15.74 31.83
N ASN B 413 -0.64 14.53 31.25
CA ASN B 413 -1.44 14.28 30.06
C ASN B 413 -2.44 13.18 30.35
N GLU B 414 -3.72 13.53 30.32
CA GLU B 414 -4.83 12.59 30.46
C GLU B 414 -4.74 11.70 31.69
N PRO B 415 -4.58 12.26 32.89
CA PRO B 415 -4.75 11.44 34.08
C PRO B 415 -6.23 11.13 34.27
N ASP B 416 -6.48 10.01 34.96
CA ASP B 416 -7.84 9.66 35.35
C ASP B 416 -8.19 10.45 36.61
N THR B 417 -9.11 11.40 36.49
CA THR B 417 -9.43 12.31 37.58
C THR B 417 -10.80 12.03 38.20
N ARG B 418 -11.34 10.84 37.98
CA ARG B 418 -12.58 10.47 38.66
C ARG B 418 -12.35 10.05 40.10
N PRO B 419 -11.31 9.27 40.40
CA PRO B 419 -11.17 8.80 41.78
C PRO B 419 -10.78 9.95 42.71
N GLN B 420 -11.44 10.01 43.87
CA GLN B 420 -10.97 10.92 44.91
C GLN B 420 -9.55 10.56 45.28
N GLY B 421 -8.73 11.58 45.50
CA GLY B 421 -7.30 11.42 45.59
C GLY B 421 -6.56 11.88 44.36
N ALA B 422 -7.23 11.90 43.20
CA ALA B 422 -6.66 12.60 42.05
C ALA B 422 -6.42 14.06 42.39
N ARG B 423 -7.35 14.69 43.11
CA ARG B 423 -7.13 16.05 43.55
C ARG B 423 -6.19 16.13 44.75
N GLU B 424 -6.19 15.12 45.63
CA GLU B 424 -5.20 15.06 46.70
C GLU B 424 -3.79 15.01 46.16
N TYR B 425 -3.62 14.46 44.94
CA TYR B 425 -2.32 14.34 44.30
C TYR B 425 -1.98 15.57 43.46
N PHE B 426 -2.94 16.06 42.67
CA PHE B 426 -2.62 17.07 41.67
C PHE B 426 -2.66 18.49 42.20
N ALA B 427 -3.46 18.77 43.23
CA ALA B 427 -3.48 20.12 43.78
C ALA B 427 -2.12 20.56 44.28
N PRO B 428 -1.38 19.78 45.11
CA PRO B 428 -0.06 20.27 45.56
C PRO B 428 0.95 20.56 44.44
N LEU B 429 0.96 19.75 43.36
CA LEU B 429 1.91 19.97 42.26
C LEU B 429 1.48 21.12 41.36
N ALA B 430 0.19 21.45 41.34
CA ALA B 430 -0.28 22.63 40.61
C ALA B 430 0.15 23.91 41.31
N GLU B 431 0.06 23.97 42.64
CA GLU B 431 0.53 25.17 43.31
C GLU B 431 2.04 25.23 43.36
N ALA B 432 2.70 24.08 43.51
CA ALA B 432 4.16 24.06 43.51
C ALA B 432 4.72 24.46 42.15
N THR B 433 4.04 24.10 41.06
CA THR B 433 4.50 24.55 39.74
C THR B 433 4.33 26.05 39.58
N ARG B 434 3.22 26.60 40.07
CA ARG B 434 3.02 28.03 40.01
C ARG B 434 4.04 28.78 40.85
N LYS B 435 4.51 28.17 41.95
CA LYS B 435 5.58 28.78 42.72
C LYS B 435 6.95 28.59 42.07
N LEU B 436 7.09 27.62 41.17
CA LEU B 436 8.34 27.41 40.43
C LEU B 436 8.48 28.38 39.28
N ASP B 437 7.38 28.69 38.61
CA ASP B 437 7.40 29.61 37.46
C ASP B 437 6.04 30.29 37.40
N PRO B 438 5.92 31.49 37.96
CA PRO B 438 4.64 32.22 37.93
C PRO B 438 4.43 33.11 36.71
N THR B 439 5.30 33.04 35.70
CA THR B 439 5.19 33.93 34.54
C THR B 439 4.45 33.31 33.37
N ARG B 440 4.14 32.00 33.42
CA ARG B 440 3.47 31.28 32.35
C ARG B 440 2.23 30.56 32.87
N PRO B 441 1.15 30.53 32.10
CA PRO B 441 -0.03 29.78 32.52
C PRO B 441 0.27 28.29 32.66
N ILE B 442 -0.63 27.61 33.35
CA ILE B 442 -0.44 26.23 33.73
C ILE B 442 -1.62 25.38 33.29
N THR B 443 -1.35 24.18 32.78
CA THR B 443 -2.42 23.35 32.26
C THR B 443 -2.20 21.90 32.64
N CYS B 444 -3.28 21.14 32.56
CA CYS B 444 -3.26 19.68 32.60
C CYS B 444 -4.17 19.19 31.49
N VAL B 445 -3.71 18.23 30.71
CA VAL B 445 -4.41 17.81 29.50
C VAL B 445 -5.43 16.74 29.86
N ASN B 446 -6.69 16.96 29.47
CA ASN B 446 -7.82 16.25 30.03
C ASN B 446 -8.27 15.11 29.11
N VAL B 447 -8.51 13.92 29.71
CA VAL B 447 -8.90 12.72 28.97
C VAL B 447 -10.38 12.78 28.61
N MET B 448 -10.76 12.02 27.58
CA MET B 448 -12.09 12.15 26.99
C MET B 448 -13.19 11.70 27.96
N PHE B 449 -13.01 10.58 28.67
CA PHE B 449 -14.08 10.07 29.52
C PHE B 449 -14.23 10.80 30.85
N CYS B 450 -13.36 11.77 31.15
CA CYS B 450 -13.59 12.72 32.23
C CYS B 450 -14.27 13.98 31.69
N ASP B 451 -15.56 13.84 31.39
CA ASP B 451 -16.36 14.90 30.80
C ASP B 451 -16.51 16.06 31.79
N ALA B 452 -17.21 17.12 31.39
CA ALA B 452 -17.33 18.28 32.28
C ALA B 452 -18.11 17.96 33.54
N HIS B 453 -18.97 16.93 33.50
CA HIS B 453 -19.74 16.53 34.67
C HIS B 453 -18.97 15.63 35.62
N THR B 454 -17.79 15.15 35.23
CA THR B 454 -17.09 14.13 35.98
C THR B 454 -15.70 14.53 36.43
N ASP B 455 -15.06 15.48 35.74
CA ASP B 455 -13.68 15.83 36.03
C ASP B 455 -13.57 16.59 37.35
N THR B 456 -12.50 16.34 38.10
CA THR B 456 -12.37 16.84 39.47
C THR B 456 -11.28 17.89 39.68
N ILE B 457 -10.38 18.11 38.72
CA ILE B 457 -9.15 18.85 39.01
C ILE B 457 -8.90 20.00 38.03
N SER B 458 -9.72 20.10 36.98
CA SER B 458 -9.46 21.09 35.93
C SER B 458 -9.57 22.54 36.44
N ASP B 459 -10.30 22.79 37.53
CA ASP B 459 -10.36 24.16 38.02
C ASP B 459 -9.05 24.64 38.65
N LEU B 460 -8.08 23.75 38.87
CA LEU B 460 -6.80 24.17 39.45
C LEU B 460 -5.86 24.78 38.44
N PHE B 461 -6.24 24.84 37.16
CA PHE B 461 -5.34 25.22 36.09
C PHE B 461 -5.91 26.42 35.34
N ASP B 462 -5.06 27.04 34.51
CA ASP B 462 -5.44 28.30 33.88
C ASP B 462 -6.12 28.10 32.55
N VAL B 463 -5.62 27.17 31.73
CA VAL B 463 -6.15 26.90 30.41
C VAL B 463 -6.65 25.47 30.39
N LEU B 464 -7.80 25.25 29.77
CA LEU B 464 -8.39 23.93 29.62
C LEU B 464 -7.86 23.28 28.35
N CYS B 465 -7.18 22.14 28.49
CA CYS B 465 -6.62 21.40 27.37
C CYS B 465 -7.39 20.09 27.21
N LEU B 466 -8.04 19.93 26.06
CA LEU B 466 -8.94 18.81 25.81
C LEU B 466 -8.35 17.86 24.76
N ASN B 467 -8.56 16.57 24.97
CA ASN B 467 -8.30 15.56 23.96
C ASN B 467 -9.61 14.86 23.67
N ARG B 468 -10.12 15.01 22.45
CA ARG B 468 -11.42 14.47 22.10
C ARG B 468 -11.34 13.58 20.87
N TYR B 469 -12.13 12.50 20.89
CA TYR B 469 -12.17 11.50 19.83
C TYR B 469 -13.61 11.05 19.59
N TYR B 470 -14.55 11.99 19.63
CA TYR B 470 -15.93 11.65 19.30
C TYR B 470 -16.01 11.30 17.82
N GLY B 471 -16.74 10.23 17.51
CA GLY B 471 -16.73 9.70 16.17
C GLY B 471 -15.63 8.70 15.89
N TRP B 472 -14.68 8.51 16.81
CA TRP B 472 -13.68 7.46 16.68
C TRP B 472 -13.86 6.39 17.73
N TYR B 473 -13.39 6.66 18.95
CA TYR B 473 -13.52 5.71 20.04
C TYR B 473 -14.96 5.59 20.55
N VAL B 474 -15.77 6.64 20.39
CA VAL B 474 -17.19 6.60 20.72
C VAL B 474 -17.95 7.23 19.56
N GLN B 475 -19.20 6.81 19.39
CA GLN B 475 -20.02 7.13 18.22
C GLN B 475 -19.29 6.80 16.92
N SER B 476 -18.61 5.66 16.91
CA SER B 476 -17.67 5.37 15.83
C SER B 476 -18.35 5.42 14.47
N GLY B 477 -17.78 6.23 13.58
CA GLY B 477 -18.29 6.38 12.23
C GLY B 477 -19.37 7.42 12.06
N ASP B 478 -20.04 7.84 13.14
CA ASP B 478 -21.24 8.66 13.03
C ASP B 478 -20.88 10.14 13.17
N LEU B 479 -20.59 10.78 12.03
CA LEU B 479 -20.17 12.17 12.04
C LEU B 479 -21.27 13.08 12.56
N GLU B 480 -22.52 12.85 12.17
CA GLU B 480 -23.60 13.76 12.53
C GLU B 480 -23.93 13.66 14.03
N THR B 481 -23.90 12.47 14.61
CA THR B 481 -24.05 12.34 16.07
C THR B 481 -22.82 12.90 16.78
N ALA B 482 -21.63 12.64 16.26
CA ALA B 482 -20.42 13.16 16.89
C ALA B 482 -20.44 14.68 16.96
N GLU B 483 -20.86 15.35 15.88
CA GLU B 483 -20.91 16.81 15.91
C GLU B 483 -21.77 17.30 17.07
N LYS B 484 -22.90 16.63 17.33
CA LYS B 484 -23.75 17.07 18.43
C LYS B 484 -23.09 16.83 19.78
N VAL B 485 -22.49 15.65 19.98
CA VAL B 485 -21.84 15.35 21.26
C VAL B 485 -20.69 16.32 21.52
N LEU B 486 -19.88 16.60 20.50
CA LEU B 486 -18.74 17.50 20.67
C LEU B 486 -19.18 18.93 20.98
N GLU B 487 -20.19 19.44 20.25
CA GLU B 487 -20.61 20.81 20.51
C GLU B 487 -21.26 20.92 21.89
N LYS B 488 -22.03 19.90 22.29
CA LYS B 488 -22.63 19.91 23.63
C LYS B 488 -21.54 19.89 24.69
N GLU B 489 -20.52 19.04 24.51
CA GLU B 489 -19.45 18.94 25.49
C GLU B 489 -18.65 20.23 25.61
N LEU B 490 -18.31 20.85 24.47
CA LEU B 490 -17.49 22.07 24.50
C LEU B 490 -18.25 23.24 25.10
N LEU B 491 -19.55 23.36 24.82
CA LEU B 491 -20.32 24.44 25.45
C LEU B 491 -20.47 24.21 26.95
N ALA B 492 -20.58 22.96 27.38
CA ALA B 492 -20.64 22.66 28.81
C ALA B 492 -19.33 23.05 29.50
N TRP B 493 -18.20 22.67 28.91
CA TRP B 493 -16.90 23.02 29.47
C TRP B 493 -16.73 24.52 29.59
N GLN B 494 -17.10 25.27 28.55
CA GLN B 494 -16.99 26.73 28.61
C GLN B 494 -17.84 27.31 29.73
N GLU B 495 -19.09 26.83 29.88
CA GLU B 495 -20.00 27.41 30.85
C GLU B 495 -19.54 27.10 32.29
N LYS B 496 -18.95 25.92 32.51
CA LYS B 496 -18.58 25.52 33.87
C LYS B 496 -17.31 26.20 34.34
N LEU B 497 -16.32 26.36 33.45
CA LEU B 497 -15.00 26.87 33.83
C LEU B 497 -14.71 28.29 33.37
N HIS B 498 -15.24 28.70 32.22
CA HIS B 498 -14.97 30.02 31.64
C HIS B 498 -13.47 30.26 31.49
N GLN B 499 -12.74 29.19 31.20
CA GLN B 499 -11.33 29.22 30.86
C GLN B 499 -11.17 29.26 29.35
N PRO B 500 -9.98 29.57 28.86
CA PRO B 500 -9.69 29.30 27.44
C PRO B 500 -9.58 27.81 27.23
N ILE B 501 -9.98 27.38 26.02
CA ILE B 501 -10.05 25.98 25.67
C ILE B 501 -9.15 25.75 24.45
N ILE B 502 -8.14 24.92 24.63
CA ILE B 502 -7.33 24.40 23.53
C ILE B 502 -7.65 22.92 23.37
N ILE B 503 -7.95 22.51 22.14
CA ILE B 503 -8.02 21.09 21.84
C ILE B 503 -6.62 20.66 21.43
N THR B 504 -5.97 19.90 22.30
CA THR B 504 -4.58 19.50 22.13
C THR B 504 -4.43 18.16 21.43
N GLU B 505 -5.52 17.40 21.30
CA GLU B 505 -5.50 16.13 20.57
C GLU B 505 -6.86 15.94 19.92
N TYR B 506 -6.91 15.98 18.58
CA TYR B 506 -8.04 15.43 17.84
C TYR B 506 -7.51 14.85 16.53
N GLY B 507 -7.85 13.59 16.27
CA GLY B 507 -7.39 12.90 15.08
C GLY B 507 -7.98 11.51 15.02
N VAL B 508 -7.79 10.86 13.87
CA VAL B 508 -8.31 9.52 13.64
C VAL B 508 -7.23 8.71 12.91
N ASP B 509 -7.19 7.41 13.17
CA ASP B 509 -6.23 6.54 12.52
C ASP B 509 -6.52 6.47 11.03
N THR B 510 -5.48 6.51 10.20
CA THR B 510 -5.67 6.61 8.75
C THR B 510 -4.57 5.87 8.02
N LEU B 511 -4.92 4.76 7.38
CA LEU B 511 -3.98 4.07 6.49
C LEU B 511 -3.72 4.93 5.24
N ALA B 512 -2.45 5.29 5.01
CA ALA B 512 -2.13 5.96 3.76
C ALA B 512 -2.37 5.01 2.60
N GLY B 513 -3.24 5.40 1.67
CA GLY B 513 -3.58 4.60 0.51
C GLY B 513 -4.95 3.97 0.55
N LEU B 514 -5.55 3.82 1.74
CA LEU B 514 -6.90 3.29 1.86
C LEU B 514 -7.91 4.39 1.58
N HIS B 515 -8.68 4.23 0.51
CA HIS B 515 -9.64 5.22 0.08
C HIS B 515 -11.04 4.61 0.06
N SER B 516 -12.05 5.44 0.28
CA SER B 516 -13.41 4.92 0.39
C SER B 516 -14.40 5.92 -0.15
N MET B 517 -15.39 5.43 -0.90
CA MET B 517 -16.49 6.25 -1.36
C MET B 517 -17.53 6.49 -0.28
N TYR B 518 -17.47 5.73 0.81
CA TYR B 518 -18.43 5.80 1.89
C TYR B 518 -17.92 6.58 3.09
N THR B 519 -16.76 7.23 2.95
CA THR B 519 -16.04 7.90 4.03
C THR B 519 -16.06 7.04 5.30
N ASP B 520 -15.32 5.94 5.26
CA ASP B 520 -15.24 4.97 6.35
C ASP B 520 -14.07 5.27 7.25
N MET B 521 -14.22 4.90 8.52
CA MET B 521 -13.08 4.83 9.42
C MET B 521 -11.89 4.16 8.75
N TRP B 522 -10.70 4.71 9.00
CA TRP B 522 -9.40 4.26 8.54
C TRP B 522 -9.11 4.73 7.12
N SER B 523 -10.01 5.41 6.45
CA SER B 523 -9.75 5.94 5.13
C SER B 523 -9.31 7.40 5.20
N GLU B 524 -8.56 7.80 4.16
CA GLU B 524 -8.11 9.18 4.08
C GLU B 524 -9.28 10.15 3.94
N GLU B 525 -10.37 9.71 3.31
CA GLU B 525 -11.55 10.55 3.17
C GLU B 525 -12.24 10.78 4.51
N TYR B 526 -12.21 9.76 5.39
CA TYR B 526 -12.74 9.94 6.73
C TYR B 526 -11.94 10.95 7.53
N GLN B 527 -10.62 10.78 7.55
CA GLN B 527 -9.76 11.75 8.21
C GLN B 527 -10.15 13.17 7.82
N CYS B 528 -10.36 13.39 6.52
CA CYS B 528 -10.67 14.73 6.03
C CYS B 528 -12.03 15.20 6.56
N ALA B 529 -13.07 14.39 6.38
CA ALA B 529 -14.39 14.77 6.85
C ALA B 529 -14.37 14.99 8.36
N TRP B 530 -13.72 14.09 9.07
CA TRP B 530 -13.71 14.15 10.53
C TRP B 530 -13.04 15.42 11.02
N LEU B 531 -11.86 15.74 10.47
CA LEU B 531 -11.20 16.98 10.83
C LEU B 531 -12.06 18.19 10.49
N ASP B 532 -12.72 18.17 9.33
CA ASP B 532 -13.48 19.36 8.95
C ASP B 532 -14.75 19.53 9.77
N MET B 533 -15.38 18.43 10.20
CA MET B 533 -16.52 18.55 11.11
C MET B 533 -16.07 19.14 12.44
N TYR B 534 -14.96 18.66 13.00
CA TYR B 534 -14.42 19.26 14.22
C TYR B 534 -14.17 20.75 14.03
N HIS B 535 -13.69 21.15 12.84
CA HIS B 535 -13.35 22.55 12.62
C HIS B 535 -14.59 23.43 12.58
N ARG B 536 -15.71 22.91 12.08
CA ARG B 536 -16.95 23.68 12.11
C ARG B 536 -17.49 23.85 13.53
N VAL B 537 -17.24 22.88 14.40
CA VAL B 537 -17.65 23.03 15.79
C VAL B 537 -16.78 24.08 16.48
N PHE B 538 -15.46 23.96 16.35
CA PHE B 538 -14.56 24.93 16.98
C PHE B 538 -15.01 26.34 16.66
N ASP B 539 -15.21 26.63 15.38
CA ASP B 539 -15.46 27.99 14.92
C ASP B 539 -16.75 28.56 15.48
N ARG B 540 -17.60 27.73 16.09
CA ARG B 540 -18.86 28.17 16.69
C ARG B 540 -18.80 28.30 18.21
N VAL B 541 -17.64 28.07 18.83
CA VAL B 541 -17.50 28.13 20.29
C VAL B 541 -16.41 29.14 20.62
N SER B 542 -16.82 30.27 21.21
CA SER B 542 -15.90 31.40 21.39
C SER B 542 -14.73 31.06 22.30
N ALA B 543 -14.95 30.22 23.30
CA ALA B 543 -13.90 29.91 24.27
C ALA B 543 -12.75 29.12 23.69
N VAL B 544 -12.87 28.59 22.47
CA VAL B 544 -11.82 27.78 21.86
C VAL B 544 -10.77 28.71 21.25
N VAL B 545 -9.54 28.63 21.76
CA VAL B 545 -8.45 29.47 21.29
C VAL B 545 -7.32 28.65 20.70
N GLY B 546 -7.56 27.39 20.41
CA GLY B 546 -6.49 26.59 19.86
C GLY B 546 -6.95 25.25 19.36
N GLU B 547 -6.29 24.76 18.30
CA GLU B 547 -6.55 23.45 17.72
C GLU B 547 -5.20 22.82 17.40
N GLN B 548 -4.97 21.61 17.91
CA GLN B 548 -3.71 20.93 17.67
C GLN B 548 -4.01 19.51 17.25
N VAL B 549 -3.77 19.20 15.97
CA VAL B 549 -4.17 17.91 15.42
C VAL B 549 -3.39 16.82 16.12
N TRP B 550 -4.07 15.74 16.50
CA TRP B 550 -3.30 14.67 17.11
C TRP B 550 -2.56 13.92 16.00
N ASN B 551 -1.30 13.65 16.34
CA ASN B 551 -0.02 13.70 15.65
C ASN B 551 0.17 14.21 14.22
N PHE B 552 1.29 14.93 14.13
CA PHE B 552 2.01 15.29 12.92
C PHE B 552 2.40 14.07 12.07
N ALA B 553 2.76 12.94 12.69
CA ALA B 553 3.30 11.82 11.92
C ALA B 553 3.02 10.51 12.65
N ASP B 554 2.89 9.44 11.86
CA ASP B 554 2.70 8.11 12.45
C ASP B 554 3.91 7.75 13.29
N PHE B 555 3.67 7.03 14.39
CA PHE B 555 4.72 6.72 15.34
C PHE B 555 4.48 5.34 15.92
N ALA B 556 5.56 4.75 16.44
CA ALA B 556 5.54 3.38 16.93
C ALA B 556 4.92 3.30 18.31
N THR B 557 4.15 2.24 18.53
CA THR B 557 3.51 1.91 19.79
C THR B 557 3.88 0.49 20.15
N SER B 558 3.46 0.05 21.33
CA SER B 558 3.62 -1.36 21.62
C SER B 558 2.55 -2.16 20.89
N GLN B 559 2.80 -3.46 20.76
CA GLN B 559 1.91 -4.33 20.00
C GLN B 559 0.55 -4.45 20.67
N GLY B 560 -0.50 -4.52 19.84
CA GLY B 560 -1.85 -4.59 20.36
C GLY B 560 -2.84 -4.58 19.21
N ILE B 561 -4.02 -5.15 19.47
CA ILE B 561 -5.01 -5.34 18.41
C ILE B 561 -5.62 -3.99 17.98
N LEU B 562 -5.23 -2.91 18.64
CA LEU B 562 -5.71 -1.57 18.32
C LEU B 562 -4.70 -0.76 17.53
N ARG B 563 -3.50 -1.30 17.30
CA ARG B 563 -2.35 -0.58 16.78
C ARG B 563 -1.76 -1.33 15.58
N VAL B 564 -2.24 -1.01 14.39
CA VAL B 564 -1.73 -1.59 13.15
C VAL B 564 -0.32 -1.08 12.87
N GLY B 565 0.69 -1.79 13.39
CA GLY B 565 2.08 -1.36 13.25
C GLY B 565 2.32 0.06 13.72
N GLY B 566 1.76 0.43 14.84
CA GLY B 566 1.91 1.78 15.36
C GLY B 566 0.60 2.52 15.35
N ASN B 567 0.67 3.75 15.86
CA ASN B 567 -0.47 4.65 15.85
C ASN B 567 -0.47 5.42 14.54
N LYS B 568 -1.62 5.45 13.87
CA LYS B 568 -1.68 5.98 12.52
C LYS B 568 -2.50 7.26 12.41
N LYS B 569 -2.65 8.01 13.50
CA LYS B 569 -3.40 9.26 13.44
C LYS B 569 -2.57 10.41 12.86
N GLY B 570 -1.39 10.13 12.31
CA GLY B 570 -0.57 11.19 11.77
C GLY B 570 -1.20 11.86 10.57
N ILE B 571 -0.87 13.14 10.41
CA ILE B 571 -1.18 13.82 9.17
C ILE B 571 -0.20 13.38 8.08
N PHE B 572 1.08 13.17 8.46
CA PHE B 572 2.12 12.60 7.60
C PHE B 572 2.42 11.16 8.03
N THR B 573 3.03 10.40 7.12
CA THR B 573 3.48 9.05 7.46
C THR B 573 4.77 9.11 8.28
N ARG B 574 5.26 7.95 8.71
CA ARG B 574 6.50 7.93 9.49
C ARG B 574 7.68 8.45 8.68
N ASP B 575 7.73 8.16 7.38
CA ASP B 575 8.79 8.72 6.53
C ASP B 575 8.42 10.10 5.98
N ARG B 576 7.41 10.73 6.58
CA ARG B 576 7.06 12.14 6.35
C ARG B 576 6.41 12.35 5.00
N LYS B 577 5.56 11.41 4.59
CA LYS B 577 4.82 11.68 3.35
C LYS B 577 3.40 12.11 3.67
N PRO B 578 2.85 13.09 2.96
CA PRO B 578 1.57 13.67 3.39
C PRO B 578 0.38 12.78 3.05
N LYS B 579 -0.52 12.62 4.02
CA LYS B 579 -1.81 12.05 3.68
C LYS B 579 -2.69 13.16 3.10
N SER B 580 -3.84 12.76 2.56
CA SER B 580 -4.74 13.73 1.92
C SER B 580 -5.12 14.86 2.88
N ALA B 581 -5.27 14.55 4.17
CA ALA B 581 -5.68 15.55 5.14
C ALA B 581 -4.65 16.66 5.28
N ALA B 582 -3.39 16.43 4.89
CA ALA B 582 -2.37 17.46 4.98
C ALA B 582 -2.71 18.67 4.14
N PHE B 583 -3.35 18.45 2.99
CA PHE B 583 -3.79 19.56 2.17
C PHE B 583 -5.06 20.19 2.71
N LEU B 584 -5.86 19.45 3.49
CA LEU B 584 -6.98 20.05 4.19
C LEU B 584 -6.50 21.09 5.19
N LEU B 585 -5.56 20.70 6.05
CA LEU B 585 -5.06 21.61 7.07
C LEU B 585 -4.35 22.81 6.45
N GLN B 586 -3.58 22.58 5.40
CA GLN B 586 -2.86 23.67 4.77
C GLN B 586 -3.81 24.74 4.24
N LYS B 587 -4.93 24.32 3.67
CA LYS B 587 -5.89 25.31 3.20
C LYS B 587 -6.53 26.08 4.34
N ARG B 588 -6.76 25.43 5.49
CA ARG B 588 -7.34 26.13 6.62
C ARG B 588 -6.33 27.06 7.28
N TRP B 589 -5.15 26.53 7.65
CA TRP B 589 -4.22 27.28 8.48
C TRP B 589 -3.51 28.39 7.72
N THR B 590 -3.38 28.27 6.40
CA THR B 590 -2.83 29.37 5.63
C THR B 590 -3.92 30.31 5.11
N GLY B 591 -5.18 29.91 5.16
CA GLY B 591 -6.26 30.78 4.76
C GLY B 591 -6.70 31.75 5.84
N MET B 592 -6.50 31.39 7.10
CA MET B 592 -6.75 32.31 8.19
C MET B 592 -5.64 33.35 8.24
N ASN B 593 -5.97 34.54 8.73
CA ASN B 593 -4.92 35.49 9.04
C ASN B 593 -4.14 34.98 10.24
N PHE B 594 -2.87 35.38 10.31
CA PHE B 594 -1.96 34.72 11.25
C PHE B 594 -2.36 34.98 12.69
N GLY B 595 -2.45 33.90 13.47
CA GLY B 595 -2.64 33.94 14.90
C GLY B 595 -4.02 34.31 15.37
N GLU B 596 -5.02 34.37 14.49
CA GLU B 596 -6.34 34.86 14.85
C GLU B 596 -7.41 33.81 14.54
N LYS B 597 -8.45 33.79 15.37
CA LYS B 597 -9.47 32.77 15.26
C LYS B 597 -10.36 33.00 14.03
N PRO B 598 -10.64 31.98 13.23
CA PRO B 598 -11.60 32.14 12.12
C PRO B 598 -12.97 32.55 12.64
N GLN B 599 -13.48 33.66 12.10
CA GLN B 599 -14.70 34.25 12.65
C GLN B 599 -15.95 33.49 12.20
N GLN B 600 -15.80 32.18 11.94
CA GLN B 600 -16.87 31.25 11.53
C GLN B 600 -17.14 31.42 10.05
N GLY B 601 -16.34 32.23 9.35
CA GLY B 601 -16.47 32.43 7.91
C GLY B 601 -15.15 32.34 7.19
N GLY B 602 -15.08 32.94 5.99
CA GLY B 602 -13.86 32.94 5.19
C GLY B 602 -13.87 33.92 4.03
N HIS C 1 -40.46 -28.95 3.01
CA HIS C 1 -40.15 -29.76 1.84
C HIS C 1 -39.77 -28.88 0.64
N MET C 2 -38.60 -29.13 0.07
CA MET C 2 -38.07 -28.27 -0.97
C MET C 2 -37.12 -29.06 -1.84
N LEU C 3 -37.07 -28.71 -3.12
CA LEU C 3 -36.13 -29.32 -4.06
C LEU C 3 -35.50 -28.22 -4.90
N ARG C 4 -34.24 -28.41 -5.28
CA ARG C 4 -33.61 -27.50 -6.22
C ARG C 4 -34.14 -27.80 -7.62
N PRO C 5 -34.63 -26.80 -8.35
CA PRO C 5 -35.19 -27.07 -9.67
C PRO C 5 -34.12 -27.54 -10.65
N VAL C 6 -34.48 -28.52 -11.49
CA VAL C 6 -33.67 -28.98 -12.61
C VAL C 6 -34.54 -28.82 -13.86
N GLU C 7 -34.30 -29.62 -14.93
CA GLU C 7 -34.96 -29.23 -16.19
C GLU C 7 -35.50 -30.33 -17.11
N THR C 8 -35.35 -31.63 -16.83
CA THR C 8 -35.90 -32.64 -17.75
C THR C 8 -37.43 -32.64 -17.58
N PRO C 9 -38.25 -32.47 -18.70
CA PRO C 9 -39.63 -31.95 -18.58
C PRO C 9 -40.11 -31.23 -17.30
N THR C 10 -39.24 -30.38 -16.75
CA THR C 10 -39.62 -29.25 -15.91
C THR C 10 -38.90 -28.04 -16.47
N ARG C 11 -39.53 -26.87 -16.45
CA ARG C 11 -38.99 -25.71 -17.16
C ARG C 11 -38.53 -24.61 -16.20
N GLU C 12 -37.80 -23.62 -16.76
CA GLU C 12 -37.21 -22.54 -15.98
C GLU C 12 -37.04 -21.29 -16.83
N ILE C 13 -37.41 -20.14 -16.27
CA ILE C 13 -37.02 -18.83 -16.78
C ILE C 13 -36.48 -18.08 -15.59
N LYS C 14 -35.16 -17.90 -15.56
CA LYS C 14 -34.53 -17.24 -14.43
C LYS C 14 -34.71 -15.73 -14.57
N LYS C 15 -35.50 -15.15 -13.67
CA LYS C 15 -35.71 -13.71 -13.65
C LYS C 15 -34.62 -13.00 -12.88
N LEU C 16 -33.69 -13.79 -12.33
CA LEU C 16 -32.40 -13.27 -11.89
C LEU C 16 -31.82 -12.29 -12.89
N ASP C 17 -31.99 -12.55 -14.19
CA ASP C 17 -31.27 -11.74 -15.17
C ASP C 17 -31.58 -10.27 -14.99
N GLY C 18 -30.64 -9.58 -14.35
CA GLY C 18 -30.41 -8.20 -14.65
C GLY C 18 -31.03 -7.23 -13.69
N LEU C 19 -31.50 -6.13 -14.25
CA LEU C 19 -31.82 -4.95 -13.47
C LEU C 19 -33.29 -4.98 -13.09
N TRP C 20 -33.55 -4.91 -11.79
CA TRP C 20 -34.88 -4.61 -11.27
C TRP C 20 -34.95 -3.12 -10.94
N ALA C 21 -36.16 -2.63 -10.72
CA ALA C 21 -36.32 -1.28 -10.20
C ALA C 21 -36.23 -1.31 -8.68
N PHE C 22 -35.59 -0.29 -8.11
CA PHE C 22 -35.26 -0.29 -6.70
C PHE C 22 -35.54 1.07 -6.09
N SER C 23 -36.13 1.07 -4.90
CA SER C 23 -36.38 2.31 -4.17
C SER C 23 -36.35 2.04 -2.68
N LEU C 24 -35.78 2.98 -1.93
CA LEU C 24 -35.85 2.93 -0.48
C LEU C 24 -37.25 3.32 -0.02
N ASP C 25 -37.49 3.16 1.29
CA ASP C 25 -38.77 3.53 1.90
C ASP C 25 -38.51 4.17 3.26
N ARG C 26 -37.83 5.33 3.23
CA ARG C 26 -37.40 5.97 4.47
C ARG C 26 -38.57 6.46 5.29
N GLU C 27 -39.75 6.61 4.69
CA GLU C 27 -40.92 7.04 5.45
C GLU C 27 -41.78 5.89 5.95
N ASN C 28 -41.46 4.66 5.53
CA ASN C 28 -42.24 3.48 5.93
C ASN C 28 -43.70 3.63 5.53
N CYS C 29 -43.91 3.99 4.26
CA CYS C 29 -45.25 4.14 3.70
C CYS C 29 -45.43 3.31 2.45
N GLY C 30 -44.54 2.36 2.17
CA GLY C 30 -44.75 1.46 1.05
C GLY C 30 -46.01 0.63 1.21
N ILE C 31 -46.17 -0.03 2.37
CA ILE C 31 -47.39 -0.81 2.62
C ILE C 31 -48.60 0.10 2.72
N ASP C 32 -48.43 1.31 3.25
CA ASP C 32 -49.56 2.23 3.44
C ASP C 32 -50.22 2.61 2.11
N GLN C 33 -49.45 3.23 1.21
CA GLN C 33 -49.98 3.54 -0.12
C GLN C 33 -49.81 2.40 -1.13
N ARG C 34 -49.47 1.19 -0.67
CA ARG C 34 -49.56 -0.07 -1.43
C ARG C 34 -48.76 0.00 -2.73
N TRP C 35 -47.45 0.13 -2.58
CA TRP C 35 -46.55 0.40 -3.70
C TRP C 35 -46.55 -0.71 -4.75
N TRP C 36 -47.08 -1.89 -4.42
CA TRP C 36 -47.08 -3.00 -5.37
C TRP C 36 -48.15 -2.84 -6.45
N GLU C 37 -49.03 -1.85 -6.34
CA GLU C 37 -50.10 -1.68 -7.33
C GLU C 37 -49.62 -0.97 -8.59
N SER C 38 -48.54 -0.19 -8.47
CA SER C 38 -48.05 0.63 -9.56
C SER C 38 -46.54 0.46 -9.66
N ALA C 39 -45.97 0.98 -10.73
CA ALA C 39 -44.52 0.98 -10.86
C ALA C 39 -43.88 1.82 -9.76
N LEU C 40 -42.71 1.41 -9.31
CA LEU C 40 -42.06 2.11 -8.23
C LEU C 40 -41.78 3.55 -8.62
N GLN C 41 -42.32 4.49 -7.84
CA GLN C 41 -42.04 5.89 -8.07
C GLN C 41 -40.59 6.17 -7.64
N GLU C 42 -39.90 6.97 -8.46
CA GLU C 42 -38.53 7.38 -8.18
C GLU C 42 -37.64 6.19 -7.83
N SER C 43 -37.65 5.22 -8.73
CA SER C 43 -36.81 4.03 -8.59
C SER C 43 -35.45 4.26 -9.23
N ARG C 44 -34.58 3.27 -9.10
CA ARG C 44 -33.29 3.27 -9.78
C ARG C 44 -32.90 1.83 -10.05
N ALA C 45 -32.07 1.65 -11.07
CA ALA C 45 -31.73 0.29 -11.49
C ALA C 45 -30.84 -0.39 -10.46
N ILE C 46 -31.22 -1.60 -10.07
CA ILE C 46 -30.40 -2.41 -9.18
C ILE C 46 -30.18 -3.77 -9.83
N ALA C 47 -29.06 -4.40 -9.51
CA ALA C 47 -28.78 -5.71 -10.03
C ALA C 47 -29.28 -6.78 -9.06
N VAL C 48 -29.88 -7.83 -9.61
CA VAL C 48 -30.13 -9.05 -8.83
C VAL C 48 -29.42 -10.19 -9.56
N PRO C 49 -28.73 -11.09 -8.84
CA PRO C 49 -28.50 -11.00 -7.41
C PRO C 49 -27.39 -10.01 -7.06
N GLY C 50 -27.38 -9.59 -5.80
CA GLY C 50 -26.42 -8.63 -5.29
C GLY C 50 -26.99 -7.94 -4.07
N SER C 51 -26.14 -7.66 -3.08
CA SER C 51 -26.55 -6.79 -1.98
C SER C 51 -26.86 -5.41 -2.53
N PHE C 52 -27.84 -4.74 -1.92
CA PHE C 52 -28.09 -3.37 -2.34
C PHE C 52 -27.10 -2.38 -1.72
N ASN C 53 -26.37 -2.80 -0.68
CA ASN C 53 -25.60 -1.86 0.14
C ASN C 53 -24.49 -1.20 -0.67
N ASP C 54 -23.66 -1.98 -1.37
CA ASP C 54 -22.44 -1.47 -2.00
C ASP C 54 -22.59 -1.14 -3.48
N GLN C 55 -23.78 -1.34 -4.07
CA GLN C 55 -23.92 -1.18 -5.51
C GLN C 55 -23.88 0.27 -5.94
N PHE C 56 -24.05 1.21 -5.02
CA PHE C 56 -24.28 2.60 -5.43
C PHE C 56 -23.22 3.57 -4.93
N ALA C 57 -22.19 3.10 -4.22
CA ALA C 57 -21.16 3.97 -3.63
C ALA C 57 -21.80 5.15 -2.89
N ASP C 58 -22.88 4.86 -2.17
CA ASP C 58 -23.59 5.84 -1.36
C ASP C 58 -23.58 5.36 0.09
N ALA C 59 -23.07 6.20 1.00
CA ALA C 59 -23.05 5.80 2.40
C ALA C 59 -24.45 5.69 2.97
N ASP C 60 -25.39 6.51 2.50
CA ASP C 60 -26.76 6.49 3.06
C ASP C 60 -27.55 5.26 2.62
N ILE C 61 -27.27 4.70 1.45
CA ILE C 61 -27.88 3.41 1.13
C ILE C 61 -27.21 2.31 1.94
N ARG C 62 -25.88 2.36 2.05
CA ARG C 62 -25.14 1.26 2.65
C ARG C 62 -25.54 1.02 4.10
N ASN C 63 -25.78 2.09 4.85
CA ASN C 63 -26.13 1.98 6.26
C ASN C 63 -27.63 2.14 6.50
N TYR C 64 -28.45 1.82 5.50
CA TYR C 64 -29.89 1.92 5.61
C TYR C 64 -30.47 0.78 6.45
N ALA C 65 -31.41 1.12 7.32
CA ALA C 65 -32.18 0.14 8.09
C ALA C 65 -33.65 0.46 7.90
N GLY C 66 -34.39 -0.49 7.33
CA GLY C 66 -35.81 -0.32 7.06
C GLY C 66 -36.24 -1.23 5.92
N ASN C 67 -37.18 -0.73 5.12
CA ASN C 67 -37.73 -1.46 3.99
C ASN C 67 -37.19 -0.92 2.66
N VAL C 68 -36.93 -1.83 1.73
CA VAL C 68 -36.50 -1.50 0.38
C VAL C 68 -37.35 -2.30 -0.60
N TRP C 69 -37.56 -1.74 -1.78
CA TRP C 69 -38.54 -2.26 -2.72
C TRP C 69 -37.83 -2.65 -4.01
N TYR C 70 -37.93 -3.92 -4.37
CA TYR C 70 -37.58 -4.39 -5.69
C TYR C 70 -38.85 -4.56 -6.52
N GLN C 71 -38.72 -4.33 -7.83
CA GLN C 71 -39.85 -4.56 -8.73
C GLN C 71 -39.33 -4.88 -10.11
N ARG C 72 -40.15 -5.61 -10.86
CA ARG C 72 -39.72 -6.15 -12.14
C ARG C 72 -40.96 -6.55 -12.91
N GLU C 73 -40.87 -6.49 -14.23
CA GLU C 73 -41.89 -7.11 -15.07
C GLU C 73 -41.29 -8.35 -15.71
N VAL C 74 -42.16 -9.24 -16.19
CA VAL C 74 -41.72 -10.46 -16.85
C VAL C 74 -42.88 -11.05 -17.65
N PHE C 75 -42.58 -11.48 -18.87
CA PHE C 75 -43.55 -12.17 -19.72
C PHE C 75 -43.62 -13.64 -19.35
N ILE C 76 -44.80 -14.12 -18.96
CA ILE C 76 -44.95 -15.52 -18.60
C ILE C 76 -44.94 -16.36 -19.89
N PRO C 77 -44.07 -17.36 -19.99
CA PRO C 77 -43.97 -18.14 -21.24
C PRO C 77 -45.29 -18.78 -21.63
N LYS C 78 -45.57 -18.79 -22.94
CA LYS C 78 -46.84 -19.32 -23.43
C LYS C 78 -46.92 -20.84 -23.37
N GLY C 79 -45.81 -21.54 -23.57
CA GLY C 79 -45.84 -22.99 -23.51
C GLY C 79 -46.26 -23.56 -22.16
N TRP C 80 -46.68 -22.68 -21.24
CA TRP C 80 -46.98 -23.02 -19.85
C TRP C 80 -48.47 -22.97 -19.55
N ALA C 81 -49.31 -23.22 -20.56
CA ALA C 81 -50.75 -23.04 -20.40
C ALA C 81 -51.29 -23.91 -19.27
N GLY C 82 -51.11 -25.22 -19.39
CA GLY C 82 -51.62 -26.17 -18.42
C GLY C 82 -50.65 -26.55 -17.34
N GLN C 83 -49.47 -25.97 -17.30
CA GLN C 83 -48.52 -26.29 -16.27
C GLN C 83 -48.88 -25.55 -14.98
N ARG C 84 -48.41 -26.08 -13.86
CA ARG C 84 -48.47 -25.36 -12.61
C ARG C 84 -47.12 -24.68 -12.42
N ILE C 85 -47.17 -23.39 -12.07
CA ILE C 85 -46.05 -22.48 -12.19
C ILE C 85 -45.66 -22.02 -10.79
N VAL C 86 -44.36 -22.02 -10.50
CA VAL C 86 -43.83 -21.73 -9.18
C VAL C 86 -42.92 -20.51 -9.26
N LEU C 87 -43.03 -19.62 -8.27
CA LEU C 87 -42.11 -18.50 -8.12
C LEU C 87 -41.20 -18.79 -6.94
N ARG C 88 -39.90 -18.90 -7.20
CA ARG C 88 -38.94 -19.33 -6.20
C ARG C 88 -37.89 -18.25 -6.04
N PHE C 89 -37.77 -17.72 -4.83
CA PHE C 89 -36.65 -16.87 -4.45
C PHE C 89 -35.69 -17.72 -3.63
N ASP C 90 -34.48 -17.92 -4.14
CA ASP C 90 -33.59 -18.83 -3.43
C ASP C 90 -32.90 -18.16 -2.24
N ALA C 91 -33.03 -16.84 -2.09
CA ALA C 91 -32.63 -16.11 -0.88
C ALA C 91 -33.05 -14.64 -0.94
N VAL C 92 -33.80 -14.17 0.05
CA VAL C 92 -34.07 -12.75 0.23
C VAL C 92 -33.62 -12.40 1.64
N THR C 93 -32.57 -11.59 1.77
CA THR C 93 -31.81 -11.60 3.01
C THR C 93 -32.52 -10.80 4.10
N HIS C 94 -33.02 -11.59 5.06
CA HIS C 94 -33.64 -11.32 6.35
C HIS C 94 -35.14 -11.46 6.14
N TYR C 95 -35.77 -10.60 5.35
CA TYR C 95 -37.21 -10.74 5.20
C TYR C 95 -37.65 -10.31 3.82
N GLY C 96 -38.55 -11.11 3.22
CA GLY C 96 -39.11 -10.76 1.94
C GLY C 96 -40.59 -11.05 1.90
N LYS C 97 -41.33 -10.20 1.20
CA LYS C 97 -42.75 -10.41 0.94
C LYS C 97 -43.03 -10.07 -0.52
N VAL C 98 -43.72 -10.97 -1.22
CA VAL C 98 -43.86 -10.92 -2.67
C VAL C 98 -45.30 -10.61 -3.06
N TRP C 99 -45.46 -9.74 -4.06
CA TRP C 99 -46.74 -9.50 -4.72
C TRP C 99 -46.57 -9.87 -6.19
N VAL C 100 -47.57 -10.53 -6.74
CA VAL C 100 -47.59 -10.88 -8.17
C VAL C 100 -48.83 -10.23 -8.74
N ASN C 101 -48.68 -8.99 -9.20
CA ASN C 101 -49.77 -8.12 -9.64
C ASN C 101 -50.88 -8.06 -8.60
N ASN C 102 -50.66 -7.27 -7.56
CA ASN C 102 -51.64 -6.92 -6.54
C ASN C 102 -52.17 -8.10 -5.76
N GLN C 103 -51.64 -9.31 -5.97
CA GLN C 103 -51.96 -10.48 -5.16
C GLN C 103 -50.71 -10.93 -4.42
N GLU C 104 -50.78 -10.97 -3.10
CA GLU C 104 -49.64 -11.43 -2.30
C GLU C 104 -49.61 -12.96 -2.27
N VAL C 105 -48.47 -13.53 -2.65
CA VAL C 105 -48.36 -14.97 -2.86
C VAL C 105 -47.52 -15.67 -1.80
N MET C 106 -46.62 -14.96 -1.13
CA MET C 106 -45.69 -15.61 -0.22
C MET C 106 -44.94 -14.53 0.55
N GLU C 107 -44.23 -14.98 1.57
CA GLU C 107 -43.55 -14.11 2.51
C GLU C 107 -42.70 -15.00 3.41
N HIS C 108 -41.47 -14.55 3.68
CA HIS C 108 -40.50 -15.40 4.36
C HIS C 108 -39.59 -14.57 5.24
N GLN C 109 -39.29 -15.11 6.42
CA GLN C 109 -38.28 -14.57 7.33
C GLN C 109 -37.12 -15.56 7.45
N GLY C 110 -35.91 -15.08 7.18
CA GLY C 110 -34.74 -15.93 7.18
C GLY C 110 -33.95 -15.73 5.89
N GLY C 111 -32.82 -15.04 6.00
CA GLY C 111 -32.22 -14.47 4.81
C GLY C 111 -31.34 -15.33 3.95
N TYR C 112 -31.34 -16.66 4.15
CA TYR C 112 -30.35 -17.48 3.47
C TYR C 112 -30.90 -18.81 2.96
N THR C 113 -32.22 -18.99 2.93
CA THR C 113 -32.82 -20.23 2.49
C THR C 113 -33.91 -19.92 1.47
N PRO C 114 -34.24 -20.86 0.60
CA PRO C 114 -35.21 -20.57 -0.47
C PRO C 114 -36.64 -20.65 0.02
N PHE C 115 -37.51 -19.89 -0.65
CA PHE C 115 -38.94 -19.98 -0.39
C PHE C 115 -39.68 -19.79 -1.71
N GLU C 116 -40.79 -20.53 -1.87
CA GLU C 116 -41.48 -20.65 -3.14
C GLU C 116 -42.97 -20.45 -2.90
N ALA C 117 -43.73 -20.43 -3.99
CA ALA C 117 -45.18 -20.37 -3.92
C ALA C 117 -45.78 -20.73 -5.28
N ASP C 118 -46.90 -21.43 -5.25
CA ASP C 118 -47.66 -21.69 -6.47
C ASP C 118 -48.35 -20.41 -6.92
N VAL C 119 -48.15 -20.05 -8.19
CA VAL C 119 -48.58 -18.76 -8.73
C VAL C 119 -49.55 -18.92 -9.89
N THR C 120 -49.96 -20.15 -10.16
CA THR C 120 -50.87 -20.45 -11.27
C THR C 120 -52.14 -19.60 -11.31
N PRO C 121 -52.96 -19.52 -10.24
CA PRO C 121 -54.21 -18.77 -10.37
C PRO C 121 -54.01 -17.27 -10.53
N TYR C 122 -52.78 -16.78 -10.49
CA TYR C 122 -52.48 -15.36 -10.56
C TYR C 122 -51.68 -14.99 -11.79
N VAL C 123 -51.32 -15.96 -12.63
CA VAL C 123 -50.72 -15.70 -13.93
C VAL C 123 -51.59 -16.38 -14.98
N ILE C 124 -51.47 -15.89 -16.22
CA ILE C 124 -51.89 -16.64 -17.39
C ILE C 124 -50.78 -16.54 -18.41
N ALA C 125 -50.48 -17.65 -19.07
CA ALA C 125 -49.32 -17.74 -19.94
C ALA C 125 -49.47 -16.80 -21.13
N GLY C 126 -48.42 -16.03 -21.41
CA GLY C 126 -48.39 -15.14 -22.55
C GLY C 126 -48.46 -13.66 -22.21
N LYS C 127 -48.65 -13.30 -20.94
CA LYS C 127 -48.81 -11.90 -20.55
C LYS C 127 -47.68 -11.45 -19.63
N SER C 128 -47.41 -10.15 -19.68
CA SER C 128 -46.48 -9.51 -18.77
C SER C 128 -47.10 -9.43 -17.38
N VAL C 129 -46.31 -9.76 -16.36
CA VAL C 129 -46.77 -9.81 -14.98
C VAL C 129 -45.79 -9.03 -14.12
N ARG C 130 -46.31 -8.29 -13.14
CA ARG C 130 -45.48 -7.43 -12.30
C ARG C 130 -45.13 -8.11 -10.98
N ILE C 131 -43.86 -8.06 -10.61
CA ILE C 131 -43.35 -8.69 -9.41
C ILE C 131 -42.78 -7.60 -8.52
N THR C 132 -43.36 -7.45 -7.34
CA THR C 132 -42.83 -6.54 -6.33
C THR C 132 -42.39 -7.36 -5.13
N VAL C 133 -41.24 -6.99 -4.58
CA VAL C 133 -40.69 -7.63 -3.39
C VAL C 133 -40.38 -6.53 -2.38
N CYS C 134 -40.88 -6.68 -1.16
CA CYS C 134 -40.55 -5.77 -0.07
C CYS C 134 -39.51 -6.46 0.81
N VAL C 135 -38.29 -5.90 0.85
CA VAL C 135 -37.16 -6.51 1.55
C VAL C 135 -36.88 -5.72 2.82
N ASN C 136 -36.66 -6.44 3.93
CA ASN C 136 -36.37 -5.84 5.21
C ASN C 136 -35.07 -6.40 5.76
N ASN C 137 -34.28 -5.54 6.41
CA ASN C 137 -32.98 -5.95 6.92
C ASN C 137 -32.83 -5.68 8.41
N GLU C 138 -33.93 -5.64 9.15
CA GLU C 138 -33.87 -5.39 10.59
C GLU C 138 -33.66 -6.69 11.34
N LEU C 139 -32.80 -6.65 12.34
CA LEU C 139 -32.60 -7.77 13.25
C LEU C 139 -33.12 -7.39 14.64
N ASN C 140 -33.91 -8.28 15.23
CA ASN C 140 -34.29 -8.18 16.63
C ASN C 140 -33.89 -9.46 17.34
N TRP C 141 -34.29 -9.59 18.60
CA TRP C 141 -33.85 -10.73 19.40
C TRP C 141 -34.49 -12.05 18.99
N GLN C 142 -35.57 -12.02 18.20
CA GLN C 142 -36.22 -13.23 17.74
C GLN C 142 -35.88 -13.56 16.28
N THR C 143 -34.87 -12.94 15.72
CA THR C 143 -34.39 -13.29 14.39
C THR C 143 -33.10 -14.10 14.51
N ILE C 144 -32.80 -14.84 13.44
CA ILE C 144 -31.57 -15.59 13.31
C ILE C 144 -30.82 -15.05 12.10
N PRO C 145 -29.78 -14.22 12.32
CA PRO C 145 -29.15 -13.83 13.58
C PRO C 145 -29.91 -12.78 14.38
N PRO C 146 -29.71 -12.75 15.69
CA PRO C 146 -30.36 -11.72 16.50
C PRO C 146 -29.70 -10.36 16.33
N GLY C 147 -30.43 -9.34 16.74
CA GLY C 147 -29.95 -7.98 16.66
C GLY C 147 -30.80 -7.06 17.52
N MET C 148 -30.58 -5.76 17.35
CA MET C 148 -31.23 -4.78 18.22
C MET C 148 -31.35 -3.46 17.47
N VAL C 149 -32.55 -3.16 16.99
CA VAL C 149 -32.81 -1.86 16.37
C VAL C 149 -33.01 -0.85 17.48
N ILE C 150 -32.19 0.19 17.49
CA ILE C 150 -32.33 1.31 18.40
C ILE C 150 -32.79 2.50 17.59
N THR C 151 -33.91 3.09 17.99
CA THR C 151 -34.38 4.31 17.37
C THR C 151 -33.88 5.52 18.17
N ASP C 152 -33.45 6.55 17.42
CA ASP C 152 -32.88 7.78 17.96
C ASP C 152 -33.85 8.53 18.88
N GLU C 153 -33.53 9.79 19.17
CA GLU C 153 -34.39 10.59 20.02
C GLU C 153 -35.63 11.06 19.28
N ASN C 154 -35.55 11.24 17.95
CA ASN C 154 -36.75 11.57 17.17
C ASN C 154 -36.52 11.13 15.70
N GLY C 155 -36.80 9.86 15.42
CA GLY C 155 -36.95 9.45 14.04
C GLY C 155 -36.19 8.25 13.51
N LYS C 156 -34.87 8.35 13.40
CA LYS C 156 -34.09 7.43 12.56
C LYS C 156 -33.74 6.12 13.27
N LYS C 157 -33.85 5.03 12.51
CA LYS C 157 -33.43 3.70 12.96
C LYS C 157 -31.93 3.50 12.74
N LYS C 158 -31.28 2.90 13.74
CA LYS C 158 -29.91 2.40 13.59
C LYS C 158 -29.85 0.99 14.15
N GLN C 159 -29.30 0.07 13.36
CA GLN C 159 -29.33 -1.36 13.70
C GLN C 159 -28.03 -1.76 14.38
N SER C 160 -28.15 -2.32 15.58
CA SER C 160 -27.03 -2.91 16.29
C SER C 160 -27.07 -4.43 16.17
N TYR C 161 -25.90 -5.06 16.24
CA TYR C 161 -25.80 -6.51 16.16
C TYR C 161 -24.46 -6.94 16.73
N PHE C 162 -24.31 -8.24 16.92
CA PHE C 162 -23.19 -8.77 17.69
C PHE C 162 -22.32 -9.76 16.93
N HIS C 163 -22.43 -9.82 15.61
CA HIS C 163 -21.52 -10.67 14.84
C HIS C 163 -20.53 -9.82 14.06
N ASP C 164 -19.40 -10.43 13.72
CA ASP C 164 -18.26 -9.74 13.14
C ASP C 164 -18.25 -9.79 11.62
N PHE C 165 -19.40 -9.60 10.97
CA PHE C 165 -19.41 -9.39 9.52
C PHE C 165 -20.53 -8.40 9.20
N PHE C 166 -20.31 -7.62 8.14
CA PHE C 166 -21.26 -6.57 7.81
C PHE C 166 -22.62 -7.17 7.46
N ASN C 167 -23.67 -6.46 7.86
CA ASN C 167 -25.04 -6.93 7.74
C ASN C 167 -25.59 -6.61 6.35
N TYR C 168 -25.00 -7.26 5.35
CA TYR C 168 -25.45 -7.09 3.97
C TYR C 168 -26.84 -7.70 3.77
N ALA C 169 -27.68 -7.03 3.00
CA ALA C 169 -29.06 -7.47 2.79
C ALA C 169 -29.52 -7.14 1.37
N GLY C 170 -30.68 -7.67 1.02
CA GLY C 170 -31.25 -7.59 -0.31
C GLY C 170 -31.42 -8.97 -0.92
N ILE C 171 -31.77 -8.98 -2.20
CA ILE C 171 -31.96 -10.25 -2.91
C ILE C 171 -30.57 -10.75 -3.29
N HIS C 172 -30.06 -11.74 -2.55
CA HIS C 172 -28.68 -12.16 -2.64
C HIS C 172 -28.45 -13.32 -3.60
N ARG C 173 -29.48 -14.11 -3.88
CA ARG C 173 -29.29 -15.23 -4.78
C ARG C 173 -30.40 -15.24 -5.81
N SER C 174 -30.51 -16.34 -6.55
CA SER C 174 -31.30 -16.33 -7.77
C SER C 174 -32.79 -16.17 -7.48
N VAL C 175 -33.46 -15.46 -8.38
CA VAL C 175 -34.92 -15.43 -8.46
C VAL C 175 -35.33 -16.15 -9.72
N MET C 176 -36.18 -17.17 -9.60
CA MET C 176 -36.53 -17.97 -10.75
C MET C 176 -38.00 -18.32 -10.74
N LEU C 177 -38.53 -18.45 -11.96
CA LEU C 177 -39.87 -18.94 -12.26
C LEU C 177 -39.72 -20.30 -12.94
N TYR C 178 -40.26 -21.35 -12.32
CA TYR C 178 -40.14 -22.68 -12.88
C TYR C 178 -41.50 -23.37 -12.94
N THR C 179 -41.64 -24.31 -13.86
CA THR C 179 -42.87 -25.06 -14.05
C THR C 179 -42.71 -26.48 -13.52
N THR C 180 -43.78 -27.23 -13.68
CA THR C 180 -43.96 -28.54 -13.09
C THR C 180 -45.31 -29.06 -13.59
N PRO C 181 -45.41 -30.32 -13.96
CA PRO C 181 -46.72 -30.87 -14.30
C PRO C 181 -47.62 -30.87 -13.08
N ASN C 182 -48.92 -30.96 -13.34
CA ASN C 182 -49.84 -30.95 -12.21
C ASN C 182 -49.83 -32.23 -11.40
N THR C 183 -48.92 -33.16 -11.70
CA THR C 183 -48.56 -34.24 -10.79
C THR C 183 -47.04 -34.28 -10.73
N TRP C 184 -46.49 -34.29 -9.52
CA TRP C 184 -45.12 -33.86 -9.36
C TRP C 184 -44.50 -34.42 -8.09
N VAL C 185 -43.20 -34.69 -8.16
CA VAL C 185 -42.43 -35.09 -6.99
C VAL C 185 -42.11 -33.84 -6.18
N ASP C 186 -42.58 -33.81 -4.93
CA ASP C 186 -42.42 -32.67 -4.03
C ASP C 186 -41.13 -32.74 -3.22
N ASP C 187 -40.73 -33.93 -2.77
CA ASP C 187 -39.52 -34.05 -1.96
C ASP C 187 -38.96 -35.46 -2.05
N ILE C 188 -37.64 -35.55 -1.96
CA ILE C 188 -36.90 -36.81 -2.03
C ILE C 188 -35.90 -36.82 -0.88
N THR C 189 -35.87 -37.91 -0.12
CA THR C 189 -34.82 -38.10 0.88
C THR C 189 -34.08 -39.40 0.59
N VAL C 190 -32.75 -39.35 0.67
CA VAL C 190 -31.87 -40.50 0.42
C VAL C 190 -30.86 -40.56 1.55
N VAL C 191 -30.71 -41.74 2.14
CA VAL C 191 -29.72 -42.00 3.18
C VAL C 191 -28.96 -43.25 2.78
N THR C 192 -27.65 -43.24 3.02
CA THR C 192 -26.75 -44.27 2.47
C THR C 192 -25.88 -44.87 3.57
N HIS C 193 -25.81 -46.21 3.58
CA HIS C 193 -25.13 -46.98 4.62
C HIS C 193 -24.01 -47.81 4.00
N VAL C 194 -22.81 -47.73 4.56
CA VAL C 194 -21.72 -48.60 4.16
C VAL C 194 -21.14 -49.29 5.39
N ALA C 195 -20.44 -50.40 5.15
CA ALA C 195 -19.88 -51.21 6.22
C ALA C 195 -18.38 -51.43 6.00
N GLN C 196 -18.02 -52.17 4.94
CA GLN C 196 -16.61 -52.33 4.56
C GLN C 196 -16.44 -52.20 3.05
N ASP C 197 -17.17 -51.26 2.43
CA ASP C 197 -16.89 -50.72 1.10
C ASP C 197 -16.91 -51.78 0.00
N CYS C 198 -17.84 -52.73 0.07
CA CYS C 198 -17.84 -53.81 -0.92
C CYS C 198 -19.17 -54.06 -1.62
N ASN C 199 -20.31 -53.68 -1.02
CA ASN C 199 -21.63 -53.86 -1.62
C ASN C 199 -22.70 -53.29 -0.69
N HIS C 200 -23.31 -52.16 -1.04
CA HIS C 200 -24.03 -51.43 0.01
C HIS C 200 -25.33 -50.81 -0.52
N ALA C 201 -26.00 -50.11 0.40
CA ALA C 201 -27.46 -50.03 0.41
C ALA C 201 -27.92 -48.59 0.48
N SER C 202 -28.93 -48.27 -0.33
CA SER C 202 -29.48 -46.92 -0.45
C SER C 202 -30.90 -46.96 0.12
N VAL C 203 -31.04 -46.66 1.40
CA VAL C 203 -32.38 -46.57 1.99
C VAL C 203 -33.09 -45.35 1.40
N ASP C 204 -34.23 -45.59 0.79
CA ASP C 204 -35.03 -44.57 0.13
C ASP C 204 -36.21 -44.20 1.02
N TRP C 205 -36.49 -42.91 1.10
CA TRP C 205 -37.79 -42.41 1.55
C TRP C 205 -38.08 -41.13 0.80
N GLN C 206 -39.27 -41.05 0.21
CA GLN C 206 -39.62 -39.98 -0.69
C GLN C 206 -41.08 -39.61 -0.52
N VAL C 207 -41.40 -38.34 -0.76
CA VAL C 207 -42.79 -37.89 -0.85
C VAL C 207 -43.03 -37.39 -2.27
N VAL C 208 -43.78 -38.17 -3.03
CA VAL C 208 -44.35 -37.72 -4.29
C VAL C 208 -45.83 -37.45 -4.04
N ALA C 209 -46.19 -36.17 -4.05
CA ALA C 209 -47.60 -35.84 -4.16
C ALA C 209 -48.11 -36.30 -5.52
N ASN C 210 -49.43 -36.45 -5.63
CA ASN C 210 -50.12 -36.46 -6.92
C ASN C 210 -49.84 -37.69 -7.76
N GLY C 211 -49.26 -38.76 -7.21
CA GLY C 211 -49.13 -39.97 -7.99
C GLY C 211 -48.10 -40.93 -7.44
N ASP C 212 -48.13 -42.13 -8.02
CA ASP C 212 -47.18 -43.22 -7.73
C ASP C 212 -46.04 -43.17 -8.75
N VAL C 213 -44.83 -43.49 -8.30
CA VAL C 213 -43.65 -43.12 -9.06
C VAL C 213 -42.67 -44.28 -9.19
N SER C 214 -41.96 -44.29 -10.32
CA SER C 214 -40.74 -45.08 -10.52
C SER C 214 -39.57 -44.37 -9.87
N VAL C 215 -38.64 -45.16 -9.36
CA VAL C 215 -37.37 -44.68 -8.84
C VAL C 215 -36.28 -45.56 -9.43
N GLU C 216 -35.29 -44.94 -10.07
CA GLU C 216 -34.32 -45.67 -10.88
C GLU C 216 -32.96 -45.04 -10.67
N LEU C 217 -31.93 -45.88 -10.48
CA LEU C 217 -30.59 -45.42 -10.14
C LEU C 217 -29.66 -45.68 -11.32
N ARG C 218 -29.15 -44.61 -11.91
CA ARG C 218 -28.12 -44.68 -12.94
C ARG C 218 -26.79 -44.18 -12.40
N ASP C 219 -25.70 -44.65 -13.00
CA ASP C 219 -24.36 -44.21 -12.61
C ASP C 219 -23.84 -43.18 -13.62
N ALA C 220 -22.60 -42.74 -13.40
CA ALA C 220 -22.02 -41.68 -14.21
C ALA C 220 -22.05 -41.99 -15.69
N ASP C 221 -22.24 -43.26 -16.07
CA ASP C 221 -22.33 -43.67 -17.46
C ASP C 221 -23.75 -43.76 -17.97
N GLN C 222 -24.73 -43.26 -17.19
CA GLN C 222 -26.16 -43.41 -17.48
C GLN C 222 -26.60 -44.87 -17.55
N GLN C 223 -25.79 -45.79 -17.03
CA GLN C 223 -26.17 -47.19 -16.95
C GLN C 223 -27.03 -47.43 -15.72
N VAL C 224 -28.15 -48.15 -15.88
CA VAL C 224 -29.01 -48.47 -14.76
C VAL C 224 -28.37 -49.55 -13.92
N VAL C 225 -28.25 -49.29 -12.61
CA VAL C 225 -27.64 -50.24 -11.68
C VAL C 225 -28.65 -50.88 -10.74
N ALA C 226 -29.80 -50.23 -10.49
CA ALA C 226 -30.89 -50.86 -9.76
C ALA C 226 -32.18 -50.08 -9.98
N THR C 227 -33.29 -50.81 -10.07
CA THR C 227 -34.61 -50.23 -10.12
C THR C 227 -35.41 -50.78 -8.95
N GLY C 228 -36.15 -49.92 -8.29
CA GLY C 228 -37.00 -50.32 -7.18
C GLY C 228 -38.17 -49.37 -7.14
N GLN C 229 -39.26 -49.82 -6.53
CA GLN C 229 -40.48 -49.05 -6.73
C GLN C 229 -41.35 -49.06 -5.48
N GLY C 230 -42.27 -48.11 -5.48
CA GLY C 230 -43.27 -47.91 -4.46
C GLY C 230 -43.87 -46.56 -4.72
N THR C 231 -44.42 -45.98 -3.67
CA THR C 231 -44.69 -44.55 -3.67
C THR C 231 -43.95 -43.84 -2.55
N SER C 232 -43.94 -44.45 -1.37
CA SER C 232 -43.10 -44.02 -0.27
C SER C 232 -41.81 -44.84 -0.30
N GLY C 233 -40.97 -44.67 0.71
CA GLY C 233 -39.60 -45.13 0.58
C GLY C 233 -39.27 -46.54 1.03
N THR C 234 -38.65 -47.30 0.13
CA THR C 234 -38.03 -48.57 0.47
C THR C 234 -36.64 -48.65 -0.16
N LEU C 235 -35.82 -49.52 0.41
CA LEU C 235 -34.37 -49.56 0.26
C LEU C 235 -33.94 -50.02 -1.14
N GLN C 236 -32.66 -49.77 -1.45
CA GLN C 236 -32.00 -50.26 -2.67
C GLN C 236 -30.56 -50.63 -2.31
N VAL C 237 -30.02 -51.67 -2.97
CA VAL C 237 -28.69 -52.20 -2.61
C VAL C 237 -28.01 -52.91 -3.78
N VAL C 238 -26.90 -52.35 -4.28
CA VAL C 238 -26.03 -52.97 -5.29
C VAL C 238 -24.55 -52.62 -4.99
N ASN C 239 -23.62 -53.17 -5.80
CA ASN C 239 -22.18 -52.99 -5.63
C ASN C 239 -21.74 -51.58 -6.08
N PRO C 240 -21.16 -50.75 -5.19
CA PRO C 240 -21.12 -49.31 -5.46
C PRO C 240 -19.78 -48.72 -5.90
N HIS C 241 -19.85 -47.43 -6.28
CA HIS C 241 -18.73 -46.51 -6.46
C HIS C 241 -18.85 -45.49 -5.32
N LEU C 242 -18.00 -45.63 -4.30
CA LEU C 242 -18.13 -44.78 -3.12
C LEU C 242 -17.81 -43.32 -3.43
N TRP C 243 -18.63 -42.41 -2.90
CA TRP C 243 -18.31 -40.99 -2.92
C TRP C 243 -17.19 -40.73 -1.91
N GLN C 244 -16.01 -40.36 -2.41
CA GLN C 244 -14.87 -40.21 -1.52
C GLN C 244 -14.32 -38.79 -1.59
N PRO C 245 -13.83 -38.25 -0.47
CA PRO C 245 -13.27 -36.89 -0.49
C PRO C 245 -12.16 -36.67 -1.51
N GLY C 246 -11.58 -37.73 -2.06
CA GLY C 246 -10.59 -37.51 -3.10
C GLY C 246 -11.21 -37.18 -4.43
N GLU C 247 -12.23 -37.91 -4.80
CA GLU C 247 -12.77 -37.90 -6.15
C GLU C 247 -14.16 -37.29 -6.22
N GLY C 248 -15.11 -37.80 -5.43
CA GLY C 248 -16.46 -37.30 -5.46
C GLY C 248 -17.36 -37.96 -6.48
N TYR C 249 -17.38 -39.30 -6.51
CA TYR C 249 -18.21 -40.01 -7.48
C TYR C 249 -19.68 -39.89 -7.09
N LEU C 250 -20.51 -39.57 -8.07
CA LEU C 250 -21.94 -39.35 -7.87
C LEU C 250 -22.74 -40.31 -8.74
N TYR C 251 -23.52 -41.18 -8.10
CA TYR C 251 -24.61 -41.83 -8.79
C TYR C 251 -25.75 -40.84 -8.97
N GLU C 252 -26.78 -41.25 -9.69
CA GLU C 252 -27.95 -40.41 -9.89
C GLU C 252 -29.22 -41.21 -9.75
N LEU C 253 -30.16 -40.71 -8.94
CA LEU C 253 -31.43 -41.35 -8.69
C LEU C 253 -32.54 -40.54 -9.36
N CYS C 254 -33.11 -41.09 -10.43
CA CYS C 254 -34.24 -40.47 -11.12
C CYS C 254 -35.54 -40.93 -10.47
N VAL C 255 -36.44 -39.97 -10.21
CA VAL C 255 -37.77 -40.26 -9.69
C VAL C 255 -38.78 -39.82 -10.76
N THR C 256 -39.60 -40.77 -11.24
CA THR C 256 -40.50 -40.56 -12.37
C THR C 256 -41.96 -40.59 -11.91
N ALA C 257 -42.63 -39.45 -11.91
CA ALA C 257 -43.95 -39.30 -11.27
C ALA C 257 -45.07 -39.71 -12.23
N LYS C 258 -45.64 -40.90 -12.03
CA LYS C 258 -46.72 -41.41 -12.90
C LYS C 258 -48.09 -41.06 -12.32
N SER C 259 -48.86 -40.31 -13.09
CA SER C 259 -50.29 -40.13 -12.88
C SER C 259 -51.05 -40.73 -14.06
N GLN C 260 -52.38 -40.57 -14.01
CA GLN C 260 -53.23 -40.97 -15.12
C GLN C 260 -52.78 -40.29 -16.41
N THR C 261 -53.02 -38.99 -16.48
CA THR C 261 -52.74 -38.24 -17.70
C THR C 261 -51.29 -37.80 -17.79
N GLU C 262 -50.70 -37.34 -16.70
CA GLU C 262 -49.41 -36.67 -16.75
C GLU C 262 -48.33 -37.51 -16.07
N CYS C 263 -47.09 -37.11 -16.31
CA CYS C 263 -45.93 -37.72 -15.70
C CYS C 263 -44.85 -36.67 -15.51
N ASP C 264 -44.03 -36.84 -14.47
CA ASP C 264 -43.00 -35.88 -14.13
C ASP C 264 -41.75 -36.62 -13.64
N ILE C 265 -40.60 -36.28 -14.19
CA ILE C 265 -39.35 -36.94 -13.87
C ILE C 265 -38.43 -35.95 -13.18
N TYR C 266 -37.92 -36.33 -12.00
CA TYR C 266 -36.98 -35.49 -11.26
C TYR C 266 -35.62 -36.17 -11.17
N PRO C 267 -34.55 -35.54 -11.61
CA PRO C 267 -33.22 -36.12 -11.47
C PRO C 267 -32.47 -35.63 -10.24
N LEU C 268 -32.19 -36.50 -9.27
CA LEU C 268 -31.48 -36.11 -8.05
C LEU C 268 -30.11 -36.76 -7.99
N ARG C 269 -29.10 -35.96 -7.58
CA ARG C 269 -27.74 -36.47 -7.45
C ARG C 269 -27.56 -37.10 -6.07
N VAL C 270 -26.93 -38.27 -6.05
CA VAL C 270 -26.77 -39.06 -4.85
C VAL C 270 -25.30 -39.47 -4.75
N GLY C 271 -24.66 -39.09 -3.64
CA GLY C 271 -23.35 -39.60 -3.31
C GLY C 271 -23.46 -40.61 -2.18
N ILE C 272 -22.93 -41.80 -2.45
CA ILE C 272 -23.04 -42.92 -1.51
C ILE C 272 -21.83 -42.88 -0.60
N ARG C 273 -22.05 -42.44 0.63
CA ARG C 273 -21.00 -42.43 1.64
C ARG C 273 -21.62 -42.40 3.03
N SER C 274 -20.89 -42.91 3.99
CA SER C 274 -21.26 -42.88 5.41
C SER C 274 -20.48 -41.79 6.13
N VAL C 275 -21.02 -41.34 7.26
CA VAL C 275 -20.25 -40.55 8.21
C VAL C 275 -20.55 -41.04 9.61
N ALA C 276 -19.52 -41.16 10.45
CA ALA C 276 -19.69 -41.64 11.80
C ALA C 276 -18.57 -41.09 12.67
N VAL C 277 -18.91 -40.67 13.87
CA VAL C 277 -17.94 -40.31 14.89
C VAL C 277 -17.77 -41.52 15.80
N LYS C 278 -16.52 -41.96 15.95
CA LYS C 278 -16.20 -43.15 16.74
C LYS C 278 -14.93 -42.88 17.53
N GLY C 279 -15.03 -42.92 18.86
CA GLY C 279 -13.93 -42.53 19.71
C GLY C 279 -13.55 -41.08 19.51
N GLU C 280 -12.29 -40.84 19.13
CA GLU C 280 -11.82 -39.50 18.80
C GLU C 280 -11.66 -39.30 17.31
N GLN C 281 -12.32 -40.09 16.48
CA GLN C 281 -12.05 -40.09 15.06
C GLN C 281 -13.31 -39.78 14.25
N PHE C 282 -13.13 -38.94 13.24
CA PHE C 282 -14.17 -38.60 12.27
C PHE C 282 -13.98 -39.50 11.05
N LEU C 283 -14.88 -40.47 10.89
CA LEU C 283 -14.73 -41.49 9.86
C LEU C 283 -15.62 -41.17 8.67
N ILE C 284 -15.02 -41.16 7.49
CA ILE C 284 -15.75 -41.05 6.23
C ILE C 284 -15.63 -42.40 5.56
N ASN C 285 -16.74 -43.14 5.50
CA ASN C 285 -16.76 -44.52 5.03
C ASN C 285 -15.71 -45.36 5.77
N HIS C 286 -15.65 -45.14 7.09
CA HIS C 286 -14.90 -45.94 8.07
C HIS C 286 -13.38 -45.79 7.99
N LYS C 287 -12.85 -44.70 7.44
CA LYS C 287 -11.42 -44.39 7.61
C LYS C 287 -11.34 -42.97 8.16
N PRO C 288 -10.57 -42.76 9.22
CA PRO C 288 -10.37 -41.39 9.74
C PRO C 288 -9.97 -40.40 8.67
N PHE C 289 -10.64 -39.26 8.70
CA PHE C 289 -10.36 -38.14 7.82
C PHE C 289 -9.77 -37.02 8.64
N TYR C 290 -8.85 -36.27 8.03
CA TYR C 290 -8.28 -35.08 8.64
C TYR C 290 -8.69 -33.87 7.82
N PHE C 291 -9.47 -32.97 8.43
CA PHE C 291 -9.94 -31.79 7.73
C PHE C 291 -8.81 -30.78 7.53
N THR C 292 -8.83 -30.10 6.39
CA THR C 292 -7.98 -28.94 6.15
C THR C 292 -8.77 -27.93 5.35
N GLY C 293 -8.61 -26.66 5.67
CA GLY C 293 -9.32 -25.68 4.86
C GLY C 293 -9.55 -24.38 5.62
N PHE C 294 -10.74 -23.83 5.40
CA PHE C 294 -11.04 -22.46 5.78
C PHE C 294 -12.45 -22.33 6.34
N GLY C 295 -12.61 -21.41 7.28
CA GLY C 295 -13.87 -20.71 7.40
C GLY C 295 -13.93 -19.71 6.25
N ARG C 296 -15.06 -19.69 5.55
CA ARG C 296 -15.22 -18.79 4.43
C ARG C 296 -16.27 -17.73 4.76
N HIS C 297 -16.48 -16.83 3.81
CA HIS C 297 -17.61 -15.92 3.86
C HIS C 297 -18.10 -15.72 2.45
N GLU C 298 -19.38 -15.40 2.31
CA GLU C 298 -19.93 -14.92 1.04
C GLU C 298 -19.72 -13.41 1.05
N ASP C 299 -18.58 -12.97 0.53
CA ASP C 299 -18.19 -11.57 0.61
C ASP C 299 -17.26 -11.28 -0.57
N ALA C 300 -17.77 -10.54 -1.54
CA ALA C 300 -17.01 -10.00 -2.65
C ALA C 300 -17.14 -8.48 -2.62
N ASP C 301 -16.38 -7.80 -3.48
CA ASP C 301 -16.27 -6.36 -3.38
C ASP C 301 -17.61 -5.68 -3.66
N LEU C 302 -18.01 -5.50 -4.90
CA LEU C 302 -19.11 -4.57 -5.11
C LEU C 302 -20.48 -5.20 -4.93
N ARG C 303 -20.56 -6.51 -4.81
CA ARG C 303 -21.84 -7.19 -4.75
C ARG C 303 -22.25 -7.57 -3.33
N GLY C 304 -21.39 -7.36 -2.34
CA GLY C 304 -21.74 -7.76 -1.00
C GLY C 304 -21.77 -9.27 -0.92
N LYS C 305 -22.89 -9.83 -0.45
CA LYS C 305 -23.03 -11.27 -0.36
C LYS C 305 -23.70 -11.87 -1.58
N GLY C 306 -23.75 -11.14 -2.69
CA GLY C 306 -24.40 -11.66 -3.88
C GLY C 306 -23.61 -12.80 -4.49
N PHE C 307 -24.30 -13.89 -4.82
CA PHE C 307 -23.64 -15.02 -5.45
C PHE C 307 -23.13 -14.62 -6.83
N ASP C 308 -22.04 -15.25 -7.26
CA ASP C 308 -21.48 -14.94 -8.57
C ASP C 308 -20.62 -16.11 -9.05
N ASN C 309 -20.85 -16.56 -10.30
CA ASN C 309 -20.24 -17.80 -10.78
C ASN C 309 -18.74 -17.66 -10.94
N VAL C 310 -18.29 -16.57 -11.56
CA VAL C 310 -16.85 -16.34 -11.72
C VAL C 310 -16.16 -16.36 -10.36
N LEU C 311 -16.75 -15.71 -9.37
CA LEU C 311 -16.16 -15.70 -8.03
C LEU C 311 -16.14 -17.10 -7.44
N MET C 312 -17.15 -17.91 -7.73
CA MET C 312 -17.16 -19.28 -7.20
C MET C 312 -16.08 -20.12 -7.86
N VAL C 313 -15.93 -20.03 -9.19
CA VAL C 313 -14.93 -20.86 -9.87
C VAL C 313 -13.52 -20.47 -9.43
N HIS C 314 -13.28 -19.17 -9.26
CA HIS C 314 -11.94 -18.70 -8.93
C HIS C 314 -11.54 -19.08 -7.51
N ASP C 315 -12.45 -18.88 -6.54
CA ASP C 315 -12.13 -19.23 -5.15
C ASP C 315 -11.87 -20.74 -5.00
N HIS C 316 -12.57 -21.56 -5.78
CA HIS C 316 -12.33 -23.00 -5.73
C HIS C 316 -11.02 -23.39 -6.40
N ALA C 317 -10.64 -22.72 -7.49
CA ALA C 317 -9.30 -22.88 -8.01
C ALA C 317 -8.25 -22.59 -6.94
N LEU C 318 -8.46 -21.53 -6.15
CA LEU C 318 -7.49 -21.16 -5.14
C LEU C 318 -7.45 -22.17 -3.99
N MET C 319 -8.62 -22.62 -3.52
CA MET C 319 -8.64 -23.64 -2.47
C MET C 319 -8.10 -24.97 -2.97
N ASP C 320 -8.33 -25.28 -4.25
CA ASP C 320 -7.73 -26.45 -4.86
C ASP C 320 -6.20 -26.33 -4.88
N TRP C 321 -5.68 -25.17 -5.27
CA TRP C 321 -4.23 -24.95 -5.29
C TRP C 321 -3.63 -25.14 -3.90
N ILE C 322 -4.19 -24.45 -2.90
CA ILE C 322 -3.55 -24.39 -1.60
C ILE C 322 -3.59 -25.74 -0.88
N GLY C 323 -4.44 -26.68 -1.33
CA GLY C 323 -4.45 -28.03 -0.80
C GLY C 323 -5.56 -28.35 0.19
N ALA C 324 -6.44 -27.39 0.47
CA ALA C 324 -7.53 -27.63 1.40
C ALA C 324 -8.54 -28.60 0.81
N ASN C 325 -9.01 -29.53 1.63
CA ASN C 325 -9.99 -30.51 1.22
C ASN C 325 -11.38 -30.23 1.79
N SER C 326 -11.54 -29.17 2.57
CA SER C 326 -12.74 -28.93 3.35
C SER C 326 -12.94 -27.44 3.58
N TYR C 327 -14.14 -27.10 4.03
CA TYR C 327 -14.40 -25.76 4.54
C TYR C 327 -15.72 -25.78 5.32
N ARG C 328 -15.95 -24.68 6.03
CA ARG C 328 -17.11 -24.48 6.88
C ARG C 328 -17.89 -23.28 6.38
N THR C 329 -19.21 -23.43 6.22
CA THR C 329 -20.03 -22.37 5.65
C THR C 329 -20.30 -21.32 6.72
N SER C 330 -19.24 -20.57 7.07
CA SER C 330 -19.24 -19.71 8.25
C SER C 330 -20.41 -18.75 8.33
N HIS C 331 -21.31 -19.04 9.28
CA HIS C 331 -22.23 -18.13 9.95
C HIS C 331 -23.51 -17.87 9.15
N TYR C 332 -23.78 -18.65 8.11
CA TYR C 332 -25.07 -18.69 7.45
C TYR C 332 -25.04 -19.83 6.43
N PRO C 333 -26.21 -20.32 6.01
CA PRO C 333 -26.24 -21.25 4.88
C PRO C 333 -25.71 -20.59 3.62
N TYR C 334 -24.97 -21.35 2.83
CA TYR C 334 -24.41 -20.83 1.60
C TYR C 334 -25.36 -21.02 0.42
N ALA C 335 -24.93 -20.48 -0.72
CA ALA C 335 -25.59 -20.78 -1.98
C ALA C 335 -25.52 -22.27 -2.26
N GLU C 336 -26.65 -22.83 -2.68
CA GLU C 336 -26.70 -24.24 -3.03
C GLU C 336 -25.71 -24.60 -4.13
N GLU C 337 -25.34 -23.64 -4.98
CA GLU C 337 -24.39 -23.95 -6.05
C GLU C 337 -23.04 -24.33 -5.49
N MET C 338 -22.71 -23.81 -4.31
CA MET C 338 -21.48 -24.22 -3.64
C MET C 338 -21.55 -25.68 -3.20
N LEU C 339 -22.70 -26.11 -2.69
CA LEU C 339 -22.80 -27.47 -2.18
C LEU C 339 -22.94 -28.49 -3.32
N ASP C 340 -23.46 -28.06 -4.47
CA ASP C 340 -23.43 -28.94 -5.64
C ASP C 340 -22.02 -29.07 -6.17
N TRP C 341 -21.26 -27.97 -6.19
CA TRP C 341 -19.85 -28.04 -6.55
C TRP C 341 -19.09 -28.92 -5.56
N ALA C 342 -19.41 -28.81 -4.28
CA ALA C 342 -18.77 -29.69 -3.31
C ALA C 342 -19.13 -31.14 -3.57
N ASP C 343 -20.36 -31.41 -4.03
CA ASP C 343 -20.76 -32.75 -4.44
C ASP C 343 -19.87 -33.28 -5.56
N GLU C 344 -19.69 -32.49 -6.62
CA GLU C 344 -19.02 -32.97 -7.84
C GLU C 344 -17.54 -33.24 -7.59
N HIS C 345 -16.86 -32.35 -6.87
CA HIS C 345 -15.41 -32.44 -6.71
C HIS C 345 -15.00 -33.10 -5.41
N GLY C 346 -15.94 -33.61 -4.62
CA GLY C 346 -15.61 -34.28 -3.38
C GLY C 346 -14.96 -33.38 -2.36
N ILE C 347 -15.60 -32.27 -2.04
CA ILE C 347 -15.15 -31.36 -0.98
C ILE C 347 -16.04 -31.60 0.23
N VAL C 348 -15.42 -31.71 1.42
CA VAL C 348 -16.16 -31.97 2.65
C VAL C 348 -16.60 -30.65 3.25
N VAL C 349 -17.88 -30.56 3.63
CA VAL C 349 -18.49 -29.31 4.05
C VAL C 349 -19.05 -29.48 5.46
N ILE C 350 -18.75 -28.52 6.32
CA ILE C 350 -19.44 -28.36 7.60
C ILE C 350 -20.49 -27.28 7.41
N ASP C 351 -21.77 -27.67 7.43
CA ASP C 351 -22.88 -26.77 7.15
C ASP C 351 -23.42 -26.15 8.44
N GLU C 352 -23.83 -24.88 8.36
CA GLU C 352 -24.08 -24.08 9.54
C GLU C 352 -25.31 -23.19 9.36
N THR C 353 -26.02 -22.95 10.45
CA THR C 353 -27.17 -22.05 10.47
C THR C 353 -26.71 -20.61 10.68
N ALA C 354 -27.63 -19.67 10.52
CA ALA C 354 -27.27 -18.28 10.73
C ALA C 354 -27.20 -17.89 12.20
N ALA C 355 -27.27 -18.88 13.11
CA ALA C 355 -27.31 -18.61 14.54
C ALA C 355 -26.00 -18.02 15.05
N VAL C 356 -25.72 -16.78 14.69
CA VAL C 356 -24.48 -16.13 15.06
C VAL C 356 -24.78 -14.98 16.03
N GLY C 357 -23.83 -14.72 16.91
CA GLY C 357 -23.96 -13.59 17.82
C GLY C 357 -24.83 -13.86 19.02
N PHE C 358 -24.89 -15.10 19.49
CA PHE C 358 -25.53 -15.41 20.77
C PHE C 358 -24.57 -15.11 21.92
N ASN C 359 -24.06 -13.88 21.92
CA ASN C 359 -23.00 -13.52 22.85
C ASN C 359 -22.90 -12.01 22.95
N LEU C 360 -23.01 -11.48 24.16
CA LEU C 360 -22.88 -10.06 24.42
C LEU C 360 -21.56 -9.71 25.10
N SER C 361 -20.56 -10.58 25.00
CA SER C 361 -19.29 -10.40 25.67
C SER C 361 -18.12 -10.18 24.71
N LEU C 362 -18.41 -9.95 23.45
CA LEU C 362 -17.37 -9.69 22.47
C LEU C 362 -17.38 -8.21 22.16
N GLY C 363 -16.34 -7.73 21.52
CA GLY C 363 -16.30 -6.35 21.15
C GLY C 363 -16.43 -6.28 19.64
N ILE C 364 -17.43 -6.94 19.14
CA ILE C 364 -17.60 -7.11 17.72
C ILE C 364 -19.04 -6.89 17.23
N GLY C 365 -19.21 -6.10 16.18
CA GLY C 365 -20.51 -5.80 15.60
C GLY C 365 -20.90 -4.35 15.83
N PHE C 366 -22.20 -4.08 15.88
CA PHE C 366 -22.75 -2.79 16.23
C PHE C 366 -22.14 -1.64 15.44
N ASN C 370 -26.18 -0.21 26.61
CA ASN C 370 -27.60 -0.47 26.44
C ASN C 370 -27.88 -1.93 26.04
N LYS C 371 -26.85 -2.81 26.08
CA LYS C 371 -27.19 -4.22 25.89
C LYS C 371 -27.76 -4.80 27.19
N PRO C 372 -28.60 -5.83 27.08
CA PRO C 372 -29.20 -6.44 28.27
C PRO C 372 -28.21 -7.09 29.23
N LYS C 373 -28.71 -7.30 30.44
CA LYS C 373 -27.96 -7.83 31.58
C LYS C 373 -27.62 -9.30 31.43
N GLU C 374 -28.63 -10.10 31.11
CA GLU C 374 -28.49 -11.54 31.06
C GLU C 374 -28.92 -12.02 29.67
N LEU C 375 -28.07 -12.82 29.04
CA LEU C 375 -28.32 -13.27 27.68
C LEU C 375 -29.67 -13.98 27.55
N TYR C 376 -29.91 -14.97 28.41
CA TYR C 376 -31.05 -15.90 28.30
C TYR C 376 -32.16 -15.45 29.25
N SER C 377 -33.09 -14.68 28.72
CA SER C 377 -34.16 -14.11 29.53
C SER C 377 -35.28 -13.62 28.61
N GLU C 378 -36.26 -12.97 29.22
CA GLU C 378 -37.44 -12.55 28.49
C GLU C 378 -37.17 -11.33 27.62
N GLU C 379 -36.24 -10.46 28.05
CA GLU C 379 -35.89 -9.27 27.29
C GLU C 379 -35.46 -9.64 25.89
N ALA C 380 -34.63 -10.68 25.80
CA ALA C 380 -33.80 -10.88 24.64
C ALA C 380 -34.07 -12.27 24.11
N VAL C 381 -33.21 -13.24 24.41
CA VAL C 381 -33.36 -14.58 23.83
C VAL C 381 -34.35 -15.38 24.70
N ASN C 382 -35.53 -15.62 24.15
CA ASN C 382 -36.61 -16.22 24.94
C ASN C 382 -37.07 -17.48 24.24
N GLY C 383 -38.28 -17.96 24.59
CA GLY C 383 -38.82 -19.12 23.89
C GLY C 383 -39.06 -18.84 22.43
N GLU C 384 -39.38 -17.59 22.08
CA GLU C 384 -39.63 -17.24 20.68
C GLU C 384 -38.35 -17.35 19.85
N THR C 385 -37.21 -16.96 20.42
CA THR C 385 -35.94 -17.12 19.70
C THR C 385 -35.61 -18.59 19.51
N GLN C 386 -35.94 -19.43 20.49
CA GLN C 386 -35.66 -20.85 20.38
C GLN C 386 -36.44 -21.48 19.22
N GLN C 387 -37.67 -21.03 18.97
CA GLN C 387 -38.42 -21.57 17.83
C GLN C 387 -37.91 -21.00 16.51
N ALA C 388 -37.53 -19.72 16.48
CA ALA C 388 -36.89 -19.17 15.28
C ALA C 388 -35.61 -19.91 14.99
N HIS C 389 -34.84 -20.24 16.03
CA HIS C 389 -33.62 -21.01 15.87
C HIS C 389 -33.93 -22.40 15.34
N LEU C 390 -34.91 -23.08 15.95
CA LEU C 390 -35.31 -24.39 15.46
C LEU C 390 -35.77 -24.33 14.00
N GLN C 391 -36.57 -23.30 13.67
CA GLN C 391 -37.05 -23.17 12.30
C GLN C 391 -35.88 -23.01 11.33
N ALA C 392 -34.85 -22.26 11.72
CA ALA C 392 -33.66 -22.14 10.87
C ALA C 392 -33.03 -23.51 10.66
N ILE C 393 -32.96 -24.34 11.71
CA ILE C 393 -32.41 -25.68 11.57
C ILE C 393 -33.31 -26.52 10.67
N LYS C 394 -34.63 -26.34 10.76
CA LYS C 394 -35.56 -27.12 9.97
C LYS C 394 -35.31 -26.93 8.47
N GLU C 395 -35.13 -25.68 8.05
CA GLU C 395 -35.03 -25.44 6.62
C GLU C 395 -33.59 -25.55 6.12
N LEU C 396 -32.60 -25.42 7.00
CA LEU C 396 -31.23 -25.76 6.60
C LEU C 396 -31.13 -27.26 6.28
N ILE C 397 -31.61 -28.10 7.19
CA ILE C 397 -31.54 -29.55 6.97
C ILE C 397 -32.42 -29.95 5.79
N ALA C 398 -33.65 -29.42 5.74
CA ALA C 398 -34.56 -29.74 4.64
C ALA C 398 -34.02 -29.28 3.29
N ARG C 399 -33.05 -28.37 3.29
CA ARG C 399 -32.43 -27.92 2.05
C ARG C 399 -31.23 -28.77 1.67
N ASP C 400 -30.45 -29.23 2.64
CA ASP C 400 -29.13 -29.81 2.38
C ASP C 400 -29.02 -31.28 2.79
N LYS C 401 -30.14 -31.97 3.01
CA LYS C 401 -30.09 -33.34 3.52
C LYS C 401 -29.51 -34.31 2.49
N ASN C 402 -29.78 -34.08 1.21
CA ASN C 402 -29.38 -35.03 0.17
C ASN C 402 -27.96 -34.85 -0.31
N HIS C 403 -27.25 -33.82 0.15
CA HIS C 403 -25.89 -33.55 -0.32
C HIS C 403 -24.89 -34.49 0.33
N PRO C 404 -24.14 -35.29 -0.44
CA PRO C 404 -23.08 -36.10 0.18
C PRO C 404 -21.98 -35.29 0.80
N SER C 405 -21.80 -34.04 0.37
CA SER C 405 -20.70 -33.22 0.84
C SER C 405 -20.95 -32.60 2.22
N VAL C 406 -22.22 -32.43 2.60
CA VAL C 406 -22.56 -31.91 3.93
C VAL C 406 -22.33 -33.05 4.91
N VAL C 407 -21.23 -32.96 5.64
CA VAL C 407 -20.79 -34.04 6.50
C VAL C 407 -21.19 -33.79 7.95
N MET C 408 -21.55 -32.57 8.30
CA MET C 408 -21.85 -32.23 9.68
C MET C 408 -22.66 -30.93 9.73
N TRP C 409 -23.56 -30.84 10.70
CA TRP C 409 -24.33 -29.63 10.91
C TRP C 409 -23.76 -28.84 12.09
N SER C 410 -23.67 -27.52 11.95
CA SER C 410 -23.28 -26.63 13.04
C SER C 410 -24.50 -25.82 13.46
N ILE C 411 -24.91 -25.97 14.72
CA ILE C 411 -26.17 -25.38 15.15
C ILE C 411 -26.02 -23.88 15.46
N ALA C 412 -24.86 -23.45 15.94
CA ALA C 412 -24.64 -22.03 16.24
C ALA C 412 -23.15 -21.76 16.32
N ASN C 413 -22.79 -20.48 16.21
CA ASN C 413 -21.39 -20.06 16.21
C ASN C 413 -21.11 -19.18 17.41
N GLU C 414 -20.12 -19.59 18.21
CA GLU C 414 -19.65 -18.88 19.40
C GLU C 414 -20.78 -18.28 20.25
N PRO C 415 -21.69 -19.10 20.76
CA PRO C 415 -22.61 -18.59 21.78
C PRO C 415 -21.95 -18.59 23.14
N ASP C 416 -22.37 -17.65 23.98
CA ASP C 416 -21.92 -17.58 25.35
C ASP C 416 -22.70 -18.62 26.15
N THR C 417 -22.00 -19.63 26.63
CA THR C 417 -22.61 -20.76 27.33
C THR C 417 -22.33 -20.73 28.83
N ARG C 418 -21.98 -19.56 29.37
CA ARG C 418 -21.69 -19.42 30.80
C ARG C 418 -22.94 -19.13 31.61
N PRO C 419 -23.80 -18.18 31.23
CA PRO C 419 -25.03 -17.98 32.01
C PRO C 419 -25.89 -19.23 31.91
N GLN C 420 -26.29 -19.75 33.06
CA GLN C 420 -27.24 -20.87 33.03
C GLN C 420 -28.49 -20.44 32.28
N GLY C 421 -29.17 -21.41 31.71
CA GLY C 421 -30.12 -21.17 30.66
C GLY C 421 -29.56 -21.41 29.29
N ALA C 422 -28.23 -21.37 29.15
CA ALA C 422 -27.62 -21.81 27.90
C ALA C 422 -27.91 -23.28 27.65
N ARG C 423 -27.90 -24.12 28.70
CA ARG C 423 -28.23 -25.52 28.50
C ARG C 423 -29.73 -25.73 28.36
N GLU C 424 -30.55 -25.00 29.13
CA GLU C 424 -32.00 -25.04 28.94
C GLU C 424 -32.37 -24.71 27.50
N TYR C 425 -31.60 -23.80 26.88
CA TYR C 425 -31.85 -23.37 25.50
C TYR C 425 -31.37 -24.40 24.49
N PHE C 426 -30.17 -24.97 24.69
CA PHE C 426 -29.51 -25.73 23.62
C PHE C 426 -29.78 -27.23 23.67
N ALA C 427 -30.21 -27.79 24.82
CA ALA C 427 -30.55 -29.21 24.85
C ALA C 427 -31.66 -29.55 23.85
N PRO C 428 -32.83 -28.90 23.87
CA PRO C 428 -33.86 -29.26 22.87
C PRO C 428 -33.40 -29.04 21.44
N LEU C 429 -32.59 -28.02 21.16
CA LEU C 429 -32.14 -27.78 19.79
C LEU C 429 -31.30 -28.93 19.28
N ALA C 430 -30.41 -29.47 20.13
CA ALA C 430 -29.57 -30.59 19.70
C ALA C 430 -30.42 -31.83 19.42
N GLU C 431 -31.43 -32.09 20.26
CA GLU C 431 -32.21 -33.32 20.10
C GLU C 431 -33.20 -33.24 18.95
N ALA C 432 -33.81 -32.07 18.75
CA ALA C 432 -34.68 -31.90 17.59
C ALA C 432 -33.89 -31.96 16.29
N THR C 433 -32.63 -31.50 16.30
CA THR C 433 -31.81 -31.57 15.09
C THR C 433 -31.44 -33.01 14.77
N ARG C 434 -31.14 -33.81 15.79
CA ARG C 434 -30.93 -35.23 15.60
C ARG C 434 -32.21 -35.92 15.16
N LYS C 435 -33.37 -35.47 15.66
CA LYS C 435 -34.65 -36.03 15.23
C LYS C 435 -34.90 -35.77 13.76
N LEU C 436 -34.40 -34.65 13.23
CA LEU C 436 -34.69 -34.28 11.85
C LEU C 436 -33.67 -34.81 10.86
N ASP C 437 -32.43 -35.04 11.30
CA ASP C 437 -31.48 -35.80 10.49
C ASP C 437 -30.50 -36.53 11.39
N PRO C 438 -30.65 -37.85 11.54
CA PRO C 438 -29.68 -38.64 12.32
C PRO C 438 -28.57 -39.30 11.49
N THR C 439 -28.44 -38.96 10.20
CA THR C 439 -27.40 -39.50 9.32
C THR C 439 -26.08 -38.75 9.44
N ARG C 440 -26.08 -37.56 10.05
CA ARG C 440 -24.87 -36.76 10.14
C ARG C 440 -24.61 -36.35 11.58
N PRO C 441 -23.34 -36.28 12.01
CA PRO C 441 -23.05 -35.74 13.34
C PRO C 441 -23.43 -34.27 13.40
N ILE C 442 -23.58 -33.77 14.62
CA ILE C 442 -23.94 -32.36 14.84
C ILE C 442 -22.99 -31.77 15.87
N THR C 443 -22.70 -30.48 15.73
CA THR C 443 -21.72 -29.80 16.56
C THR C 443 -22.25 -28.43 16.90
N CYS C 444 -21.53 -27.75 17.77
CA CYS C 444 -21.69 -26.32 17.99
C CYS C 444 -20.30 -25.77 18.23
N VAL C 445 -19.93 -24.74 17.49
CA VAL C 445 -18.57 -24.24 17.55
C VAL C 445 -18.45 -23.31 18.74
N ASN C 446 -17.36 -23.45 19.48
CA ASN C 446 -17.22 -22.95 20.83
C ASN C 446 -16.26 -21.76 20.88
N VAL C 447 -16.64 -20.72 21.64
CA VAL C 447 -15.90 -19.46 21.72
C VAL C 447 -14.62 -19.64 22.53
N MET C 448 -13.70 -18.67 22.43
CA MET C 448 -12.40 -18.81 23.07
C MET C 448 -12.52 -18.73 24.59
N PHE C 449 -13.21 -17.73 25.11
CA PHE C 449 -13.22 -17.51 26.55
C PHE C 449 -14.06 -18.52 27.31
N CYS C 450 -14.76 -19.43 26.62
CA CYS C 450 -15.49 -20.51 27.29
C CYS C 450 -14.71 -21.81 27.16
N ASP C 451 -13.59 -21.87 27.86
CA ASP C 451 -12.72 -23.03 27.79
C ASP C 451 -13.38 -24.23 28.47
N ALA C 452 -12.62 -25.32 28.56
CA ALA C 452 -13.20 -26.61 28.90
C ALA C 452 -13.87 -26.59 30.27
N HIS C 453 -13.30 -25.87 31.23
CA HIS C 453 -13.81 -25.87 32.59
C HIS C 453 -14.95 -24.87 32.80
N THR C 454 -15.35 -24.14 31.76
CA THR C 454 -16.43 -23.16 31.85
C THR C 454 -17.64 -23.55 31.02
N ASP C 455 -17.46 -24.28 29.92
CA ASP C 455 -18.54 -24.54 28.98
C ASP C 455 -19.49 -25.60 29.51
N THR C 456 -20.77 -25.45 29.15
CA THR C 456 -21.86 -26.24 29.71
C THR C 456 -22.49 -27.26 28.75
N ILE C 457 -22.30 -27.11 27.44
CA ILE C 457 -23.08 -27.93 26.51
C ILE C 457 -22.22 -28.65 25.48
N SER C 458 -20.94 -28.89 25.79
CA SER C 458 -20.15 -29.69 24.87
C SER C 458 -20.66 -31.12 24.80
N ASP C 459 -21.32 -31.58 25.87
CA ASP C 459 -21.79 -32.97 25.94
C ASP C 459 -22.82 -33.28 24.87
N LEU C 460 -23.60 -32.29 24.46
CA LEU C 460 -24.75 -32.57 23.61
C LEU C 460 -24.40 -32.71 22.14
N PHE C 461 -23.11 -32.72 21.78
CA PHE C 461 -22.71 -32.74 20.39
C PHE C 461 -21.62 -33.79 20.18
N ASP C 462 -21.46 -34.19 18.92
CA ASP C 462 -20.64 -35.34 18.59
C ASP C 462 -19.19 -34.99 18.34
N VAL C 463 -18.92 -33.75 17.94
CA VAL C 463 -17.55 -33.32 17.67
C VAL C 463 -17.37 -31.95 18.30
N LEU C 464 -16.14 -31.66 18.68
CA LEU C 464 -15.80 -30.45 19.41
C LEU C 464 -15.18 -29.45 18.43
N CYS C 465 -15.82 -28.29 18.27
CA CYS C 465 -15.37 -27.25 17.34
C CYS C 465 -14.86 -26.05 18.14
N LEU C 466 -13.61 -25.65 17.88
CA LEU C 466 -12.91 -24.65 18.67
C LEU C 466 -12.41 -23.48 17.80
N ASN C 467 -12.58 -22.27 18.33
CA ASN C 467 -12.09 -21.04 17.70
C ASN C 467 -11.17 -20.38 18.72
N ARG C 468 -9.86 -20.56 18.55
CA ARG C 468 -8.90 -20.03 19.51
C ARG C 468 -7.98 -19.01 18.85
N TYR C 469 -7.63 -17.96 19.60
CA TYR C 469 -6.78 -16.88 19.11
C TYR C 469 -5.73 -16.50 20.13
N TYR C 470 -5.14 -17.50 20.79
CA TYR C 470 -4.05 -17.23 21.70
C TYR C 470 -2.88 -16.66 20.93
N GLY C 471 -2.30 -15.60 21.47
CA GLY C 471 -1.28 -14.85 20.79
C GLY C 471 -1.81 -13.65 20.05
N TRP C 472 -3.13 -13.54 19.90
CA TRP C 472 -3.74 -12.38 19.26
C TRP C 472 -4.55 -11.57 20.25
N TYR C 473 -5.76 -12.06 20.57
CA TYR C 473 -6.62 -11.35 21.51
C TYR C 473 -6.13 -11.50 22.94
N VAL C 474 -5.38 -12.57 23.26
CA VAL C 474 -4.75 -12.71 24.57
C VAL C 474 -3.29 -13.13 24.36
N GLN C 475 -2.46 -12.78 25.34
CA GLN C 475 -0.99 -12.84 25.22
C GLN C 475 -0.54 -12.30 23.87
N SER C 476 -0.98 -11.08 23.57
CA SER C 476 -0.78 -10.48 22.26
C SER C 476 0.70 -10.44 21.90
N GLY C 477 1.07 -11.07 20.78
CA GLY C 477 2.42 -11.05 20.29
C GLY C 477 3.35 -12.10 20.88
N ASP C 478 2.93 -12.75 21.96
CA ASP C 478 3.78 -13.70 22.71
C ASP C 478 3.55 -15.10 22.16
N LEU C 479 4.37 -15.49 21.18
CA LEU C 479 4.20 -16.80 20.55
C LEU C 479 4.50 -17.94 21.50
N GLU C 480 5.44 -17.76 22.43
CA GLU C 480 5.85 -18.88 23.27
C GLU C 480 4.90 -19.10 24.43
N THR C 481 4.36 -18.04 25.02
CA THR C 481 3.34 -18.20 26.05
C THR C 481 2.03 -18.65 25.43
N ALA C 482 1.71 -18.14 24.22
CA ALA C 482 0.53 -18.62 23.51
C ALA C 482 0.63 -20.10 23.21
N GLU C 483 1.84 -20.59 22.91
CA GLU C 483 2.03 -22.02 22.67
C GLU C 483 1.68 -22.83 23.91
N LYS C 484 2.09 -22.35 25.09
CA LYS C 484 1.86 -23.10 26.31
C LYS C 484 0.39 -23.05 26.73
N VAL C 485 -0.27 -21.91 26.55
CA VAL C 485 -1.72 -21.88 26.79
C VAL C 485 -2.42 -22.81 25.82
N LEU C 486 -2.10 -22.68 24.51
CA LEU C 486 -2.85 -23.39 23.47
C LEU C 486 -2.75 -24.89 23.63
N GLU C 487 -1.54 -25.40 23.90
CA GLU C 487 -1.38 -26.85 23.99
C GLU C 487 -1.92 -27.37 25.32
N LYS C 488 -1.79 -26.62 26.41
CA LYS C 488 -2.36 -27.07 27.68
C LYS C 488 -3.86 -27.21 27.55
N GLU C 489 -4.51 -26.21 26.94
CA GLU C 489 -5.95 -26.31 26.77
C GLU C 489 -6.30 -27.49 25.86
N LEU C 490 -5.64 -27.61 24.68
CA LEU C 490 -6.05 -28.66 23.73
C LEU C 490 -6.08 -30.03 24.41
N LEU C 491 -5.17 -30.27 25.35
CA LEU C 491 -5.17 -31.54 26.09
C LEU C 491 -6.19 -31.56 27.23
N ALA C 492 -6.46 -30.41 27.86
CA ALA C 492 -7.52 -30.34 28.86
C ALA C 492 -8.87 -30.72 28.27
N TRP C 493 -9.19 -30.19 27.07
CA TRP C 493 -10.45 -30.50 26.40
C TRP C 493 -10.57 -31.99 26.13
N GLN C 494 -9.51 -32.62 25.62
CA GLN C 494 -9.61 -34.01 25.22
C GLN C 494 -9.78 -34.93 26.43
N GLU C 495 -9.17 -34.58 27.56
CA GLU C 495 -9.40 -35.37 28.77
C GLU C 495 -10.81 -35.20 29.29
N LYS C 496 -11.43 -34.03 29.06
CA LYS C 496 -12.78 -33.81 29.58
C LYS C 496 -13.83 -34.60 28.79
N LEU C 497 -13.64 -34.71 27.46
CA LEU C 497 -14.71 -35.21 26.61
C LEU C 497 -14.33 -36.34 25.68
N HIS C 498 -13.06 -36.52 25.33
CA HIS C 498 -12.64 -37.58 24.43
C HIS C 498 -13.42 -37.53 23.11
N GLN C 499 -13.71 -36.33 22.69
CA GLN C 499 -14.37 -36.02 21.44
C GLN C 499 -13.34 -35.77 20.35
N PRO C 500 -13.75 -35.84 19.08
CA PRO C 500 -12.91 -35.27 18.02
C PRO C 500 -12.87 -33.75 18.16
N ILE C 501 -11.72 -33.16 17.86
CA ILE C 501 -11.51 -31.74 17.99
C ILE C 501 -11.17 -31.18 16.62
N ILE C 502 -12.08 -30.41 16.04
CA ILE C 502 -11.80 -29.62 14.83
C ILE C 502 -11.59 -28.19 15.25
N ILE C 503 -10.43 -27.63 14.93
CA ILE C 503 -10.17 -26.22 15.17
C ILE C 503 -10.76 -25.49 13.96
N THR C 504 -11.91 -24.86 14.15
CA THR C 504 -12.61 -24.24 13.04
C THR C 504 -12.20 -22.80 12.79
N GLU C 505 -11.49 -22.17 13.74
CA GLU C 505 -11.05 -20.79 13.56
C GLU C 505 -9.70 -20.60 14.24
N TYR C 506 -8.71 -20.19 13.46
CA TYR C 506 -7.49 -19.61 14.00
C TYR C 506 -6.90 -18.71 12.93
N GLY C 507 -6.53 -17.50 13.33
CA GLY C 507 -5.98 -16.53 12.38
C GLY C 507 -5.64 -15.25 13.10
N VAL C 508 -4.82 -14.43 12.42
CA VAL C 508 -4.40 -13.14 12.94
C VAL C 508 -4.55 -12.10 11.83
N ASP C 509 -5.01 -10.91 12.18
CA ASP C 509 -5.16 -9.84 11.20
C ASP C 509 -3.81 -9.53 10.56
N THR C 510 -3.81 -9.33 9.25
CA THR C 510 -2.54 -9.11 8.56
C THR C 510 -2.73 -8.22 7.34
N LEU C 511 -2.09 -7.06 7.36
CA LEU C 511 -2.17 -6.13 6.24
C LEU C 511 -1.17 -6.51 5.17
N ALA C 512 -1.67 -6.76 3.96
CA ALA C 512 -0.79 -7.12 2.86
C ALA C 512 0.18 -5.99 2.59
N GLY C 513 1.46 -6.32 2.56
CA GLY C 513 2.51 -5.35 2.32
C GLY C 513 3.32 -4.98 3.54
N LEU C 514 2.78 -5.23 4.74
CA LEU C 514 3.46 -4.85 5.98
C LEU C 514 4.47 -5.93 6.36
N HIS C 515 5.76 -5.59 6.28
CA HIS C 515 6.81 -6.52 6.61
C HIS C 515 7.65 -5.97 7.75
N SER C 516 8.26 -6.87 8.51
CA SER C 516 8.88 -6.47 9.76
C SER C 516 9.98 -7.46 10.06
N MET C 517 11.16 -6.93 10.38
CA MET C 517 12.26 -7.80 10.80
C MET C 517 12.03 -8.34 12.21
N TYR C 518 11.24 -7.65 13.00
CA TYR C 518 10.68 -8.17 14.24
C TYR C 518 9.38 -8.88 13.90
N THR C 519 9.17 -10.05 14.50
CA THR C 519 7.98 -10.82 14.13
C THR C 519 6.81 -10.37 15.00
N ASP C 520 6.25 -9.22 14.63
CA ASP C 520 5.25 -8.55 15.46
C ASP C 520 3.92 -8.43 14.72
N MET C 521 2.88 -8.16 15.50
CA MET C 521 1.51 -8.27 15.01
C MET C 521 1.26 -7.37 13.81
N TRP C 522 0.34 -7.81 12.96
CA TRP C 522 -0.17 -7.19 11.75
C TRP C 522 0.75 -7.41 10.56
N SER C 523 1.97 -7.86 10.77
CA SER C 523 2.89 -8.14 9.68
C SER C 523 2.65 -9.53 9.08
N GLU C 524 2.92 -9.66 7.79
CA GLU C 524 2.82 -10.94 7.11
C GLU C 524 3.72 -12.00 7.76
N GLU C 525 4.86 -11.58 8.32
CA GLU C 525 5.72 -12.52 9.02
C GLU C 525 5.03 -13.09 10.27
N TYR C 526 4.37 -12.25 11.05
CA TYR C 526 3.65 -12.74 12.22
C TYR C 526 2.59 -13.75 11.81
N GLN C 527 1.90 -13.49 10.69
CA GLN C 527 0.90 -14.43 10.23
C GLN C 527 1.53 -15.79 9.93
N CYS C 528 2.75 -15.80 9.42
CA CYS C 528 3.40 -17.06 9.10
C CYS C 528 3.83 -17.80 10.36
N ALA C 529 4.57 -17.12 11.23
CA ALA C 529 5.09 -17.75 12.45
C ALA C 529 3.94 -18.23 13.33
N TRP C 530 2.92 -17.40 13.49
CA TRP C 530 1.78 -17.74 14.34
C TRP C 530 1.07 -18.99 13.82
N LEU C 531 0.83 -19.05 12.49
CA LEU C 531 0.17 -20.22 11.94
C LEU C 531 1.01 -21.48 12.14
N ASP C 532 2.32 -21.37 11.91
CA ASP C 532 3.16 -22.55 12.03
C ASP C 532 3.22 -23.03 13.46
N MET C 533 3.18 -22.12 14.44
CA MET C 533 3.21 -22.55 15.82
C MET C 533 1.93 -23.29 16.18
N TYR C 534 0.77 -22.78 15.74
CA TYR C 534 -0.47 -23.50 15.93
C TYR C 534 -0.40 -24.88 15.30
N HIS C 535 0.29 -25.00 14.16
CA HIS C 535 0.39 -26.30 13.49
C HIS C 535 1.27 -27.26 14.28
N ARG C 536 2.38 -26.78 14.84
CA ARG C 536 3.21 -27.69 15.64
C ARG C 536 2.57 -28.01 16.98
N VAL C 537 1.50 -27.33 17.37
CA VAL C 537 0.71 -27.75 18.52
C VAL C 537 -0.35 -28.77 18.10
N PHE C 538 -0.97 -28.59 16.93
CA PHE C 538 -1.99 -29.53 16.46
C PHE C 538 -1.42 -30.94 16.35
N ASP C 539 -0.23 -31.07 15.74
CA ASP C 539 0.30 -32.37 15.34
C ASP C 539 0.72 -33.26 16.51
N ARG C 540 0.81 -32.72 17.74
CA ARG C 540 1.13 -33.52 18.93
C ARG C 540 -0.08 -33.78 19.82
N VAL C 541 -1.28 -33.37 19.42
CA VAL C 541 -2.51 -33.62 20.15
C VAL C 541 -3.33 -34.62 19.36
N SER C 542 -3.54 -35.80 19.94
CA SER C 542 -4.14 -36.92 19.21
C SER C 542 -5.59 -36.64 18.81
N ALA C 543 -6.33 -35.92 19.62
CA ALA C 543 -7.76 -35.77 19.44
C ALA C 543 -8.14 -34.72 18.40
N VAL C 544 -7.19 -34.08 17.74
CA VAL C 544 -7.49 -33.04 16.75
C VAL C 544 -7.73 -33.70 15.40
N VAL C 545 -8.89 -33.41 14.79
CA VAL C 545 -9.33 -34.04 13.55
C VAL C 545 -9.35 -33.06 12.38
N GLY C 546 -9.15 -31.77 12.63
CA GLY C 546 -9.18 -30.82 11.54
C GLY C 546 -8.68 -29.43 11.87
N GLU C 547 -8.16 -28.74 10.86
CA GLU C 547 -7.68 -27.37 10.97
C GLU C 547 -8.30 -26.55 9.85
N GLN C 548 -8.88 -25.40 10.21
CA GLN C 548 -9.45 -24.47 9.24
C GLN C 548 -9.05 -23.07 9.70
N VAL C 549 -8.09 -22.45 9.00
CA VAL C 549 -7.59 -21.14 9.43
C VAL C 549 -8.70 -20.11 9.30
N TRP C 550 -8.76 -19.17 10.25
CA TRP C 550 -9.85 -18.22 10.19
C TRP C 550 -9.64 -17.31 9.00
N ASN C 551 -10.33 -17.71 7.95
CA ASN C 551 -10.79 -17.02 6.77
C ASN C 551 -9.86 -17.04 5.59
N PHE C 552 -10.47 -17.56 4.53
CA PHE C 552 -9.92 -17.61 3.20
C PHE C 552 -9.65 -16.23 2.61
N ALA C 553 -10.34 -15.18 3.07
CA ALA C 553 -10.13 -13.87 2.45
C ALA C 553 -10.65 -12.74 3.34
N ASP C 554 -9.93 -11.61 3.32
CA ASP C 554 -10.39 -10.39 3.98
C ASP C 554 -11.84 -10.13 3.60
N PHE C 555 -12.62 -9.66 4.57
CA PHE C 555 -14.03 -9.41 4.36
C PHE C 555 -14.46 -8.18 5.13
N ALA C 556 -15.65 -7.68 4.79
CA ALA C 556 -16.18 -6.45 5.32
C ALA C 556 -16.95 -6.69 6.61
N THR C 557 -16.71 -5.83 7.59
CA THR C 557 -17.39 -5.84 8.87
C THR C 557 -18.01 -4.47 9.09
N SER C 558 -18.71 -4.30 10.21
CA SER C 558 -19.12 -2.96 10.57
C SER C 558 -17.92 -2.19 11.14
N GLN C 559 -18.06 -0.87 11.12
CA GLN C 559 -16.93 0.01 11.41
C GLN C 559 -16.54 -0.08 12.89
N GLY C 560 -15.23 -0.14 13.13
CA GLY C 560 -14.74 -0.19 14.48
C GLY C 560 -13.25 0.07 14.54
N ILE C 561 -12.78 0.42 15.74
CA ILE C 561 -11.36 0.63 15.98
C ILE C 561 -10.57 -0.66 15.97
N LEU C 562 -11.23 -1.82 15.90
CA LEU C 562 -10.57 -3.12 15.82
C LEU C 562 -10.51 -3.67 14.41
N ARG C 563 -11.15 -3.00 13.45
CA ARG C 563 -11.27 -3.50 12.09
C ARG C 563 -10.74 -2.43 11.14
N VAL C 564 -9.56 -2.67 10.57
CA VAL C 564 -8.94 -1.76 9.61
C VAL C 564 -9.58 -1.95 8.25
N GLY C 565 -10.67 -1.22 7.98
CA GLY C 565 -11.36 -1.33 6.70
C GLY C 565 -11.83 -2.73 6.39
N GLY C 566 -12.42 -3.40 7.38
CA GLY C 566 -12.78 -4.81 7.30
C GLY C 566 -11.94 -5.64 8.25
N ASN C 567 -12.22 -6.94 8.24
CA ASN C 567 -11.46 -7.92 9.01
C ASN C 567 -10.34 -8.43 8.12
N LYS C 568 -9.10 -8.39 8.64
CA LYS C 568 -7.91 -8.64 7.84
C LYS C 568 -7.25 -9.98 8.17
N LYS C 569 -8.02 -10.95 8.64
CA LYS C 569 -7.44 -12.25 8.97
C LYS C 569 -7.34 -13.15 7.75
N GLY C 570 -7.63 -12.63 6.57
CA GLY C 570 -7.66 -13.47 5.38
C GLY C 570 -6.30 -14.02 5.02
N ILE C 571 -6.30 -15.19 4.39
CA ILE C 571 -5.10 -15.71 3.76
C ILE C 571 -4.86 -15.02 2.42
N PHE C 572 -5.95 -14.71 1.71
CA PHE C 572 -5.94 -13.85 0.55
C PHE C 572 -6.57 -12.51 0.90
N THR C 573 -6.26 -11.50 0.10
CA THR C 573 -6.91 -10.20 0.23
C THR C 573 -8.32 -10.28 -0.36
N ARG C 574 -9.04 -9.16 -0.27
CA ARG C 574 -10.42 -9.17 -0.76
C ARG C 574 -10.48 -9.43 -2.26
N ASP C 575 -9.54 -8.89 -3.03
CA ASP C 575 -9.52 -9.19 -4.46
C ASP C 575 -8.84 -10.53 -4.78
N ARG C 576 -8.60 -11.36 -3.77
CA ARG C 576 -8.02 -12.70 -3.90
C ARG C 576 -6.53 -12.64 -4.23
N LYS C 577 -5.82 -11.70 -3.62
CA LYS C 577 -4.38 -11.84 -3.84
C LYS C 577 -3.72 -12.45 -2.60
N PRO C 578 -2.77 -13.37 -2.78
CA PRO C 578 -2.27 -14.16 -1.65
C PRO C 578 -1.28 -13.39 -0.80
N LYS C 579 -1.57 -13.28 0.48
CA LYS C 579 -0.54 -12.92 1.45
C LYS C 579 0.46 -14.06 1.59
N SER C 580 1.68 -13.74 2.01
CA SER C 580 2.76 -14.73 1.97
C SER C 580 2.53 -15.94 2.87
N ALA C 581 1.44 -15.94 3.65
CA ALA C 581 1.04 -17.11 4.41
C ALA C 581 0.30 -18.15 3.58
N ALA C 582 -0.17 -17.78 2.38
CA ALA C 582 -0.82 -18.76 1.51
C ALA C 582 0.17 -19.80 1.03
N PHE C 583 1.42 -19.40 0.83
CA PHE C 583 2.45 -20.36 0.45
C PHE C 583 2.84 -21.26 1.62
N LEU C 584 2.71 -20.76 2.84
CA LEU C 584 2.93 -21.61 4.01
C LEU C 584 1.93 -22.76 4.02
N LEU C 585 0.63 -22.44 3.89
CA LEU C 585 -0.40 -23.47 3.99
C LEU C 585 -0.38 -24.44 2.81
N GLN C 586 -0.02 -23.94 1.62
CA GLN C 586 0.11 -24.85 0.49
C GLN C 586 1.28 -25.82 0.67
N LYS C 587 2.38 -25.37 1.29
CA LYS C 587 3.45 -26.29 1.67
C LYS C 587 2.92 -27.40 2.57
N ARG C 588 2.15 -27.03 3.60
CA ARG C 588 1.68 -28.00 4.58
C ARG C 588 0.60 -28.89 3.99
N TRP C 589 -0.46 -28.29 3.44
CA TRP C 589 -1.64 -29.05 3.04
C TRP C 589 -1.40 -29.93 1.81
N THR C 590 -0.39 -29.62 0.99
CA THR C 590 -0.05 -30.47 -0.14
C THR C 590 1.11 -31.41 0.14
N GLY C 591 1.94 -31.13 1.14
CA GLY C 591 2.93 -32.11 1.56
C GLY C 591 2.31 -33.24 2.35
N MET C 592 1.16 -33.02 2.97
CA MET C 592 0.45 -34.07 3.67
C MET C 592 -0.02 -35.13 2.69
N ASN C 593 -0.22 -36.33 3.20
CA ASN C 593 -1.03 -37.29 2.48
C ASN C 593 -2.48 -36.87 2.56
N PHE C 594 -3.27 -37.24 1.55
CA PHE C 594 -4.61 -36.68 1.45
C PHE C 594 -5.47 -37.14 2.61
N GLY C 595 -6.10 -36.17 3.28
CA GLY C 595 -7.00 -36.44 4.38
C GLY C 595 -6.39 -37.21 5.53
N GLU C 596 -5.06 -37.20 5.65
CA GLU C 596 -4.37 -38.00 6.65
C GLU C 596 -3.53 -37.09 7.54
N LYS C 597 -3.63 -37.30 8.84
CA LYS C 597 -3.02 -36.43 9.82
C LYS C 597 -1.49 -36.47 9.72
N PRO C 598 -0.81 -35.33 9.87
CA PRO C 598 0.65 -35.36 10.02
C PRO C 598 1.04 -35.99 11.35
N GLN C 599 2.02 -36.89 11.32
CA GLN C 599 2.38 -37.69 12.50
C GLN C 599 3.46 -36.97 13.32
N GLN C 600 3.01 -35.89 13.98
CA GLN C 600 3.85 -35.08 14.88
C GLN C 600 5.11 -34.56 14.18
N GLY C 601 5.05 -34.43 12.86
CA GLY C 601 6.21 -34.00 12.10
C GLY C 601 5.98 -33.85 10.62
N GLY C 602 7.02 -34.13 9.83
CA GLY C 602 6.96 -34.05 8.38
C GLY C 602 7.76 -35.14 7.70
N HIS D 1 48.29 13.31 -0.65
CA HIS D 1 48.54 12.74 0.67
C HIS D 1 47.29 12.78 1.54
N MET D 2 46.81 11.61 1.94
CA MET D 2 45.56 11.55 2.69
C MET D 2 45.57 10.36 3.65
N LEU D 3 45.41 10.66 4.93
CA LEU D 3 45.05 9.68 5.96
C LEU D 3 43.83 10.19 6.70
N ARG D 4 43.06 9.28 7.29
CA ARG D 4 41.93 9.73 8.09
C ARG D 4 42.47 10.31 9.40
N PRO D 5 42.07 11.52 9.77
CA PRO D 5 42.51 12.08 11.06
C PRO D 5 42.14 11.17 12.22
N VAL D 6 43.07 11.03 13.17
CA VAL D 6 42.81 10.33 14.42
C VAL D 6 43.09 11.30 15.55
N GLU D 7 42.64 10.94 16.75
CA GLU D 7 42.87 11.76 17.95
C GLU D 7 43.88 11.07 18.85
N THR D 8 44.83 11.86 19.36
CA THR D 8 45.93 11.45 20.23
C THR D 8 46.58 12.73 20.72
N PRO D 9 47.93 12.81 20.85
CA PRO D 9 48.57 14.14 20.66
C PRO D 9 48.28 14.85 19.33
N THR D 10 47.18 14.50 18.64
CA THR D 10 46.56 15.34 17.60
C THR D 10 45.08 15.45 17.92
N ARG D 11 44.50 16.62 17.70
CA ARG D 11 43.16 16.91 18.15
C ARG D 11 42.23 17.07 16.96
N GLU D 12 40.92 17.05 17.23
CA GLU D 12 39.91 17.38 16.23
C GLU D 12 38.70 18.00 16.90
N ILE D 13 38.19 19.06 16.28
CA ILE D 13 36.89 19.65 16.62
C ILE D 13 35.99 19.37 15.42
N LYS D 14 35.08 18.41 15.55
CA LYS D 14 34.16 18.14 14.46
C LYS D 14 33.22 19.32 14.31
N LYS D 15 33.18 19.90 13.12
CA LYS D 15 32.42 21.11 12.85
C LYS D 15 31.10 20.84 12.15
N LEU D 16 30.75 19.56 11.98
CA LEU D 16 29.41 19.21 11.51
C LEU D 16 28.49 19.47 12.65
N ASP D 17 28.55 20.64 13.28
CA ASP D 17 27.61 20.92 14.35
C ASP D 17 26.22 20.46 13.94
N GLY D 18 25.95 20.47 12.64
CA GLY D 18 24.61 20.66 12.13
C GLY D 18 24.21 22.11 12.24
N LEU D 19 23.45 22.56 11.27
CA LEU D 19 22.84 23.89 11.31
C LEU D 19 23.92 24.90 10.97
N TRP D 20 24.32 24.85 9.71
CA TRP D 20 24.96 25.95 9.03
C TRP D 20 23.89 26.88 8.47
N ALA D 21 24.32 28.03 7.97
CA ALA D 21 23.44 28.92 7.23
C ALA D 21 23.55 28.59 5.74
N PHE D 22 22.42 28.61 5.04
CA PHE D 22 22.37 28.09 3.69
C PHE D 22 21.51 28.98 2.81
N SER D 23 21.94 29.18 1.57
CA SER D 23 21.15 29.97 0.63
C SER D 23 21.51 29.56 -0.80
N LEU D 24 20.50 29.55 -1.66
CA LEU D 24 20.72 29.34 -3.08
C LEU D 24 21.35 30.59 -3.69
N ASP D 25 21.70 30.50 -4.96
CA ASP D 25 22.26 31.62 -5.69
C ASP D 25 21.70 31.58 -7.12
N ARG D 26 20.40 31.88 -7.25
CA ARG D 26 19.75 31.74 -8.55
C ARG D 26 20.24 32.72 -9.58
N GLU D 27 20.78 33.88 -9.14
CA GLU D 27 21.24 34.92 -10.04
C GLU D 27 22.72 34.79 -10.40
N ASN D 28 23.42 33.82 -9.82
CA ASN D 28 24.86 33.61 -9.99
C ASN D 28 25.65 34.89 -9.74
N CYS D 29 25.35 35.55 -8.63
CA CYS D 29 26.07 36.75 -8.23
C CYS D 29 26.75 36.59 -6.88
N GLY D 30 26.85 35.36 -6.36
CA GLY D 30 27.53 35.16 -5.09
C GLY D 30 29.00 35.49 -5.16
N ILE D 31 29.71 34.94 -6.15
CA ILE D 31 31.15 35.17 -6.27
C ILE D 31 31.44 36.60 -6.68
N ASP D 32 30.56 37.20 -7.48
CA ASP D 32 30.78 38.58 -7.91
C ASP D 32 30.63 39.54 -6.74
N GLN D 33 29.56 39.39 -5.95
CA GLN D 33 29.33 40.20 -4.75
C GLN D 33 30.02 39.63 -3.53
N ARG D 34 30.85 38.60 -3.71
CA ARG D 34 31.75 38.06 -2.69
C ARG D 34 31.02 37.84 -1.36
N TRP D 35 30.04 36.94 -1.41
CA TRP D 35 29.17 36.67 -0.28
C TRP D 35 29.92 36.17 0.94
N TRP D 36 31.17 35.71 0.78
CA TRP D 36 31.92 35.18 1.90
C TRP D 36 32.42 36.25 2.86
N GLU D 37 32.33 37.53 2.48
CA GLU D 37 32.82 38.60 3.34
C GLU D 37 31.82 38.95 4.44
N SER D 38 30.54 38.67 4.24
CA SER D 38 29.50 38.97 5.21
C SER D 38 28.69 37.71 5.47
N ALA D 39 27.81 37.79 6.46
CA ALA D 39 26.85 36.72 6.68
C ALA D 39 25.87 36.65 5.52
N LEU D 40 25.55 35.44 5.08
CA LEU D 40 24.58 35.28 4.01
C LEU D 40 23.25 35.91 4.41
N GLN D 41 22.74 36.83 3.58
CA GLN D 41 21.40 37.31 3.86
C GLN D 41 20.37 36.33 3.33
N GLU D 42 19.18 36.43 3.92
CA GLU D 42 18.05 35.62 3.50
C GLU D 42 18.46 34.16 3.32
N SER D 43 19.01 33.62 4.41
CA SER D 43 19.44 32.23 4.50
C SER D 43 18.49 31.46 5.41
N ARG D 44 18.72 30.16 5.50
CA ARG D 44 17.93 29.28 6.34
C ARG D 44 18.85 28.20 6.87
N ALA D 45 18.41 27.53 7.93
CA ALA D 45 19.26 26.55 8.59
C ALA D 45 19.29 25.27 7.79
N ILE D 46 20.47 24.70 7.62
CA ILE D 46 20.62 23.43 6.92
C ILE D 46 21.43 22.50 7.79
N ALA D 47 21.16 21.21 7.68
CA ALA D 47 21.86 20.22 8.49
C ALA D 47 23.07 19.69 7.74
N VAL D 48 24.22 19.71 8.40
CA VAL D 48 25.47 19.18 7.87
C VAL D 48 25.91 18.03 8.77
N PRO D 49 26.13 16.82 8.25
CA PRO D 49 26.04 16.45 6.83
C PRO D 49 24.64 16.07 6.36
N GLY D 50 24.46 16.03 5.05
CA GLY D 50 23.19 15.68 4.43
C GLY D 50 23.04 16.42 3.12
N SER D 51 22.25 15.84 2.21
CA SER D 51 21.99 16.53 0.95
C SER D 51 21.06 17.72 1.21
N PHE D 52 21.26 18.79 0.45
CA PHE D 52 20.37 19.93 0.58
C PHE D 52 19.05 19.72 -0.16
N ASN D 53 18.96 18.69 -0.99
CA ASN D 53 17.80 18.51 -1.87
C ASN D 53 16.53 18.18 -1.09
N ASP D 54 16.53 17.08 -0.33
CA ASP D 54 15.33 16.59 0.35
C ASP D 54 15.12 17.20 1.72
N GLN D 55 15.92 18.18 2.12
CA GLN D 55 15.88 18.65 3.49
C GLN D 55 14.74 19.64 3.77
N PHE D 56 14.21 20.29 2.73
CA PHE D 56 13.21 21.33 2.94
C PHE D 56 11.86 20.97 2.35
N ALA D 57 11.69 19.77 1.80
CA ALA D 57 10.44 19.34 1.19
C ALA D 57 9.96 20.36 0.16
N ASP D 58 10.90 20.84 -0.66
CA ASP D 58 10.63 21.90 -1.63
C ASP D 58 11.10 21.44 -3.00
N ALA D 59 10.17 21.46 -3.98
CA ALA D 59 10.51 21.00 -5.32
C ALA D 59 11.55 21.90 -5.98
N ASP D 60 11.50 23.20 -5.72
CA ASP D 60 12.46 24.11 -6.35
C ASP D 60 13.87 23.95 -5.81
N ILE D 61 14.02 23.69 -4.52
CA ILE D 61 15.35 23.40 -3.99
C ILE D 61 15.82 22.04 -4.46
N ARG D 62 14.92 21.06 -4.53
CA ARG D 62 15.34 19.70 -4.84
C ARG D 62 15.92 19.59 -6.24
N ASN D 63 15.30 20.22 -7.23
CA ASN D 63 15.76 20.13 -8.60
C ASN D 63 16.64 21.31 -9.00
N TYR D 64 17.29 21.94 -8.03
CA TYR D 64 18.06 23.16 -8.28
C TYR D 64 19.37 22.86 -8.99
N ALA D 65 19.75 23.74 -9.92
CA ALA D 65 21.00 23.63 -10.66
C ALA D 65 21.71 24.97 -10.60
N GLY D 66 22.89 24.98 -10.00
CA GLY D 66 23.66 26.20 -9.83
C GLY D 66 24.60 26.06 -8.63
N ASN D 67 24.91 27.21 -8.04
CA ASN D 67 25.72 27.29 -6.83
C ASN D 67 24.82 27.40 -5.62
N VAL D 68 25.24 26.77 -4.51
CA VAL D 68 24.61 26.95 -3.21
C VAL D 68 25.69 27.32 -2.21
N TRP D 69 25.30 28.06 -1.19
CA TRP D 69 26.26 28.65 -0.26
C TRP D 69 25.99 28.15 1.15
N TYR D 70 27.02 27.56 1.77
CA TYR D 70 27.02 27.18 3.18
C TYR D 70 27.87 28.17 3.97
N GLN D 71 27.53 28.34 5.25
CA GLN D 71 28.29 29.25 6.09
C GLN D 71 28.08 28.90 7.55
N ARG D 72 29.10 29.18 8.36
CA ARG D 72 29.07 28.80 9.77
C ARG D 72 30.19 29.54 10.50
N GLU D 73 29.93 29.92 11.74
CA GLU D 73 30.98 30.42 12.61
C GLU D 73 31.43 29.32 13.56
N VAL D 74 32.66 29.48 14.08
CA VAL D 74 33.24 28.50 14.99
C VAL D 74 34.43 29.09 15.71
N PHE D 75 34.49 28.91 17.03
CA PHE D 75 35.62 29.37 17.83
C PHE D 75 36.77 28.37 17.71
N ILE D 76 37.96 28.87 17.40
CA ILE D 76 39.14 28.02 17.35
C ILE D 76 39.63 27.78 18.78
N PRO D 77 39.89 26.54 19.19
CA PRO D 77 40.31 26.29 20.57
C PRO D 77 41.61 27.00 20.90
N LYS D 78 41.64 27.65 22.06
CA LYS D 78 42.81 28.43 22.45
C LYS D 78 44.04 27.53 22.64
N GLY D 79 43.85 26.28 22.99
CA GLY D 79 44.97 25.38 23.21
C GLY D 79 45.66 24.91 21.94
N TRP D 80 45.35 25.53 20.81
CA TRP D 80 45.91 25.14 19.52
C TRP D 80 46.95 26.12 19.00
N ALA D 81 47.42 27.05 19.83
CA ALA D 81 48.41 28.01 19.39
C ALA D 81 49.71 27.29 19.05
N GLY D 82 50.28 27.63 17.89
CA GLY D 82 51.54 27.06 17.49
C GLY D 82 51.48 25.69 16.85
N GLN D 83 50.29 25.12 16.69
CA GLN D 83 50.12 23.85 16.00
C GLN D 83 49.78 24.10 14.54
N ARG D 84 50.00 23.06 13.72
CA ARG D 84 49.42 23.04 12.39
C ARG D 84 47.93 22.72 12.54
N ILE D 85 47.09 23.50 11.87
CA ILE D 85 45.64 23.36 11.93
C ILE D 85 45.12 23.07 10.54
N VAL D 86 44.38 21.97 10.38
CA VAL D 86 43.92 21.54 9.08
C VAL D 86 42.40 21.52 9.06
N LEU D 87 41.83 22.18 8.05
CA LEU D 87 40.40 22.16 7.76
C LEU D 87 40.14 21.07 6.73
N ARG D 88 39.33 20.09 7.10
CA ARG D 88 39.12 18.93 6.24
C ARG D 88 37.64 18.77 5.92
N PHE D 89 37.34 18.56 4.65
CA PHE D 89 36.01 18.17 4.21
C PHE D 89 36.07 16.74 3.71
N ASP D 90 35.36 15.83 4.37
CA ASP D 90 35.33 14.44 3.95
C ASP D 90 34.67 14.25 2.60
N ALA D 91 33.83 15.21 2.18
CA ALA D 91 33.10 15.15 0.92
C ALA D 91 32.29 16.43 0.73
N VAL D 92 32.46 17.07 -0.43
CA VAL D 92 31.57 18.13 -0.89
C VAL D 92 31.19 17.76 -2.31
N THR D 93 29.91 17.45 -2.53
CA THR D 93 29.56 16.65 -3.68
C THR D 93 29.57 17.50 -4.94
N HIS D 94 30.57 17.22 -5.78
CA HIS D 94 30.89 17.75 -7.09
C HIS D 94 31.89 18.90 -6.95
N TYR D 95 31.53 20.04 -6.38
CA TYR D 95 32.52 21.12 -6.34
C TYR D 95 32.34 21.99 -5.10
N GLY D 96 33.42 22.24 -4.40
CA GLY D 96 33.42 23.17 -3.28
C GLY D 96 34.57 24.15 -3.39
N LYS D 97 34.31 25.37 -2.91
CA LYS D 97 35.32 26.41 -2.75
C LYS D 97 35.16 27.02 -1.36
N VAL D 98 36.25 27.09 -0.60
CA VAL D 98 36.20 27.36 0.82
C VAL D 98 36.86 28.71 1.10
N TRP D 99 36.23 29.49 1.98
CA TRP D 99 36.79 30.74 2.48
C TRP D 99 36.80 30.71 4.00
N VAL D 100 37.94 31.06 4.57
CA VAL D 100 38.05 31.29 6.00
C VAL D 100 38.25 32.78 6.20
N ASN D 101 37.16 33.51 6.43
CA ASN D 101 37.19 34.94 6.75
C ASN D 101 38.02 35.73 5.75
N ASN D 102 37.47 35.83 4.53
CA ASN D 102 37.97 36.59 3.39
C ASN D 102 39.16 35.91 2.71
N GLN D 103 39.66 34.79 3.23
CA GLN D 103 40.80 34.13 2.61
C GLN D 103 40.39 32.76 2.09
N GLU D 104 40.72 32.51 0.82
CA GLU D 104 40.41 31.26 0.16
C GLU D 104 41.42 30.17 0.53
N VAL D 105 40.90 28.99 0.80
CA VAL D 105 41.66 27.96 1.48
C VAL D 105 41.95 26.84 0.51
N MET D 106 41.00 26.57 -0.38
CA MET D 106 41.00 25.33 -1.12
C MET D 106 39.79 25.25 -2.04
N GLU D 107 39.93 24.49 -3.12
CA GLU D 107 38.82 24.20 -3.99
C GLU D 107 38.98 22.80 -4.54
N HIS D 108 37.87 22.09 -4.72
CA HIS D 108 37.95 20.68 -5.07
C HIS D 108 36.83 20.30 -6.02
N GLN D 109 37.20 19.62 -7.11
CA GLN D 109 36.25 19.04 -8.04
C GLN D 109 36.35 17.52 -7.91
N GLY D 110 35.25 16.89 -7.53
CA GLY D 110 35.23 15.46 -7.25
C GLY D 110 34.53 15.23 -5.93
N GLY D 111 33.27 14.82 -5.97
CA GLY D 111 32.41 14.96 -4.81
C GLY D 111 32.31 13.85 -3.79
N TYR D 112 33.27 12.92 -3.74
CA TYR D 112 33.14 11.77 -2.85
C TYR D 112 34.39 11.44 -2.04
N THR D 113 35.42 12.26 -2.11
CA THR D 113 36.68 11.99 -1.42
C THR D 113 37.14 13.24 -0.69
N PRO D 114 38.00 13.10 0.33
CA PRO D 114 38.32 14.25 1.18
C PRO D 114 39.27 15.23 0.51
N PHE D 115 39.18 16.48 0.96
CA PHE D 115 40.13 17.51 0.62
C PHE D 115 40.31 18.40 1.83
N GLU D 116 41.56 18.74 2.13
CA GLU D 116 41.92 19.45 3.35
C GLU D 116 42.92 20.53 3.01
N ALA D 117 43.15 21.45 3.95
CA ALA D 117 44.19 22.46 3.75
C ALA D 117 44.70 22.98 5.08
N ASP D 118 45.94 23.49 5.02
CA ASP D 118 46.62 24.10 6.17
C ASP D 118 46.12 25.52 6.36
N VAL D 119 45.53 25.82 7.52
CA VAL D 119 44.89 27.11 7.74
C VAL D 119 45.55 27.93 8.85
N THR D 120 46.77 27.58 9.25
CA THR D 120 47.42 28.27 10.36
C THR D 120 47.50 29.78 10.19
N PRO D 121 47.97 30.33 9.06
CA PRO D 121 48.18 31.78 9.01
C PRO D 121 46.90 32.60 8.89
N TYR D 122 45.73 31.94 8.79
CA TYR D 122 44.45 32.61 8.59
C TYR D 122 43.52 32.50 9.78
N VAL D 123 43.95 31.86 10.87
CA VAL D 123 43.17 31.79 12.09
C VAL D 123 44.10 32.10 13.26
N ILE D 124 43.53 32.64 14.33
CA ILE D 124 44.24 32.83 15.58
C ILE D 124 43.47 32.10 16.68
N ALA D 125 44.21 31.35 17.50
CA ALA D 125 43.59 30.48 18.49
C ALA D 125 42.78 31.29 19.49
N GLY D 126 41.52 30.93 19.66
CA GLY D 126 40.67 31.55 20.66
C GLY D 126 39.58 32.46 20.11
N LYS D 127 39.64 32.83 18.84
CA LYS D 127 38.62 33.72 18.30
C LYS D 127 37.77 33.02 17.25
N SER D 128 36.60 33.60 17.02
CA SER D 128 35.60 33.00 16.15
C SER D 128 35.98 33.20 14.68
N VAL D 129 35.69 32.18 13.88
CA VAL D 129 36.12 32.11 12.49
C VAL D 129 34.90 31.76 11.65
N ARG D 130 34.77 32.42 10.51
CA ARG D 130 33.65 32.17 9.60
C ARG D 130 34.13 31.34 8.41
N ILE D 131 33.39 30.29 8.09
CA ILE D 131 33.71 29.40 6.99
C ILE D 131 32.56 29.47 6.01
N THR D 132 32.87 29.88 4.78
CA THR D 132 31.90 29.90 3.69
C THR D 132 32.35 28.87 2.67
N VAL D 133 31.40 28.06 2.19
CA VAL D 133 31.66 27.01 1.21
C VAL D 133 30.66 27.16 0.07
N CYS D 134 31.17 27.37 -1.14
CA CYS D 134 30.34 27.46 -2.34
C CYS D 134 30.32 26.09 -3.01
N VAL D 135 29.20 25.40 -2.90
CA VAL D 135 29.04 24.08 -3.49
C VAL D 135 28.37 24.22 -4.86
N ASN D 136 28.88 23.49 -5.84
CA ASN D 136 28.34 23.45 -7.18
C ASN D 136 28.00 22.01 -7.52
N ASN D 137 26.83 21.80 -8.12
CA ASN D 137 26.34 20.44 -8.40
C ASN D 137 26.20 20.17 -9.89
N GLU D 138 26.84 20.97 -10.75
CA GLU D 138 26.72 20.78 -12.18
C GLU D 138 27.68 19.71 -12.68
N LEU D 139 27.22 18.94 -13.65
CA LEU D 139 28.07 17.99 -14.35
C LEU D 139 28.19 18.43 -15.80
N ASN D 140 29.41 18.37 -16.32
CA ASN D 140 29.60 18.49 -17.76
C ASN D 140 30.38 17.27 -18.24
N TRP D 141 30.95 17.33 -19.43
CA TRP D 141 31.53 16.12 -19.98
C TRP D 141 32.87 15.73 -19.34
N GLN D 142 33.50 16.64 -18.59
CA GLN D 142 34.79 16.40 -17.95
C GLN D 142 34.71 16.37 -16.43
N THR D 143 33.52 16.23 -15.86
CA THR D 143 33.37 15.89 -14.45
C THR D 143 33.15 14.40 -14.33
N ILE D 144 33.38 13.87 -13.14
CA ILE D 144 33.18 12.45 -12.86
C ILE D 144 32.12 12.33 -11.77
N PRO D 145 30.88 11.89 -12.08
CA PRO D 145 30.38 11.44 -13.38
C PRO D 145 30.16 12.56 -14.40
N PRO D 146 30.01 12.20 -15.68
CA PRO D 146 29.71 13.21 -16.70
C PRO D 146 28.23 13.60 -16.71
N GLY D 147 27.96 14.69 -17.38
CA GLY D 147 26.61 15.22 -17.52
C GLY D 147 26.58 16.33 -18.55
N MET D 148 25.43 16.98 -18.64
CA MET D 148 25.20 17.98 -19.68
C MET D 148 24.18 18.99 -19.17
N VAL D 149 24.62 20.23 -18.92
CA VAL D 149 23.73 21.30 -18.48
C VAL D 149 23.10 21.94 -19.71
N ILE D 150 21.77 22.03 -19.72
CA ILE D 150 21.05 22.67 -20.81
C ILE D 150 20.34 23.90 -20.25
N THR D 151 20.47 25.02 -20.96
CA THR D 151 19.80 26.26 -20.64
C THR D 151 18.65 26.45 -21.61
N ASP D 152 17.54 26.99 -21.11
CA ASP D 152 16.47 27.40 -22.02
C ASP D 152 16.89 28.68 -22.74
N GLU D 153 16.09 29.12 -23.71
CA GLU D 153 16.31 30.44 -24.29
C GLU D 153 15.85 31.55 -23.35
N ASN D 154 15.46 31.19 -22.12
CA ASN D 154 15.05 32.10 -21.07
C ASN D 154 16.00 32.07 -19.88
N GLY D 155 16.68 30.95 -19.62
CA GLY D 155 17.87 31.05 -18.81
C GLY D 155 17.89 30.18 -17.57
N LYS D 156 16.92 29.29 -17.42
CA LYS D 156 16.98 28.36 -16.29
C LYS D 156 17.72 27.11 -16.75
N LYS D 157 18.68 26.69 -15.93
CA LYS D 157 19.49 25.51 -16.24
C LYS D 157 18.78 24.26 -15.75
N LYS D 158 18.71 23.25 -16.60
CA LYS D 158 18.27 21.92 -16.20
C LYS D 158 19.42 20.95 -16.44
N GLN D 159 19.71 20.12 -15.44
CA GLN D 159 20.82 19.19 -15.52
C GLN D 159 20.35 17.86 -16.08
N SER D 160 21.07 17.36 -17.08
CA SER D 160 20.90 16.01 -17.58
C SER D 160 22.13 15.19 -17.20
N TYR D 161 21.94 13.89 -17.02
CA TYR D 161 23.03 12.98 -16.73
C TYR D 161 22.62 11.60 -17.24
N PHE D 162 23.45 10.59 -16.98
CA PHE D 162 23.23 9.29 -17.62
C PHE D 162 23.37 8.11 -16.67
N HIS D 163 23.25 8.33 -15.37
CA HIS D 163 23.26 7.26 -14.39
C HIS D 163 21.90 7.18 -13.69
N ASP D 164 21.66 6.04 -13.02
CA ASP D 164 20.33 5.73 -12.51
C ASP D 164 20.02 6.43 -11.19
N PHE D 165 21.00 6.75 -10.36
CA PHE D 165 20.62 7.36 -9.09
C PHE D 165 20.40 8.86 -9.23
N PHE D 166 19.70 9.44 -8.25
CA PHE D 166 19.44 10.87 -8.27
C PHE D 166 20.68 11.67 -7.90
N ASN D 167 20.80 12.84 -8.49
CA ASN D 167 21.99 13.68 -8.38
C ASN D 167 21.91 14.57 -7.15
N TYR D 168 21.94 13.92 -5.99
CA TYR D 168 22.03 14.64 -4.72
C TYR D 168 23.36 15.37 -4.62
N ALA D 169 23.36 16.51 -3.92
CA ALA D 169 24.57 17.29 -3.74
C ALA D 169 24.53 17.95 -2.37
N GLY D 170 25.57 18.73 -2.08
CA GLY D 170 25.69 19.40 -0.80
C GLY D 170 26.90 18.92 -0.05
N ILE D 171 26.96 19.20 1.25
CA ILE D 171 28.04 18.69 2.09
C ILE D 171 27.56 17.37 2.67
N HIS D 172 28.06 16.26 2.14
CA HIS D 172 27.52 14.95 2.42
C HIS D 172 28.21 14.23 3.57
N ARG D 173 29.39 14.67 3.97
CA ARG D 173 30.18 13.95 4.95
C ARG D 173 30.78 14.97 5.91
N SER D 174 31.75 14.53 6.71
CA SER D 174 32.26 15.33 7.81
C SER D 174 33.14 16.49 7.35
N VAL D 175 32.84 17.67 7.86
CA VAL D 175 33.72 18.82 7.93
C VAL D 175 34.39 18.82 9.29
N MET D 176 35.71 18.88 9.33
CA MET D 176 36.36 18.88 10.63
C MET D 176 37.64 19.70 10.59
N LEU D 177 37.94 20.34 11.71
CA LEU D 177 39.25 20.91 11.98
C LEU D 177 40.02 19.92 12.85
N TYR D 178 41.21 19.54 12.41
CA TYR D 178 42.08 18.75 13.27
C TYR D 178 43.47 19.34 13.26
N THR D 179 44.17 19.22 14.38
CA THR D 179 45.50 19.74 14.52
C THR D 179 46.53 18.64 14.48
N THR D 180 47.77 19.07 14.47
CA THR D 180 48.93 18.21 14.39
C THR D 180 50.12 19.09 14.74
N PRO D 181 51.18 18.52 15.30
CA PRO D 181 52.43 19.30 15.46
C PRO D 181 53.00 19.64 14.09
N ASN D 182 53.95 20.58 14.09
CA ASN D 182 54.59 20.96 12.84
C ASN D 182 55.65 19.97 12.39
N THR D 183 55.82 18.87 13.12
CA THR D 183 56.48 17.66 12.62
C THR D 183 55.44 16.55 12.64
N TRP D 184 55.12 15.99 11.47
CA TRP D 184 53.87 15.25 11.34
C TRP D 184 53.93 14.19 10.25
N VAL D 185 53.55 12.96 10.62
CA VAL D 185 53.36 11.88 9.64
C VAL D 185 52.30 12.30 8.65
N ASP D 186 52.67 12.39 7.36
CA ASP D 186 51.77 12.86 6.32
C ASP D 186 51.21 11.74 5.45
N ASP D 187 51.85 10.58 5.41
CA ASP D 187 51.39 9.49 4.55
C ASP D 187 52.11 8.17 4.82
N ILE D 188 51.35 7.09 4.93
CA ILE D 188 51.92 5.75 5.13
C ILE D 188 51.19 4.77 4.20
N THR D 189 51.98 3.96 3.50
CA THR D 189 51.50 2.83 2.69
C THR D 189 52.06 1.54 3.28
N VAL D 190 51.22 0.51 3.43
CA VAL D 190 51.69 -0.78 3.93
C VAL D 190 51.18 -1.88 3.00
N VAL D 191 52.10 -2.71 2.51
CA VAL D 191 51.77 -3.86 1.67
C VAL D 191 52.14 -5.12 2.45
N THR D 192 51.30 -6.14 2.34
CA THR D 192 51.34 -7.32 3.19
C THR D 192 51.35 -8.58 2.33
N HIS D 193 52.43 -9.36 2.41
CA HIS D 193 52.63 -10.52 1.55
C HIS D 193 52.47 -11.79 2.36
N VAL D 194 51.66 -12.74 1.86
CA VAL D 194 51.37 -14.01 2.52
C VAL D 194 51.51 -15.16 1.51
N ALA D 195 51.81 -16.37 2.04
CA ALA D 195 52.15 -17.57 1.27
C ALA D 195 52.10 -18.78 2.21
N GLN D 196 50.91 -19.40 2.30
CA GLN D 196 50.63 -20.52 3.23
C GLN D 196 50.80 -20.09 4.69
N ASP D 197 50.23 -18.92 5.00
CA ASP D 197 49.60 -18.61 6.28
C ASP D 197 50.43 -18.98 7.50
N CYS D 198 51.75 -18.84 7.47
CA CYS D 198 52.56 -19.24 8.63
C CYS D 198 53.67 -18.28 9.04
N ASN D 199 54.16 -17.42 8.14
CA ASN D 199 55.14 -16.40 8.52
C ASN D 199 55.19 -15.39 7.40
N HIS D 200 54.82 -14.13 7.66
CA HIS D 200 54.77 -13.25 6.52
C HIS D 200 55.07 -11.80 6.86
N ALA D 201 55.33 -11.05 5.80
CA ALA D 201 56.02 -9.77 5.82
C ALA D 201 55.03 -8.64 5.63
N SER D 202 55.42 -7.47 6.16
CA SER D 202 54.66 -6.24 5.98
C SER D 202 55.66 -5.17 5.55
N VAL D 203 55.75 -4.94 4.24
CA VAL D 203 56.63 -3.89 3.75
C VAL D 203 55.98 -2.54 4.04
N ASP D 204 56.80 -1.57 4.45
CA ASP D 204 56.35 -0.24 4.83
C ASP D 204 56.99 0.80 3.92
N TRP D 205 56.25 1.89 3.69
CA TRP D 205 56.72 3.05 2.94
C TRP D 205 55.98 4.25 3.52
N GLN D 206 56.71 5.26 3.98
CA GLN D 206 56.06 6.35 4.69
C GLN D 206 56.84 7.65 4.49
N VAL D 207 56.10 8.77 4.43
CA VAL D 207 56.65 10.06 4.03
C VAL D 207 56.28 11.13 5.07
N VAL D 208 57.30 11.66 5.76
CA VAL D 208 57.25 12.93 6.50
C VAL D 208 58.63 13.55 6.34
N ALA D 209 58.73 14.60 5.52
CA ALA D 209 60.00 15.31 5.38
C ALA D 209 60.34 16.14 6.62
N ASN D 210 59.52 16.07 7.67
CA ASN D 210 59.67 16.88 8.88
C ASN D 210 60.37 16.17 10.02
N GLY D 211 60.56 14.85 9.95
CA GLY D 211 61.20 14.15 11.04
C GLY D 211 61.58 12.74 10.68
N ASP D 212 62.41 12.16 11.55
CA ASP D 212 62.78 10.76 11.44
C ASP D 212 61.71 9.88 12.07
N VAL D 213 61.61 8.65 11.56
CA VAL D 213 60.46 7.81 11.83
C VAL D 213 60.90 6.49 12.45
N SER D 214 60.23 6.11 13.53
CA SER D 214 60.23 4.76 14.10
C SER D 214 58.86 4.15 13.85
N VAL D 215 58.82 2.84 13.59
CA VAL D 215 57.57 2.12 13.39
C VAL D 215 57.55 0.92 14.34
N GLU D 216 56.37 0.56 14.83
CA GLU D 216 56.24 -0.47 15.85
C GLU D 216 54.89 -1.15 15.69
N LEU D 217 54.89 -2.47 15.49
CA LEU D 217 53.68 -3.22 15.14
C LEU D 217 53.07 -3.82 16.40
N ARG D 218 51.89 -3.34 16.76
CA ARG D 218 51.11 -3.82 17.91
C ARG D 218 50.09 -4.87 17.45
N ASP D 219 49.63 -5.68 18.40
CA ASP D 219 48.54 -6.60 18.11
C ASP D 219 47.30 -6.16 18.88
N ALA D 220 46.23 -6.94 18.75
CA ALA D 220 44.97 -6.57 19.38
C ALA D 220 45.09 -6.46 20.89
N ASP D 221 46.11 -7.08 21.50
CA ASP D 221 46.36 -6.99 22.93
C ASP D 221 47.37 -5.90 23.30
N GLN D 222 47.68 -4.99 22.37
CA GLN D 222 48.59 -3.86 22.59
C GLN D 222 50.02 -4.29 22.90
N GLN D 223 50.40 -5.53 22.59
CA GLN D 223 51.75 -6.00 22.82
C GLN D 223 52.49 -6.17 21.51
N VAL D 224 53.76 -5.79 21.53
CA VAL D 224 54.51 -5.52 20.31
C VAL D 224 54.92 -6.82 19.62
N VAL D 225 54.72 -6.86 18.31
CA VAL D 225 54.98 -8.03 17.49
C VAL D 225 56.22 -7.86 16.61
N ALA D 226 56.57 -6.63 16.25
CA ALA D 226 57.74 -6.32 15.44
C ALA D 226 58.03 -4.83 15.57
N THR D 227 59.25 -4.45 15.22
CA THR D 227 59.63 -3.04 15.20
C THR D 227 60.61 -2.80 14.05
N GLY D 228 60.66 -1.54 13.62
CA GLY D 228 61.53 -1.09 12.55
C GLY D 228 61.79 0.39 12.67
N GLN D 229 62.77 0.86 11.89
CA GLN D 229 63.17 2.27 11.94
C GLN D 229 63.05 2.94 10.57
N SER D 232 61.17 4.90 7.20
CA SER D 232 60.59 4.77 5.87
C SER D 232 61.20 3.56 5.15
N GLY D 233 60.51 3.07 4.12
CA GLY D 233 60.97 1.88 3.42
C GLY D 233 61.21 0.68 4.30
N THR D 234 60.46 0.55 5.40
CA THR D 234 60.64 -0.54 6.36
C THR D 234 60.22 -1.88 5.75
N LEU D 235 60.55 -2.96 6.45
CA LEU D 235 59.96 -4.27 6.24
C LEU D 235 60.05 -5.04 7.56
N GLN D 236 58.95 -5.70 7.93
CA GLN D 236 58.91 -6.55 9.11
C GLN D 236 58.39 -7.93 8.74
N VAL D 237 58.92 -8.94 9.42
CA VAL D 237 58.52 -10.32 9.24
C VAL D 237 57.83 -10.79 10.53
N VAL D 238 56.73 -11.52 10.39
CA VAL D 238 55.79 -11.78 11.48
C VAL D 238 55.34 -13.24 11.40
N ASN D 239 54.58 -13.67 12.40
CA ASN D 239 54.08 -15.02 12.62
C ASN D 239 52.53 -15.04 12.54
N PRO D 240 51.90 -16.23 12.57
CA PRO D 240 50.60 -16.35 11.88
C PRO D 240 49.40 -15.87 12.71
N HIS D 241 48.64 -14.92 12.16
CA HIS D 241 47.22 -14.74 12.46
C HIS D 241 46.59 -13.72 11.49
N LEU D 242 46.12 -14.23 10.36
CA LEU D 242 45.72 -13.40 9.24
C LEU D 242 44.36 -12.75 9.44
N TRP D 243 44.16 -11.63 8.76
CA TRP D 243 42.84 -11.04 8.59
C TRP D 243 42.03 -11.92 7.63
N GLN D 244 40.89 -12.42 8.09
CA GLN D 244 40.05 -13.34 7.32
C GLN D 244 38.60 -12.85 7.31
N PRO D 245 37.88 -13.06 6.19
CA PRO D 245 36.47 -12.64 6.10
C PRO D 245 35.58 -13.08 7.25
N GLY D 246 36.02 -14.06 8.03
CA GLY D 246 35.29 -14.38 9.24
C GLY D 246 35.51 -13.36 10.34
N GLU D 247 36.74 -13.33 10.88
CA GLU D 247 37.08 -12.50 12.03
C GLU D 247 37.35 -11.05 11.61
N GLY D 248 38.38 -10.84 10.81
CA GLY D 248 38.89 -9.50 10.56
C GLY D 248 39.88 -9.05 11.62
N TYR D 249 40.84 -9.91 11.97
CA TYR D 249 41.83 -9.55 12.98
C TYR D 249 42.72 -8.43 12.46
N LEU D 250 42.79 -7.34 13.23
CA LEU D 250 43.53 -6.15 12.84
C LEU D 250 44.67 -5.93 13.82
N TYR D 251 45.89 -6.02 13.31
CA TYR D 251 47.00 -5.41 14.01
C TYR D 251 46.84 -3.90 13.98
N GLU D 252 47.69 -3.21 14.75
CA GLU D 252 47.66 -1.76 14.80
C GLU D 252 49.11 -1.29 14.79
N LEU D 253 49.49 -0.62 13.71
CA LEU D 253 50.87 -0.15 13.48
C LEU D 253 50.97 1.35 13.80
N CYS D 254 51.59 1.67 14.95
CA CYS D 254 51.85 3.07 15.32
C CYS D 254 53.14 3.56 14.70
N VAL D 255 53.04 4.61 13.88
CA VAL D 255 54.22 5.23 13.29
C VAL D 255 54.49 6.53 14.05
N THR D 256 55.71 6.67 14.55
CA THR D 256 56.15 7.83 15.29
C THR D 256 57.08 8.66 14.42
N ALA D 257 56.84 9.97 14.34
CA ALA D 257 57.72 10.89 13.65
C ALA D 257 58.37 11.78 14.70
N LYS D 258 59.68 11.59 14.90
CA LYS D 258 60.42 12.30 15.93
C LYS D 258 61.22 13.43 15.29
N SER D 259 61.00 14.64 15.76
CA SER D 259 61.91 15.78 15.60
C SER D 259 62.57 16.03 16.95
N GLN D 260 63.62 16.85 16.97
CA GLN D 260 64.20 17.14 18.29
C GLN D 260 63.25 17.96 19.14
N THR D 261 62.57 18.93 18.54
CA THR D 261 61.67 19.79 19.31
C THR D 261 60.30 19.12 19.50
N GLU D 262 59.71 18.56 18.45
CA GLU D 262 58.36 18.04 18.49
C GLU D 262 58.32 16.55 18.14
N CYS D 263 57.15 15.95 18.36
CA CYS D 263 56.92 14.53 18.13
C CYS D 263 55.49 14.34 17.67
N ASP D 264 55.26 13.32 16.86
CA ASP D 264 53.93 13.01 16.32
C ASP D 264 53.77 11.50 16.24
N ILE D 265 52.68 10.99 16.81
CA ILE D 265 52.35 9.56 16.78
C ILE D 265 51.06 9.39 15.99
N TYR D 266 51.08 8.49 15.00
CA TYR D 266 49.91 8.20 14.20
C TYR D 266 49.64 6.70 14.22
N PRO D 267 48.46 6.27 14.68
CA PRO D 267 48.11 4.84 14.61
C PRO D 267 47.34 4.43 13.35
N LEU D 268 47.85 3.47 12.59
CA LEU D 268 47.19 2.96 11.39
C LEU D 268 46.90 1.48 11.58
N ARG D 269 45.65 1.08 11.35
CA ARG D 269 45.27 -0.32 11.52
C ARG D 269 45.61 -1.10 10.25
N VAL D 270 46.28 -2.23 10.44
CA VAL D 270 46.73 -3.10 9.35
C VAL D 270 45.95 -4.39 9.42
N GLY D 271 45.38 -4.80 8.29
CA GLY D 271 44.89 -6.15 8.12
C GLY D 271 45.92 -6.94 7.33
N ILE D 272 46.37 -8.04 7.93
CA ILE D 272 47.42 -8.87 7.34
C ILE D 272 46.77 -9.99 6.54
N ARG D 273 46.84 -9.88 5.21
CA ARG D 273 46.35 -10.94 4.34
C ARG D 273 46.65 -10.59 2.89
N SER D 274 46.52 -11.59 2.02
CA SER D 274 46.83 -11.52 0.59
C SER D 274 45.56 -11.69 -0.23
N VAL D 275 45.61 -11.20 -1.46
CA VAL D 275 44.53 -11.37 -2.43
C VAL D 275 45.16 -11.58 -3.80
N ALA D 276 44.74 -12.64 -4.50
CA ALA D 276 45.35 -12.96 -5.79
C ALA D 276 44.38 -13.78 -6.62
N VAL D 277 44.30 -13.45 -7.92
CA VAL D 277 43.49 -14.17 -8.89
C VAL D 277 44.38 -15.14 -9.66
N LYS D 278 43.97 -16.42 -9.71
CA LYS D 278 44.70 -17.44 -10.43
C LYS D 278 43.71 -18.36 -11.14
N GLY D 279 43.84 -18.47 -12.45
CA GLY D 279 42.91 -19.29 -13.22
C GLY D 279 41.50 -18.73 -13.12
N GLU D 280 40.58 -19.57 -12.64
CA GLU D 280 39.20 -19.18 -12.42
C GLU D 280 38.90 -18.86 -10.96
N GLN D 281 39.93 -18.73 -10.12
CA GLN D 281 39.75 -18.59 -8.69
C GLN D 281 40.07 -17.17 -8.24
N PHE D 282 39.32 -16.68 -7.26
CA PHE D 282 39.65 -15.47 -6.52
C PHE D 282 40.07 -15.90 -5.12
N LEU D 283 41.37 -15.86 -4.86
CA LEU D 283 41.95 -16.42 -3.65
C LEU D 283 42.15 -15.31 -2.61
N ILE D 284 41.58 -15.51 -1.43
CA ILE D 284 41.90 -14.71 -0.25
C ILE D 284 42.77 -15.56 0.65
N ASN D 285 44.02 -15.13 0.85
CA ASN D 285 45.02 -15.91 1.56
C ASN D 285 45.15 -17.31 0.96
N HIS D 286 45.25 -17.34 -0.37
CA HIS D 286 45.50 -18.55 -1.15
C HIS D 286 44.37 -19.56 -1.05
N LYS D 287 43.18 -19.14 -0.61
CA LYS D 287 42.02 -20.01 -0.63
C LYS D 287 40.91 -19.38 -1.46
N PRO D 288 40.23 -20.17 -2.30
CA PRO D 288 39.15 -19.62 -3.14
C PRO D 288 38.03 -19.03 -2.29
N PHE D 289 37.49 -17.90 -2.75
CA PHE D 289 36.45 -17.17 -2.05
C PHE D 289 35.24 -16.99 -2.97
N TYR D 290 34.04 -17.05 -2.38
CA TYR D 290 32.79 -16.89 -3.10
C TYR D 290 32.06 -15.67 -2.55
N PHE D 291 31.99 -14.61 -3.35
CA PHE D 291 31.35 -13.37 -2.92
C PHE D 291 29.84 -13.55 -2.80
N THR D 292 29.26 -13.00 -1.73
CA THR D 292 27.81 -12.86 -1.60
C THR D 292 27.50 -11.49 -1.02
N GLY D 293 26.44 -10.87 -1.50
CA GLY D 293 26.02 -9.62 -0.90
C GLY D 293 25.29 -8.74 -1.90
N PHE D 294 25.58 -7.44 -1.82
CA PHE D 294 24.79 -6.43 -2.50
C PHE D 294 25.67 -5.38 -3.17
N GLY D 295 25.15 -4.85 -4.28
CA GLY D 295 25.47 -3.49 -4.63
C GLY D 295 24.63 -2.56 -3.77
N ARG D 296 25.26 -1.52 -3.25
CA ARG D 296 24.56 -0.64 -2.33
C ARG D 296 24.41 0.74 -2.96
N HIS D 297 23.94 1.68 -2.13
CA HIS D 297 23.86 3.09 -2.47
C HIS D 297 23.88 3.86 -1.17
N GLU D 298 24.49 5.04 -1.20
CA GLU D 298 24.36 5.98 -0.08
C GLU D 298 23.08 6.77 -0.31
N ASP D 299 21.96 6.17 0.09
CA ASP D 299 20.64 6.74 -0.19
C ASP D 299 19.72 6.54 1.01
N ALA D 300 19.24 7.64 1.59
CA ALA D 300 18.42 7.59 2.78
C ALA D 300 17.30 8.62 2.64
N ASP D 301 16.31 8.53 3.53
CA ASP D 301 15.03 9.14 3.27
C ASP D 301 15.10 10.67 3.22
N LEU D 302 15.58 11.31 4.29
CA LEU D 302 15.52 12.76 4.31
C LEU D 302 16.87 13.43 4.14
N ARG D 303 17.97 12.67 4.25
CA ARG D 303 19.32 13.22 4.17
C ARG D 303 19.95 13.10 2.79
N GLY D 304 19.31 12.39 1.85
CA GLY D 304 19.92 12.12 0.57
C GLY D 304 21.08 11.17 0.68
N LYS D 305 22.28 11.61 0.31
CA LYS D 305 23.47 10.79 0.44
C LYS D 305 24.27 11.13 1.70
N GLY D 306 23.64 11.79 2.67
CA GLY D 306 24.35 12.18 3.88
C GLY D 306 24.66 10.96 4.73
N PHE D 307 25.91 10.85 5.16
CA PHE D 307 26.32 9.76 6.05
C PHE D 307 25.53 9.84 7.35
N ASP D 308 25.31 8.68 7.98
CA ASP D 308 24.56 8.64 9.23
C ASP D 308 24.89 7.37 10.00
N ASN D 309 25.30 7.53 11.27
CA ASN D 309 25.83 6.40 12.05
C ASN D 309 24.77 5.35 12.34
N VAL D 310 23.55 5.78 12.68
CA VAL D 310 22.47 4.83 12.93
C VAL D 310 22.16 4.03 11.66
N LEU D 311 22.12 4.71 10.51
CA LEU D 311 21.85 3.98 9.28
C LEU D 311 22.95 2.98 8.99
N MET D 312 24.19 3.32 9.34
CA MET D 312 25.30 2.39 9.10
C MET D 312 25.22 1.17 9.99
N VAL D 313 24.95 1.36 11.28
CA VAL D 313 24.81 0.22 12.19
C VAL D 313 23.66 -0.68 11.75
N HIS D 314 22.56 -0.08 11.31
CA HIS D 314 21.36 -0.88 11.04
C HIS D 314 21.44 -1.59 9.70
N ASP D 315 22.09 -0.99 8.70
CA ASP D 315 22.26 -1.69 7.43
C ASP D 315 23.24 -2.87 7.56
N HIS D 316 24.25 -2.75 8.43
CA HIS D 316 25.15 -3.87 8.65
C HIS D 316 24.52 -4.96 9.52
N ALA D 317 23.65 -4.57 10.44
CA ALA D 317 22.84 -5.57 11.13
C ALA D 317 22.01 -6.36 10.14
N LEU D 318 21.48 -5.69 9.11
CA LEU D 318 20.68 -6.38 8.12
C LEU D 318 21.54 -7.27 7.23
N MET D 319 22.67 -6.75 6.75
CA MET D 319 23.56 -7.56 5.93
C MET D 319 24.16 -8.72 6.71
N ASP D 320 24.38 -8.53 8.02
CA ASP D 320 24.78 -9.66 8.84
C ASP D 320 23.68 -10.70 8.90
N TRP D 321 22.44 -10.29 9.23
CA TRP D 321 21.35 -11.24 9.35
C TRP D 321 21.14 -12.03 8.06
N ILE D 322 21.23 -11.35 6.91
CA ILE D 322 20.91 -11.99 5.64
C ILE D 322 22.02 -12.87 5.11
N GLY D 323 23.22 -12.82 5.70
CA GLY D 323 24.29 -13.73 5.38
C GLY D 323 25.25 -13.26 4.30
N ALA D 324 25.20 -11.98 3.94
CA ALA D 324 26.15 -11.44 2.98
C ALA D 324 27.52 -11.29 3.61
N ASN D 325 28.55 -11.64 2.86
CA ASN D 325 29.93 -11.43 3.27
C ASN D 325 30.61 -10.28 2.57
N SER D 326 29.99 -9.71 1.53
CA SER D 326 30.66 -8.76 0.66
C SER D 326 29.67 -7.73 0.13
N TYR D 327 30.22 -6.64 -0.40
CA TYR D 327 29.41 -5.67 -1.13
C TYR D 327 30.35 -4.77 -1.95
N ARG D 328 29.73 -3.97 -2.81
CA ARG D 328 30.44 -3.09 -3.74
C ARG D 328 29.94 -1.67 -3.53
N THR D 329 30.87 -0.73 -3.39
CA THR D 329 30.52 0.69 -3.18
C THR D 329 30.06 1.24 -4.53
N SER D 330 28.84 0.87 -4.90
CA SER D 330 28.39 0.98 -6.28
C SER D 330 28.19 2.44 -6.69
N HIS D 331 29.08 2.89 -7.59
CA HIS D 331 28.97 4.06 -8.48
C HIS D 331 29.57 5.34 -7.89
N TYR D 332 30.22 5.22 -6.74
CA TYR D 332 30.97 6.32 -6.14
C TYR D 332 31.68 5.83 -4.88
N PRO D 333 32.82 6.41 -4.52
CA PRO D 333 33.48 6.02 -3.27
C PRO D 333 32.57 6.29 -2.09
N TYR D 334 32.58 5.37 -1.13
CA TYR D 334 31.71 5.50 0.03
C TYR D 334 32.37 6.35 1.12
N ALA D 335 31.56 6.69 2.12
CA ALA D 335 32.09 7.25 3.35
C ALA D 335 33.15 6.32 3.95
N GLU D 336 34.09 6.91 4.68
CA GLU D 336 35.23 6.16 5.16
C GLU D 336 34.85 5.13 6.23
N GLU D 337 33.98 5.54 7.17
CA GLU D 337 33.54 4.65 8.24
C GLU D 337 32.98 3.34 7.72
N MET D 338 32.39 3.35 6.53
CA MET D 338 31.93 2.11 5.93
C MET D 338 33.08 1.12 5.83
N LEU D 339 34.21 1.57 5.29
CA LEU D 339 35.35 0.68 5.08
C LEU D 339 36.09 0.41 6.39
N ASP D 340 36.02 1.34 7.35
CA ASP D 340 36.53 1.02 8.68
C ASP D 340 35.73 -0.11 9.32
N TRP D 341 34.41 -0.07 9.19
CA TRP D 341 33.54 -1.13 9.71
C TRP D 341 33.88 -2.47 9.08
N ALA D 342 34.03 -2.48 7.75
CA ALA D 342 34.40 -3.71 7.05
C ALA D 342 35.76 -4.22 7.50
N ASP D 343 36.68 -3.31 7.86
CA ASP D 343 37.97 -3.72 8.40
C ASP D 343 37.79 -4.49 9.70
N GLU D 344 36.98 -3.95 10.63
CA GLU D 344 36.82 -4.58 11.95
C GLU D 344 36.07 -5.89 11.86
N HIS D 345 35.05 -5.97 11.01
CA HIS D 345 34.16 -7.13 10.94
C HIS D 345 34.52 -8.09 9.83
N GLY D 346 35.55 -7.80 9.04
CA GLY D 346 35.98 -8.73 8.02
C GLY D 346 34.98 -8.88 6.90
N ILE D 347 34.54 -7.75 6.35
CA ILE D 347 33.64 -7.74 5.20
C ILE D 347 34.47 -7.42 3.97
N VAL D 348 34.26 -8.19 2.91
CA VAL D 348 34.95 -7.99 1.64
C VAL D 348 34.26 -6.89 0.85
N VAL D 349 35.04 -5.97 0.26
CA VAL D 349 34.48 -4.82 -0.44
C VAL D 349 35.13 -4.67 -1.81
N ILE D 350 34.30 -4.41 -2.82
CA ILE D 350 34.75 -3.97 -4.14
C ILE D 350 34.64 -2.44 -4.14
N ASP D 351 35.78 -1.75 -4.16
CA ASP D 351 35.80 -0.29 -4.13
C ASP D 351 35.77 0.27 -5.55
N GLU D 352 34.96 1.32 -5.76
CA GLU D 352 34.59 1.76 -7.10
C GLU D 352 34.60 3.28 -7.22
N THR D 353 35.06 3.78 -8.38
CA THR D 353 35.10 5.20 -8.67
C THR D 353 33.74 5.71 -9.12
N ALA D 354 33.55 7.02 -9.03
CA ALA D 354 32.29 7.64 -9.45
C ALA D 354 32.11 7.69 -10.97
N ALA D 355 33.03 7.08 -11.72
CA ALA D 355 33.01 7.12 -13.18
C ALA D 355 31.89 6.25 -13.75
N VAL D 356 30.65 6.70 -13.62
CA VAL D 356 29.50 5.97 -14.14
C VAL D 356 28.80 6.87 -15.15
N GLY D 357 28.05 6.24 -16.05
CA GLY D 357 27.34 6.96 -17.07
C GLY D 357 28.14 7.30 -18.30
N PHE D 358 29.22 6.56 -18.59
CA PHE D 358 29.94 6.70 -19.86
C PHE D 358 29.24 5.87 -20.93
N ASN D 359 27.99 6.24 -21.20
CA ASN D 359 27.10 5.41 -21.98
C ASN D 359 25.83 6.16 -22.34
N LEU D 360 25.62 6.42 -23.62
CA LEU D 360 24.46 7.14 -24.12
C LEU D 360 23.37 6.22 -24.66
N SER D 361 23.41 4.93 -24.31
CA SER D 361 22.49 3.94 -24.89
C SER D 361 21.55 3.34 -23.85
N LEU D 362 21.43 3.95 -22.69
CA LEU D 362 20.49 3.50 -21.67
C LEU D 362 19.27 4.41 -21.64
N GLY D 363 18.19 3.91 -21.04
CA GLY D 363 17.00 4.70 -20.89
C GLY D 363 16.86 5.25 -19.49
N ILE D 364 17.97 5.28 -18.75
CA ILE D 364 17.97 5.62 -17.33
C ILE D 364 18.61 6.98 -17.12
N GLY D 365 18.01 7.76 -16.21
CA GLY D 365 18.64 8.93 -15.62
C GLY D 365 18.59 10.27 -16.34
N PHE D 366 17.41 10.73 -16.74
CA PHE D 366 17.24 12.06 -17.36
C PHE D 366 18.13 12.29 -18.59
N GLY D 369 17.92 16.40 -23.00
CA GLY D 369 18.44 17.25 -24.06
C GLY D 369 18.81 16.44 -25.28
N ASN D 370 19.54 17.05 -26.22
CA ASN D 370 19.99 16.37 -27.44
C ASN D 370 21.42 15.86 -27.20
N LYS D 371 21.56 14.54 -27.09
CA LYS D 371 22.90 14.08 -26.73
C LYS D 371 23.77 13.90 -27.98
N PRO D 372 25.09 14.05 -27.82
CA PRO D 372 26.01 13.79 -28.93
C PRO D 372 25.82 12.39 -29.49
N LYS D 373 26.20 12.23 -30.77
CA LYS D 373 25.91 11.01 -31.50
C LYS D 373 27.09 10.06 -31.58
N GLU D 374 28.27 10.46 -31.12
CA GLU D 374 29.35 9.52 -30.87
C GLU D 374 29.94 9.82 -29.50
N LEU D 375 30.13 8.76 -28.70
CA LEU D 375 30.46 8.93 -27.29
C LEU D 375 31.90 9.37 -27.09
N TYR D 376 32.84 8.68 -27.72
CA TYR D 376 34.26 8.99 -27.57
C TYR D 376 34.67 9.91 -28.70
N SER D 377 34.96 11.16 -28.37
CA SER D 377 35.12 12.22 -29.36
C SER D 377 35.56 13.45 -28.58
N GLU D 378 35.82 14.56 -29.28
CA GLU D 378 36.09 15.80 -28.55
C GLU D 378 34.86 16.23 -27.77
N GLU D 379 33.70 16.15 -28.43
CA GLU D 379 32.43 16.66 -27.92
C GLU D 379 32.07 16.11 -26.55
N ALA D 380 32.63 14.95 -26.20
CA ALA D 380 32.20 14.18 -25.05
C ALA D 380 33.22 13.07 -24.81
N VAL D 381 33.63 12.89 -23.56
CA VAL D 381 34.62 11.86 -23.23
C VAL D 381 35.84 12.05 -24.14
N ASN D 382 36.53 13.16 -23.97
CA ASN D 382 37.73 13.44 -24.73
C ASN D 382 38.96 13.20 -23.84
N GLY D 383 40.08 13.82 -24.20
CA GLY D 383 41.28 13.67 -23.40
C GLY D 383 41.17 14.27 -22.02
N GLU D 384 40.43 15.38 -21.89
CA GLU D 384 40.33 16.04 -20.59
C GLU D 384 39.47 15.25 -19.62
N THR D 385 38.47 14.52 -20.11
CA THR D 385 37.73 13.64 -19.22
C THR D 385 38.55 12.42 -18.84
N GLN D 386 39.42 11.93 -19.73
CA GLN D 386 40.27 10.81 -19.39
C GLN D 386 41.21 11.16 -18.24
N GLN D 387 41.76 12.37 -18.23
CA GLN D 387 42.64 12.77 -17.14
C GLN D 387 41.87 13.12 -15.88
N ALA D 388 40.67 13.71 -16.01
CA ALA D 388 39.82 13.89 -14.85
C ALA D 388 39.45 12.55 -14.25
N HIS D 389 39.16 11.59 -15.11
CA HIS D 389 38.95 10.21 -14.67
C HIS D 389 40.17 9.70 -13.90
N LEU D 390 41.36 9.82 -14.51
CA LEU D 390 42.57 9.33 -13.86
C LEU D 390 42.81 10.01 -12.52
N GLN D 391 42.51 11.31 -12.43
CA GLN D 391 42.64 11.99 -11.15
C GLN D 391 41.69 11.41 -10.11
N ALA D 392 40.55 10.86 -10.55
CA ALA D 392 39.62 10.24 -9.61
C ALA D 392 40.14 8.90 -9.11
N ILE D 393 40.81 8.13 -9.98
CA ILE D 393 41.43 6.88 -9.51
C ILE D 393 42.57 7.19 -8.56
N LYS D 394 43.35 8.22 -8.85
CA LYS D 394 44.43 8.59 -7.93
C LYS D 394 43.88 8.90 -6.55
N GLU D 395 42.85 9.74 -6.48
CA GLU D 395 42.31 10.15 -5.18
C GLU D 395 41.68 8.98 -4.42
N LEU D 396 40.96 8.11 -5.12
CA LEU D 396 40.34 6.95 -4.47
C LEU D 396 41.40 6.00 -3.91
N ILE D 397 42.42 5.65 -4.72
CA ILE D 397 43.50 4.79 -4.24
C ILE D 397 44.23 5.46 -3.08
N ALA D 398 44.52 6.76 -3.22
CA ALA D 398 45.26 7.46 -2.19
C ALA D 398 44.54 7.44 -0.85
N ARG D 399 43.22 7.32 -0.86
CA ARG D 399 42.45 7.31 0.37
C ARG D 399 42.32 5.93 0.99
N ASP D 400 42.11 4.89 0.18
CA ASP D 400 41.68 3.58 0.67
C ASP D 400 42.75 2.50 0.53
N LYS D 401 44.01 2.87 0.31
CA LYS D 401 45.04 1.88 0.01
C LYS D 401 45.26 0.91 1.19
N ASN D 402 45.40 1.44 2.40
CA ASN D 402 45.76 0.63 3.56
C ASN D 402 44.62 -0.23 4.08
N HIS D 403 43.39 -0.02 3.61
CA HIS D 403 42.25 -0.78 4.11
C HIS D 403 42.34 -2.24 3.70
N PRO D 404 42.45 -3.19 4.64
CA PRO D 404 42.45 -4.60 4.24
C PRO D 404 41.19 -5.04 3.54
N SER D 405 40.04 -4.42 3.84
CA SER D 405 38.76 -4.92 3.35
C SER D 405 38.57 -4.68 1.86
N VAL D 406 39.34 -3.80 1.25
CA VAL D 406 39.21 -3.54 -0.19
C VAL D 406 40.06 -4.57 -0.94
N VAL D 407 39.38 -5.50 -1.59
CA VAL D 407 40.07 -6.56 -2.32
C VAL D 407 40.20 -6.26 -3.80
N MET D 408 39.64 -5.16 -4.27
CA MET D 408 39.58 -4.94 -5.71
C MET D 408 39.15 -3.52 -6.00
N TRP D 409 39.76 -2.91 -7.01
CA TRP D 409 39.35 -1.61 -7.52
C TRP D 409 38.47 -1.79 -8.74
N SER D 410 37.45 -0.95 -8.88
CA SER D 410 36.64 -0.89 -10.10
C SER D 410 36.74 0.50 -10.68
N ILE D 411 37.32 0.62 -11.87
CA ILE D 411 37.64 1.94 -12.36
C ILE D 411 36.42 2.63 -12.98
N ALA D 412 35.44 1.87 -13.45
CA ALA D 412 34.29 2.44 -14.15
C ALA D 412 33.11 1.48 -14.08
N ASN D 413 31.91 2.03 -14.20
CA ASN D 413 30.68 1.25 -14.14
C ASN D 413 29.91 1.36 -15.45
N GLU D 414 29.66 0.21 -16.07
CA GLU D 414 28.85 0.10 -17.26
C GLU D 414 29.20 1.11 -18.36
N PRO D 415 30.45 1.15 -18.82
CA PRO D 415 30.77 1.99 -19.97
C PRO D 415 30.34 1.31 -21.26
N ASP D 416 30.03 2.14 -22.24
CA ASP D 416 29.74 1.66 -23.59
C ASP D 416 31.07 1.40 -24.29
N THR D 417 31.38 0.13 -24.53
CA THR D 417 32.67 -0.27 -25.08
C THR D 417 32.57 -0.74 -26.52
N ARG D 418 31.49 -0.42 -27.21
CA ARG D 418 31.34 -0.83 -28.59
C ARG D 418 32.05 0.11 -29.57
N PRO D 419 31.83 1.43 -29.54
CA PRO D 419 32.62 2.30 -30.43
C PRO D 419 34.08 2.24 -30.02
N GLN D 420 34.98 2.30 -30.98
CA GLN D 420 36.36 2.34 -30.52
C GLN D 420 36.71 3.79 -30.22
N GLY D 421 37.85 3.96 -29.55
CA GLY D 421 37.96 5.00 -28.56
C GLY D 421 37.66 4.48 -27.18
N ALA D 422 36.79 3.46 -27.07
CA ALA D 422 36.57 2.79 -25.79
C ALA D 422 37.84 2.12 -25.31
N ARG D 423 38.50 1.37 -26.20
CA ARG D 423 39.78 0.77 -25.86
C ARG D 423 40.90 1.79 -25.85
N GLU D 424 40.86 2.76 -26.78
CA GLU D 424 41.83 3.84 -26.78
C GLU D 424 41.73 4.70 -25.52
N TYR D 425 40.57 4.70 -24.87
CA TYR D 425 40.32 5.40 -23.61
C TYR D 425 40.76 4.57 -22.40
N PHE D 426 40.26 3.34 -22.30
CA PHE D 426 40.38 2.58 -21.06
C PHE D 426 41.71 1.84 -20.92
N ALA D 427 42.43 1.56 -22.00
CA ALA D 427 43.72 0.90 -21.87
C ALA D 427 44.70 1.73 -21.05
N PRO D 428 44.95 3.02 -21.35
CA PRO D 428 45.86 3.80 -20.47
C PRO D 428 45.36 3.91 -19.03
N LEU D 429 44.05 3.93 -18.80
CA LEU D 429 43.53 4.04 -17.44
C LEU D 429 43.78 2.76 -16.63
N ALA D 430 43.58 1.60 -17.26
CA ALA D 430 43.85 0.33 -16.58
C ALA D 430 45.33 0.20 -16.21
N GLU D 431 46.22 0.68 -17.08
CA GLU D 431 47.65 0.55 -16.83
C GLU D 431 48.12 1.56 -15.78
N ALA D 432 47.62 2.78 -15.82
CA ALA D 432 47.98 3.76 -14.78
C ALA D 432 47.52 3.29 -13.41
N THR D 433 46.33 2.67 -13.35
CA THR D 433 45.82 2.18 -12.07
C THR D 433 46.62 0.98 -11.58
N ARG D 434 47.01 0.08 -12.49
CA ARG D 434 47.74 -1.10 -12.07
C ARG D 434 49.09 -0.73 -11.48
N LYS D 435 49.70 0.37 -11.96
CA LYS D 435 50.96 0.83 -11.37
C LYS D 435 50.71 1.69 -10.14
N LEU D 436 49.60 2.42 -10.09
CA LEU D 436 49.24 3.13 -8.87
C LEU D 436 49.10 2.20 -7.68
N ASP D 437 48.72 0.94 -7.90
CA ASP D 437 48.64 -0.08 -6.85
C ASP D 437 48.55 -1.48 -7.43
N PRO D 438 49.62 -2.27 -7.35
CA PRO D 438 49.58 -3.66 -7.83
C PRO D 438 49.23 -4.71 -6.77
N THR D 439 48.78 -4.33 -5.58
CA THR D 439 48.43 -5.31 -4.56
C THR D 439 47.00 -5.84 -4.71
N ARG D 440 46.20 -5.27 -5.60
CA ARG D 440 44.80 -5.67 -5.74
C ARG D 440 44.40 -5.85 -7.20
N PRO D 441 43.60 -6.86 -7.51
CA PRO D 441 43.14 -7.06 -8.89
C PRO D 441 42.31 -5.87 -9.35
N ILE D 442 42.16 -5.76 -10.66
CA ILE D 442 41.50 -4.62 -11.27
C ILE D 442 40.33 -5.12 -12.11
N THR D 443 39.22 -4.37 -12.08
CA THR D 443 38.01 -4.75 -12.82
C THR D 443 37.36 -3.52 -13.43
N CYS D 444 36.53 -3.79 -14.43
CA CYS D 444 35.58 -2.82 -14.96
C CYS D 444 34.27 -3.58 -15.13
N VAL D 445 33.22 -3.07 -14.52
CA VAL D 445 31.94 -3.77 -14.56
C VAL D 445 31.26 -3.45 -15.89
N ASN D 446 30.73 -4.50 -16.52
CA ASN D 446 30.36 -4.52 -17.93
C ASN D 446 28.84 -4.49 -18.05
N VAL D 447 28.32 -3.63 -18.94
CA VAL D 447 26.87 -3.49 -19.07
C VAL D 447 26.31 -4.56 -20.00
N MET D 448 25.04 -4.91 -19.77
CA MET D 448 24.43 -6.08 -20.37
C MET D 448 24.61 -6.14 -21.89
N PHE D 449 24.32 -5.06 -22.60
CA PHE D 449 24.32 -5.17 -24.06
C PHE D 449 25.72 -5.27 -24.65
N CYS D 450 26.77 -5.16 -23.84
CA CYS D 450 28.14 -5.43 -24.30
C CYS D 450 28.50 -6.88 -23.96
N ASP D 451 27.83 -7.80 -24.65
CA ASP D 451 27.96 -9.22 -24.33
C ASP D 451 29.33 -9.74 -24.77
N ALA D 452 29.53 -11.05 -24.57
CA ALA D 452 30.87 -11.64 -24.69
C ALA D 452 31.47 -11.44 -26.07
N HIS D 453 30.64 -11.36 -27.11
CA HIS D 453 31.11 -11.22 -28.48
C HIS D 453 31.31 -9.77 -28.91
N THR D 454 30.98 -8.80 -28.05
CA THR D 454 30.96 -7.40 -28.45
C THR D 454 31.89 -6.52 -27.64
N ASP D 455 32.13 -6.84 -26.38
CA ASP D 455 32.90 -5.94 -25.53
C ASP D 455 34.36 -5.99 -25.92
N THR D 456 35.02 -4.85 -25.73
CA THR D 456 36.33 -4.56 -26.26
C THR D 456 37.44 -4.55 -25.22
N ILE D 457 37.10 -4.43 -23.93
CA ILE D 457 38.09 -3.95 -22.95
C ILE D 457 38.34 -4.88 -21.77
N SER D 458 37.60 -5.97 -21.64
CA SER D 458 37.71 -6.70 -20.36
C SER D 458 38.94 -7.59 -20.28
N ASP D 459 39.68 -7.79 -21.38
CA ASP D 459 40.94 -8.51 -21.28
C ASP D 459 42.06 -7.65 -20.68
N LEU D 460 41.81 -6.37 -20.46
CA LEU D 460 42.76 -5.52 -19.76
C LEU D 460 42.56 -5.53 -18.26
N PHE D 461 41.63 -6.36 -17.75
CA PHE D 461 41.32 -6.40 -16.33
C PHE D 461 41.44 -7.83 -15.81
N ASP D 462 41.51 -7.95 -14.48
CA ASP D 462 41.79 -9.21 -13.81
C ASP D 462 40.53 -10.01 -13.52
N VAL D 463 39.46 -9.33 -13.15
CA VAL D 463 38.20 -9.96 -12.81
C VAL D 463 37.15 -9.42 -13.76
N LEU D 464 36.22 -10.27 -14.18
CA LEU D 464 35.13 -9.84 -15.04
C LEU D 464 33.86 -9.68 -14.23
N CYS D 465 33.30 -8.46 -14.24
CA CYS D 465 32.11 -8.13 -13.45
C CYS D 465 30.92 -7.89 -14.37
N LEU D 466 29.85 -8.67 -14.18
CA LEU D 466 28.69 -8.65 -15.07
C LEU D 466 27.45 -8.13 -14.35
N ASN D 467 26.67 -7.32 -15.08
CA ASN D 467 25.35 -6.88 -14.64
C ASN D 467 24.34 -7.43 -15.63
N ARG D 468 23.58 -8.44 -15.22
CA ARG D 468 22.68 -9.13 -16.14
C ARG D 468 21.23 -9.02 -15.69
N TYR D 469 20.35 -8.73 -16.64
CA TYR D 469 18.94 -8.52 -16.36
C TYR D 469 18.08 -9.30 -17.34
N TYR D 470 18.53 -10.50 -17.71
CA TYR D 470 17.69 -11.37 -18.51
C TYR D 470 16.43 -11.72 -17.75
N GLY D 471 15.30 -11.65 -18.43
CA GLY D 471 14.01 -11.78 -17.79
C GLY D 471 13.43 -10.46 -17.31
N TRP D 472 14.23 -9.39 -17.26
CA TRP D 472 13.71 -8.07 -16.93
C TRP D 472 13.69 -7.14 -18.13
N TYR D 473 14.85 -6.59 -18.49
CA TYR D 473 14.92 -5.67 -19.61
C TYR D 473 14.85 -6.37 -20.97
N VAL D 474 15.19 -7.66 -21.02
CA VAL D 474 15.00 -8.47 -22.22
C VAL D 474 14.37 -9.79 -21.81
N GLN D 475 13.61 -10.40 -22.72
CA GLN D 475 12.80 -11.59 -22.45
C GLN D 475 11.93 -11.36 -21.21
N SER D 476 11.15 -10.27 -21.26
CA SER D 476 10.46 -9.76 -20.08
C SER D 476 9.36 -10.70 -19.63
N GLY D 477 9.50 -11.26 -18.42
CA GLY D 477 8.50 -12.13 -17.83
C GLY D 477 8.74 -13.61 -18.02
N ASP D 478 9.60 -13.99 -18.96
CA ASP D 478 9.81 -15.39 -19.29
C ASP D 478 11.08 -15.88 -18.60
N LEU D 479 10.91 -16.55 -17.47
CA LEU D 479 12.05 -17.07 -16.73
C LEU D 479 12.78 -18.15 -17.52
N GLU D 480 12.06 -18.94 -18.32
CA GLU D 480 12.66 -20.11 -18.96
C GLU D 480 13.68 -19.71 -20.01
N THR D 481 13.27 -18.88 -20.99
CA THR D 481 14.20 -18.42 -22.00
C THR D 481 15.33 -17.60 -21.38
N ALA D 482 14.98 -16.74 -20.41
CA ALA D 482 15.99 -15.95 -19.73
C ALA D 482 17.00 -16.84 -19.03
N GLU D 483 16.55 -17.95 -18.45
CA GLU D 483 17.47 -18.96 -17.93
C GLU D 483 18.46 -19.38 -19.00
N LYS D 484 17.95 -19.71 -20.20
CA LYS D 484 18.81 -20.29 -21.23
C LYS D 484 19.72 -19.23 -21.86
N VAL D 485 19.25 -17.99 -22.00
CA VAL D 485 20.13 -16.92 -22.44
C VAL D 485 21.25 -16.70 -21.42
N LEU D 486 20.88 -16.65 -20.14
CA LEU D 486 21.87 -16.43 -19.08
C LEU D 486 22.94 -17.51 -19.08
N GLU D 487 22.52 -18.78 -19.16
CA GLU D 487 23.46 -19.89 -19.08
C GLU D 487 24.16 -20.16 -20.41
N LYS D 488 23.75 -19.51 -21.50
CA LYS D 488 24.59 -19.50 -22.69
C LYS D 488 25.61 -18.36 -22.67
N GLU D 489 25.30 -17.27 -21.96
CA GLU D 489 26.16 -16.09 -22.04
C GLU D 489 27.36 -16.20 -21.12
N LEU D 490 27.17 -16.75 -19.92
CA LEU D 490 28.29 -16.86 -18.97
C LEU D 490 29.25 -17.99 -19.33
N LEU D 491 28.76 -19.03 -20.01
CA LEU D 491 29.67 -20.03 -20.59
C LEU D 491 30.48 -19.40 -21.71
N ALA D 492 29.85 -18.51 -22.48
CA ALA D 492 30.56 -17.83 -23.56
C ALA D 492 31.68 -16.96 -23.02
N TRP D 493 31.43 -16.25 -21.90
CA TRP D 493 32.49 -15.50 -21.24
C TRP D 493 33.58 -16.41 -20.71
N GLN D 494 33.20 -17.54 -20.10
CA GLN D 494 34.19 -18.41 -19.47
C GLN D 494 35.18 -18.96 -20.49
N GLU D 495 34.68 -19.40 -21.65
CA GLU D 495 35.59 -19.86 -22.70
C GLU D 495 36.41 -18.72 -23.27
N LYS D 496 35.84 -17.52 -23.38
CA LYS D 496 36.57 -16.41 -24.00
C LYS D 496 37.75 -15.95 -23.15
N LEU D 497 37.55 -15.79 -21.84
CA LEU D 497 38.52 -15.09 -21.00
C LEU D 497 39.18 -15.96 -19.95
N HIS D 498 38.52 -17.02 -19.49
CA HIS D 498 39.08 -17.89 -18.45
C HIS D 498 39.51 -17.06 -17.22
N GLN D 499 38.68 -16.07 -16.87
CA GLN D 499 38.82 -15.23 -15.70
C GLN D 499 37.73 -15.55 -14.68
N PRO D 500 37.88 -15.11 -13.43
CA PRO D 500 36.77 -15.24 -12.48
C PRO D 500 35.63 -14.30 -12.86
N ILE D 501 34.40 -14.80 -12.74
CA ILE D 501 33.20 -14.06 -13.12
C ILE D 501 32.42 -13.74 -11.85
N ILE D 502 32.26 -12.45 -11.57
CA ILE D 502 31.37 -11.97 -10.52
C ILE D 502 30.17 -11.32 -11.19
N ILE D 503 28.96 -11.76 -10.83
CA ILE D 503 27.78 -11.03 -11.24
C ILE D 503 27.57 -9.94 -10.19
N THR D 504 28.02 -8.73 -10.50
CA THR D 504 27.95 -7.62 -9.57
C THR D 504 26.58 -6.97 -9.50
N GLU D 505 25.65 -7.36 -10.39
CA GLU D 505 24.30 -6.81 -10.39
C GLU D 505 23.34 -7.83 -11.00
N TYR D 506 22.31 -8.21 -10.24
CA TYR D 506 21.18 -8.94 -10.83
C TYR D 506 19.96 -8.73 -9.95
N GLY D 507 18.89 -8.19 -10.51
CA GLY D 507 17.72 -7.82 -9.72
C GLY D 507 16.59 -7.36 -10.61
N VAL D 508 15.39 -7.33 -10.02
CA VAL D 508 14.18 -6.93 -10.71
C VAL D 508 13.37 -6.00 -9.81
N ASP D 509 12.71 -5.02 -10.42
CA ASP D 509 11.87 -4.11 -9.64
C ASP D 509 10.73 -4.86 -8.98
N THR D 510 10.42 -4.48 -7.75
CA THR D 510 9.42 -5.20 -6.97
C THR D 510 8.71 -4.23 -6.03
N LEU D 511 7.40 -4.09 -6.23
CA LEU D 511 6.60 -3.26 -5.34
C LEU D 511 6.34 -4.01 -4.06
N ALA D 512 6.77 -3.44 -2.93
CA ALA D 512 6.46 -4.03 -1.65
C ALA D 512 4.95 -4.04 -1.44
N GLY D 513 4.36 -5.23 -1.34
CA GLY D 513 2.94 -5.41 -1.19
C GLY D 513 2.24 -6.01 -2.40
N LEU D 514 2.89 -6.01 -3.57
CA LEU D 514 2.27 -6.57 -4.76
C LEU D 514 2.47 -8.08 -4.77
N HIS D 515 1.37 -8.84 -4.69
CA HIS D 515 1.39 -10.29 -4.64
C HIS D 515 0.55 -10.85 -5.78
N SER D 516 1.01 -11.94 -6.36
CA SER D 516 0.37 -12.42 -7.58
C SER D 516 0.38 -13.94 -7.61
N MET D 517 -0.75 -14.50 -8.02
CA MET D 517 -0.88 -15.93 -8.27
C MET D 517 -0.21 -16.35 -9.57
N TYR D 518 0.10 -15.40 -10.44
CA TYR D 518 0.58 -15.67 -11.79
C TYR D 518 2.06 -15.46 -11.96
N THR D 519 2.76 -15.02 -10.91
CA THR D 519 4.21 -14.77 -10.94
C THR D 519 4.56 -13.87 -12.13
N ASP D 520 4.07 -12.64 -12.06
CA ASP D 520 4.33 -11.67 -13.11
C ASP D 520 5.17 -10.53 -12.54
N MET D 521 5.66 -9.70 -13.45
CA MET D 521 6.67 -8.71 -13.07
C MET D 521 6.09 -7.68 -12.09
N TRP D 522 6.97 -7.20 -11.21
CA TRP D 522 6.75 -6.19 -10.18
C TRP D 522 6.26 -6.81 -8.88
N SER D 523 5.86 -8.08 -8.89
CA SER D 523 5.35 -8.72 -7.69
C SER D 523 6.49 -9.42 -6.92
N GLU D 524 6.25 -9.59 -5.62
CA GLU D 524 7.25 -10.21 -4.76
C GLU D 524 7.47 -11.68 -5.12
N GLU D 525 6.45 -12.35 -5.64
CA GLU D 525 6.63 -13.73 -6.07
C GLU D 525 7.58 -13.83 -7.25
N TYR D 526 7.60 -12.80 -8.11
CA TYR D 526 8.49 -12.81 -9.27
C TYR D 526 9.94 -12.57 -8.85
N GLN D 527 10.18 -11.59 -7.97
CA GLN D 527 11.53 -11.36 -7.47
C GLN D 527 12.07 -12.62 -6.81
N CYS D 528 11.19 -13.45 -6.24
CA CYS D 528 11.65 -14.69 -5.62
C CYS D 528 12.03 -15.72 -6.69
N ALA D 529 11.10 -15.99 -7.62
CA ALA D 529 11.37 -16.95 -8.68
C ALA D 529 12.53 -16.50 -9.57
N TRP D 530 12.65 -15.20 -9.80
CA TRP D 530 13.73 -14.68 -10.64
C TRP D 530 15.08 -14.94 -9.99
N LEU D 531 15.23 -14.54 -8.73
CA LEU D 531 16.50 -14.76 -8.02
C LEU D 531 16.87 -16.23 -7.98
N ASP D 532 15.89 -17.11 -7.75
CA ASP D 532 16.22 -18.53 -7.64
C ASP D 532 16.71 -19.09 -8.97
N MET D 533 16.15 -18.60 -10.08
CA MET D 533 16.54 -19.09 -11.40
C MET D 533 17.97 -18.64 -11.70
N TYR D 534 18.31 -17.39 -11.37
CA TYR D 534 19.70 -16.94 -11.52
C TYR D 534 20.62 -17.79 -10.65
N HIS D 535 20.13 -18.26 -9.50
CA HIS D 535 20.95 -19.08 -8.61
C HIS D 535 21.20 -20.46 -9.21
N ARG D 536 20.17 -21.08 -9.76
CA ARG D 536 20.37 -22.35 -10.45
C ARG D 536 21.45 -22.25 -11.52
N VAL D 537 21.51 -21.12 -12.23
CA VAL D 537 22.45 -20.99 -13.32
C VAL D 537 23.86 -20.74 -12.80
N PHE D 538 24.01 -19.90 -11.77
CA PHE D 538 25.32 -19.64 -11.18
C PHE D 538 26.00 -20.92 -10.74
N ASP D 539 25.25 -21.80 -10.06
CA ASP D 539 25.86 -22.94 -9.41
C ASP D 539 26.39 -23.98 -10.39
N ARG D 540 26.00 -23.90 -11.66
CA ARG D 540 26.39 -24.88 -12.66
C ARG D 540 27.57 -24.43 -13.52
N VAL D 541 28.02 -23.19 -13.37
CA VAL D 541 29.15 -22.66 -14.14
C VAL D 541 30.29 -22.41 -13.18
N SER D 542 31.42 -23.09 -13.42
CA SER D 542 32.52 -23.08 -12.46
C SER D 542 33.18 -21.72 -12.33
N ALA D 543 33.12 -20.89 -13.37
CA ALA D 543 33.89 -19.65 -13.40
C ALA D 543 33.31 -18.55 -12.53
N VAL D 544 32.04 -18.65 -12.13
CA VAL D 544 31.43 -17.60 -11.32
C VAL D 544 31.82 -17.81 -9.86
N VAL D 545 32.44 -16.80 -9.27
CA VAL D 545 32.92 -16.86 -7.90
C VAL D 545 32.24 -15.82 -7.02
N GLY D 546 31.18 -15.19 -7.51
CA GLY D 546 30.50 -14.20 -6.70
C GLY D 546 29.16 -13.75 -7.23
N GLU D 547 28.22 -13.54 -6.32
CA GLU D 547 26.92 -12.99 -6.66
C GLU D 547 26.66 -11.77 -5.80
N GLN D 548 26.23 -10.68 -6.42
CA GLN D 548 25.84 -9.49 -5.66
C GLN D 548 24.51 -8.98 -6.21
N VAL D 549 23.48 -9.02 -5.37
CA VAL D 549 22.13 -8.70 -5.82
C VAL D 549 22.04 -7.21 -6.12
N TRP D 550 21.34 -6.86 -7.19
CA TRP D 550 21.13 -5.45 -7.40
C TRP D 550 20.06 -4.92 -6.46
N ASN D 551 20.22 -3.65 -6.15
CA ASN D 551 20.31 -3.10 -4.81
C ASN D 551 19.79 -3.87 -3.60
N PHE D 552 20.43 -3.54 -2.48
CA PHE D 552 20.04 -3.88 -1.13
C PHE D 552 18.79 -3.11 -0.69
N ALA D 553 18.51 -1.95 -1.28
CA ALA D 553 17.38 -1.14 -0.84
C ALA D 553 16.89 -0.29 -1.99
N ASP D 554 15.58 -0.02 -1.99
CA ASP D 554 15.03 0.95 -2.91
C ASP D 554 15.75 2.29 -2.72
N PHE D 555 15.99 3.00 -3.83
CA PHE D 555 16.70 4.27 -3.75
C PHE D 555 16.12 5.24 -4.76
N ALA D 556 16.41 6.51 -4.54
CA ALA D 556 15.83 7.59 -5.33
C ALA D 556 16.58 7.77 -6.64
N THR D 557 15.81 8.06 -7.71
CA THR D 557 16.34 8.31 -9.05
C THR D 557 15.72 9.61 -9.55
N SER D 558 16.11 10.02 -10.76
CA SER D 558 15.43 11.13 -11.40
C SER D 558 14.11 10.64 -12.01
N GLN D 559 13.17 11.58 -12.15
CA GLN D 559 11.81 11.22 -12.54
C GLN D 559 11.79 10.60 -13.92
N GLY D 560 10.97 9.56 -14.07
CA GLY D 560 10.78 8.92 -15.36
C GLY D 560 9.66 7.92 -15.32
N ILE D 561 9.25 7.50 -16.52
CA ILE D 561 8.19 6.49 -16.69
C ILE D 561 8.67 5.10 -16.32
N LEU D 562 9.98 4.90 -16.09
CA LEU D 562 10.52 3.59 -15.74
C LEU D 562 10.78 3.45 -14.25
N ARG D 563 10.64 4.51 -13.47
CA ARG D 563 10.99 4.56 -12.06
C ARG D 563 9.76 4.99 -11.28
N VAL D 564 9.09 4.03 -10.64
CA VAL D 564 7.92 4.28 -9.79
C VAL D 564 8.36 4.87 -8.47
N GLY D 565 8.53 6.20 -8.45
CA GLY D 565 9.00 6.86 -7.24
C GLY D 565 10.35 6.37 -6.79
N GLY D 566 11.21 5.98 -7.72
CA GLY D 566 12.53 5.50 -7.41
C GLY D 566 12.82 4.22 -8.14
N ASN D 567 14.01 3.67 -7.89
CA ASN D 567 14.36 2.34 -8.35
C ASN D 567 13.90 1.35 -7.30
N LYS D 568 13.12 0.35 -7.72
CA LYS D 568 12.45 -0.54 -6.79
C LYS D 568 13.03 -1.95 -6.78
N LYS D 569 14.26 -2.11 -7.24
CA LYS D 569 14.93 -3.41 -7.26
C LYS D 569 15.51 -3.79 -5.91
N GLY D 570 15.13 -3.10 -4.84
CA GLY D 570 15.70 -3.39 -3.55
C GLY D 570 15.22 -4.71 -2.99
N ILE D 571 16.08 -5.32 -2.17
CA ILE D 571 15.65 -6.42 -1.32
C ILE D 571 14.88 -5.87 -0.13
N PHE D 572 15.31 -4.73 0.40
CA PHE D 572 14.58 -3.97 1.40
C PHE D 572 14.00 -2.71 0.79
N THR D 573 12.92 -2.23 1.40
CA THR D 573 12.36 -0.93 1.05
C THR D 573 13.31 0.17 1.50
N ARG D 574 13.03 1.41 1.06
CA ARG D 574 13.80 2.55 1.56
C ARG D 574 13.64 2.68 3.08
N ASP D 575 12.53 2.21 3.62
CA ASP D 575 12.32 2.11 5.06
C ASP D 575 13.16 1.00 5.70
N ARG D 576 13.98 0.30 4.92
CA ARG D 576 14.61 -0.98 5.32
C ARG D 576 13.62 -1.98 5.86
N LYS D 577 12.46 -2.11 5.22
CA LYS D 577 11.59 -3.23 5.52
C LYS D 577 11.80 -4.34 4.51
N PRO D 578 11.80 -5.61 4.91
CA PRO D 578 12.18 -6.69 4.00
C PRO D 578 11.05 -7.04 3.05
N LYS D 579 11.34 -7.01 1.75
CA LYS D 579 10.48 -7.72 0.81
C LYS D 579 10.68 -9.22 1.01
N SER D 580 9.74 -10.01 0.49
CA SER D 580 9.75 -11.44 0.84
C SER D 580 10.89 -12.22 0.19
N ALA D 581 11.68 -11.59 -0.68
CA ALA D 581 12.90 -12.21 -1.18
C ALA D 581 14.09 -12.00 -0.25
N ALA D 582 13.90 -11.30 0.87
CA ALA D 582 14.97 -11.22 1.86
C ALA D 582 15.16 -12.56 2.56
N PHE D 583 14.05 -13.28 2.77
CA PHE D 583 14.09 -14.59 3.40
C PHE D 583 14.54 -15.68 2.43
N LEU D 584 14.37 -15.47 1.13
CA LEU D 584 15.04 -16.32 0.15
C LEU D 584 16.55 -16.17 0.26
N LEU D 585 17.04 -14.93 0.31
CA LEU D 585 18.47 -14.69 0.34
C LEU D 585 19.08 -15.11 1.67
N GLN D 586 18.41 -14.82 2.77
CA GLN D 586 18.91 -15.25 4.07
C GLN D 586 19.06 -16.76 4.12
N LYS D 587 18.07 -17.50 3.60
CA LYS D 587 18.09 -18.96 3.69
C LYS D 587 19.19 -19.56 2.82
N ARG D 588 19.40 -19.05 1.62
CA ARG D 588 20.43 -19.62 0.76
C ARG D 588 21.83 -19.20 1.24
N TRP D 589 22.02 -17.90 1.51
CA TRP D 589 23.35 -17.40 1.85
C TRP D 589 23.85 -17.93 3.19
N THR D 590 22.96 -18.21 4.13
CA THR D 590 23.42 -18.70 5.43
C THR D 590 23.50 -20.22 5.49
N GLY D 591 22.84 -20.92 4.55
CA GLY D 591 22.98 -22.36 4.44
C GLY D 591 24.30 -22.82 3.86
N MET D 592 24.95 -21.99 3.05
CA MET D 592 26.25 -22.35 2.48
C MET D 592 27.34 -22.21 3.54
N ASN D 593 28.45 -22.92 3.31
CA ASN D 593 29.66 -22.71 4.09
C ASN D 593 30.20 -21.31 3.82
N PHE D 594 30.89 -20.75 4.80
CA PHE D 594 31.32 -19.37 4.68
C PHE D 594 32.35 -19.22 3.57
N GLY D 595 32.11 -18.29 2.66
CA GLY D 595 33.08 -17.96 1.65
C GLY D 595 33.29 -19.00 0.58
N GLU D 596 32.43 -20.01 0.48
CA GLU D 596 32.64 -21.10 -0.45
C GLU D 596 31.39 -21.35 -1.28
N LYS D 597 31.60 -21.65 -2.57
CA LYS D 597 30.51 -21.76 -3.55
C LYS D 597 29.77 -23.08 -3.41
N PRO D 598 28.43 -23.06 -3.46
CA PRO D 598 27.63 -24.31 -3.42
C PRO D 598 27.95 -25.27 -4.57
#